data_6MN4
#
_entry.id   6MN4
#
_cell.length_a   77.550
_cell.length_b   130.507
_cell.length_c   264.919
_cell.angle_alpha   90.00
_cell.angle_beta   90.00
_cell.angle_gamma   90.00
#
_symmetry.space_group_name_H-M   'P 21 21 21'
#
loop_
_entity.id
_entity.type
_entity.pdbx_description
1 polymer 'Aminoglycoside N(3)-acetyltransferase, AAC(3)-IVa'
2 non-polymer APRAMYCIN
3 non-polymer 'ZINC ION'
4 non-polymer 1,2-ETHANEDIOL
5 non-polymer 'PHOSPHATE ION'
6 non-polymer '4-(2-HYDROXYETHYL)-1-PIPERAZINE ETHANESULFONIC ACID'
7 non-polymer GLYCEROL
8 water water
#
_entity_poly.entity_id   1
_entity_poly.type   'polypeptide(L)'
_entity_poly.pdbx_seq_one_letter_code
;QGMQYEWRKAELIGQLLNLGVTPGGVLLVHSSFRSVRPLEDGPLGLIEALRAALGPGGTLVMPSWSGLDDEPFDPATSPV
TPDLGVVSDTFWRLPNVKRSAHPFAFAAAGPQAEQIISDPLPLPPHSPASPVARVHELDGQVLLLGVGHDANTTLALAEL
MAKVPYGVPRHCTILQDGKLVRVDYLENDHCCERFALADRWLKEKSLQKEGPVGHAFARLIRSRDIVATALGQLGRDPLI
FLHPPEAGCEECDAARQSIG
;
_entity_poly.pdbx_strand_id   A,B,C,D,E,F
#
loop_
_chem_comp.id
_chem_comp.type
_chem_comp.name
_chem_comp.formula
AM2 non-polymer APRAMYCIN 'C21 H41 N5 O11'
EDO non-polymer 1,2-ETHANEDIOL 'C2 H6 O2'
EPE non-polymer '4-(2-HYDROXYETHYL)-1-PIPERAZINE ETHANESULFONIC ACID' 'C8 H18 N2 O4 S'
GOL non-polymer GLYCEROL 'C3 H8 O3'
PO4 non-polymer 'PHOSPHATE ION' 'O4 P -3'
ZN non-polymer 'ZINC ION' 'Zn 2'
#
# COMPACT_ATOMS: atom_id res chain seq x y z
N GLY A 2 5.83 -22.29 -12.52
CA GLY A 2 5.77 -23.74 -12.59
C GLY A 2 6.05 -24.45 -11.29
N MET A 3 7.12 -25.24 -11.28
CA MET A 3 7.59 -25.92 -10.07
C MET A 3 9.01 -25.46 -9.77
N GLN A 4 9.18 -24.17 -9.51
CA GLN A 4 10.50 -23.58 -9.47
C GLN A 4 11.10 -23.66 -8.06
N TYR A 5 12.41 -23.53 -7.99
CA TYR A 5 13.17 -23.73 -6.77
C TYR A 5 13.01 -22.52 -5.85
N GLU A 6 12.43 -22.74 -4.68
CA GLU A 6 12.30 -21.68 -3.68
C GLU A 6 13.65 -21.52 -2.97
N TRP A 7 14.35 -20.42 -3.25
CA TRP A 7 15.69 -20.22 -2.71
C TRP A 7 15.64 -20.01 -1.21
N ARG A 8 16.45 -20.78 -0.47
CA ARG A 8 16.57 -20.61 0.96
C ARG A 8 17.55 -19.49 1.29
N LYS A 9 17.55 -19.08 2.56
CA LYS A 9 18.35 -17.93 2.97
C LYS A 9 19.83 -18.17 2.75
N ALA A 10 20.33 -19.36 3.11
CA ALA A 10 21.77 -19.62 3.01
C ALA A 10 22.24 -19.57 1.56
N GLU A 11 21.43 -20.04 0.62
CA GLU A 11 21.83 -19.99 -0.78
C GLU A 11 21.80 -18.56 -1.31
N LEU A 12 20.79 -17.79 -0.91
CA LEU A 12 20.75 -16.39 -1.31
C LEU A 12 21.98 -15.63 -0.84
N ILE A 13 22.44 -15.89 0.38
CA ILE A 13 23.65 -15.26 0.87
C ILE A 13 24.82 -15.58 -0.06
N GLY A 14 25.00 -16.86 -0.37
CA GLY A 14 26.06 -17.23 -1.30
C GLY A 14 25.91 -16.55 -2.64
N GLN A 15 24.68 -16.55 -3.18
CA GLN A 15 24.42 -15.84 -4.42
C GLN A 15 24.83 -14.38 -4.33
N LEU A 16 24.54 -13.74 -3.19
CA LEU A 16 24.95 -12.36 -2.99
C LEU A 16 26.46 -12.24 -2.90
N LEU A 17 27.10 -13.16 -2.17
CA LEU A 17 28.57 -13.14 -2.06
C LEU A 17 29.23 -13.46 -3.39
N ASN A 18 28.71 -14.45 -4.12
CA ASN A 18 29.26 -14.76 -5.42
C ASN A 18 29.00 -13.66 -6.44
N LEU A 19 28.13 -12.71 -6.12
CA LEU A 19 27.88 -11.57 -7.01
C LEU A 19 28.82 -10.41 -6.76
N GLY A 20 29.35 -10.29 -5.54
CA GLY A 20 30.31 -9.25 -5.25
C GLY A 20 29.99 -8.46 -3.99
N VAL A 21 28.86 -8.77 -3.37
CA VAL A 21 28.46 -8.09 -2.14
C VAL A 21 29.49 -8.38 -1.06
N THR A 22 30.06 -7.32 -0.51
CA THR A 22 31.08 -7.58 0.50
C THR A 22 30.64 -7.07 1.86
N PRO A 23 30.99 -7.77 2.94
CA PRO A 23 30.52 -7.38 4.27
C PRO A 23 31.10 -6.03 4.70
N GLY A 24 30.33 -5.35 5.56
CA GLY A 24 30.74 -4.08 6.12
C GLY A 24 30.48 -2.88 5.25
N GLY A 25 30.03 -3.07 4.01
CA GLY A 25 29.86 -1.98 3.08
C GLY A 25 28.45 -1.41 3.09
N VAL A 26 28.26 -0.40 2.25
CA VAL A 26 26.96 0.19 2.01
C VAL A 26 26.41 -0.38 0.71
N LEU A 27 25.18 -0.87 0.76
CA LEU A 27 24.57 -1.53 -0.40
C LEU A 27 23.18 -0.96 -0.63
N LEU A 28 23.04 -0.18 -1.70
CA LEU A 28 21.76 0.36 -2.11
C LEU A 28 21.15 -0.56 -3.17
N VAL A 29 19.98 -1.12 -2.89
CA VAL A 29 19.38 -2.11 -3.78
C VAL A 29 18.06 -1.59 -4.33
N HIS A 30 17.85 -1.84 -5.62
CA HIS A 30 16.56 -1.65 -6.27
C HIS A 30 16.09 -3.01 -6.75
N SER A 31 14.87 -3.41 -6.35
CA SER A 31 14.42 -4.76 -6.56
C SER A 31 13.07 -4.81 -7.24
N SER A 32 12.87 -5.82 -8.07
CA SER A 32 11.58 -6.24 -8.60
C SER A 32 11.36 -7.66 -8.11
N PHE A 33 10.59 -7.81 -7.03
CA PHE A 33 10.35 -9.14 -6.45
C PHE A 33 9.66 -10.09 -7.43
N ARG A 34 9.01 -9.56 -8.46
CA ARG A 34 8.40 -10.41 -9.48
C ARG A 34 9.42 -11.34 -10.13
N SER A 35 10.67 -10.90 -10.25
CA SER A 35 11.72 -11.71 -10.87
C SER A 35 12.48 -12.55 -9.86
N VAL A 36 12.42 -12.20 -8.57
CA VAL A 36 13.13 -12.96 -7.54
C VAL A 36 12.34 -14.20 -7.14
N ARG A 37 11.01 -14.07 -7.03
CA ARG A 37 10.19 -15.14 -6.49
C ARG A 37 10.29 -16.38 -7.39
N PRO A 38 10.07 -17.57 -6.81
CA PRO A 38 9.75 -17.76 -5.40
C PRO A 38 10.97 -17.83 -4.48
N LEU A 39 10.81 -17.31 -3.26
CA LEU A 39 11.76 -17.49 -2.17
C LEU A 39 11.09 -18.24 -1.04
N GLU A 40 11.88 -19.02 -0.29
CA GLU A 40 11.33 -19.83 0.77
C GLU A 40 10.64 -19.00 1.84
N ASP A 41 11.14 -17.80 2.10
CA ASP A 41 10.60 -16.94 3.15
C ASP A 41 9.98 -15.67 2.59
N GLY A 42 9.71 -15.63 1.29
CA GLY A 42 9.08 -14.48 0.67
C GLY A 42 9.98 -13.26 0.64
N PRO A 43 9.37 -12.09 0.48
CA PRO A 43 10.18 -10.86 0.40
C PRO A 43 11.04 -10.62 1.63
N LEU A 44 10.57 -11.02 2.82
CA LEU A 44 11.41 -10.92 4.01
C LEU A 44 12.67 -11.76 3.86
N GLY A 45 12.57 -12.90 3.20
CA GLY A 45 13.74 -13.75 3.02
C GLY A 45 14.84 -13.06 2.24
N LEU A 46 14.45 -12.26 1.25
CA LEU A 46 15.43 -11.45 0.52
C LEU A 46 16.08 -10.44 1.46
N ILE A 47 15.27 -9.68 2.19
CA ILE A 47 15.80 -8.67 3.10
C ILE A 47 16.69 -9.31 4.16
N GLU A 48 16.31 -10.49 4.63
CA GLU A 48 17.11 -11.16 5.65
C GLU A 48 18.46 -11.59 5.08
N ALA A 49 18.47 -12.08 3.84
CA ALA A 49 19.74 -12.46 3.22
C ALA A 49 20.61 -11.24 2.96
N LEU A 50 20.02 -10.18 2.40
CA LEU A 50 20.75 -8.95 2.14
C LEU A 50 21.50 -8.46 3.38
N ARG A 51 20.82 -8.44 4.53
CA ARG A 51 21.48 -8.03 5.76
C ARG A 51 22.38 -9.10 6.34
N ALA A 52 22.11 -10.37 6.02
CA ALA A 52 23.00 -11.44 6.49
C ALA A 52 24.31 -11.45 5.73
N ALA A 53 24.28 -11.11 4.44
CA ALA A 53 25.53 -11.05 3.68
C ALA A 53 26.35 -9.82 4.04
N LEU A 54 25.69 -8.67 4.23
CA LEU A 54 26.40 -7.46 4.62
C LEU A 54 27.00 -7.59 6.01
N GLY A 55 26.43 -8.43 6.86
CA GLY A 55 26.88 -8.56 8.23
C GLY A 55 26.33 -7.45 9.10
N PRO A 56 26.64 -7.52 10.40
CA PRO A 56 26.18 -6.45 11.31
C PRO A 56 26.78 -5.10 10.99
N GLY A 57 28.04 -5.05 10.57
CA GLY A 57 28.70 -3.81 10.21
C GLY A 57 28.27 -3.20 8.90
N GLY A 58 27.45 -3.90 8.12
CA GLY A 58 26.96 -3.36 6.87
C GLY A 58 25.71 -2.50 7.05
N THR A 59 25.38 -1.76 6.01
CA THR A 59 24.22 -0.86 6.00
C THR A 59 23.46 -1.07 4.70
N LEU A 60 22.21 -1.52 4.81
CA LEU A 60 21.37 -1.74 3.64
C LEU A 60 20.53 -0.49 3.39
N VAL A 61 20.56 -0.01 2.14
CA VAL A 61 19.79 1.16 1.73
C VAL A 61 18.88 0.77 0.59
N MET A 62 17.65 1.27 0.61
CA MET A 62 16.66 1.02 -0.42
C MET A 62 15.83 2.28 -0.61
N PRO A 63 15.36 2.52 -1.83
CA PRO A 63 14.44 3.65 -2.04
C PRO A 63 13.17 3.47 -1.22
N SER A 64 12.55 4.59 -0.88
CA SER A 64 11.42 4.55 0.04
C SER A 64 10.51 5.75 -0.12
N TRP A 65 10.46 6.32 -1.32
CA TRP A 65 9.66 7.52 -1.53
C TRP A 65 8.22 7.15 -1.81
N SER A 66 7.34 8.15 -1.66
CA SER A 66 5.90 7.95 -1.80
C SER A 66 5.40 8.13 -3.23
N GLY A 67 6.09 8.94 -4.02
CA GLY A 67 5.67 9.21 -5.38
C GLY A 67 4.47 10.12 -5.51
N LEU A 68 3.90 10.58 -4.40
CA LEU A 68 2.76 11.48 -4.43
C LEU A 68 3.21 12.92 -4.25
N ASP A 69 2.60 13.82 -5.03
CA ASP A 69 3.03 15.20 -5.10
C ASP A 69 2.11 16.17 -4.39
N ASP A 70 0.90 15.73 -4.07
CA ASP A 70 -0.08 16.55 -3.35
C ASP A 70 -0.40 16.05 -1.93
N GLU A 71 0.34 15.05 -1.45
CA GLU A 71 0.11 14.47 -0.13
C GLU A 71 1.40 14.61 0.68
N PRO A 72 1.33 15.09 1.91
CA PRO A 72 2.53 15.18 2.73
C PRO A 72 3.03 13.79 3.13
N PHE A 73 4.29 13.75 3.57
CA PHE A 73 4.99 12.50 3.83
C PHE A 73 5.32 12.38 5.31
N ASP A 74 5.13 11.17 5.85
CA ASP A 74 5.48 10.84 7.22
C ASP A 74 6.25 9.52 7.19
N PRO A 75 7.44 9.46 7.79
CA PRO A 75 8.24 8.23 7.75
C PRO A 75 7.60 7.04 8.46
N ALA A 76 6.51 7.25 9.21
CA ALA A 76 5.92 6.18 9.99
C ALA A 76 4.75 5.52 9.29
N THR A 77 4.08 6.21 8.36
CA THR A 77 2.86 5.70 7.75
C THR A 77 2.87 5.72 6.23
N SER A 78 3.50 6.74 5.61
CA SER A 78 3.46 6.94 4.18
C SER A 78 3.97 5.72 3.42
N PRO A 79 3.12 5.03 2.67
CA PRO A 79 3.57 3.84 1.94
C PRO A 79 4.46 4.19 0.75
N VAL A 80 5.40 3.29 0.47
CA VAL A 80 6.25 3.42 -0.70
C VAL A 80 5.39 3.39 -1.97
N THR A 81 5.81 4.13 -2.99
CA THR A 81 5.12 4.12 -4.26
C THR A 81 5.13 2.69 -4.83
N PRO A 82 4.05 2.27 -5.49
CA PRO A 82 3.97 0.86 -5.93
C PRO A 82 5.03 0.48 -6.94
N ASP A 83 5.60 1.43 -7.67
CA ASP A 83 6.61 1.09 -8.66
C ASP A 83 7.92 0.64 -8.03
N LEU A 84 8.08 0.77 -6.72
CA LEU A 84 9.31 0.36 -6.07
C LEU A 84 9.26 -1.06 -5.53
N GLY A 85 8.08 -1.68 -5.47
CA GLY A 85 7.97 -3.10 -5.18
C GLY A 85 7.72 -3.38 -3.71
N VAL A 86 7.44 -4.66 -3.44
CA VAL A 86 7.09 -5.08 -2.08
C VAL A 86 8.29 -4.97 -1.16
N VAL A 87 9.47 -5.38 -1.65
CA VAL A 87 10.68 -5.35 -0.82
C VAL A 87 10.95 -3.94 -0.32
N SER A 88 10.76 -2.94 -1.18
CA SER A 88 10.92 -1.55 -0.77
C SER A 88 9.88 -1.15 0.27
N ASP A 89 8.61 -1.50 0.03
CA ASP A 89 7.53 -1.12 0.93
C ASP A 89 7.59 -1.86 2.27
N THR A 90 8.27 -2.99 2.33
CA THR A 90 8.35 -3.76 3.56
C THR A 90 9.58 -3.38 4.39
N PHE A 91 10.70 -3.09 3.72
CA PHE A 91 11.96 -2.88 4.42
C PHE A 91 11.89 -1.77 5.46
N TRP A 92 11.16 -0.69 5.15
CA TRP A 92 11.14 0.46 6.04
C TRP A 92 10.26 0.26 7.26
N ARG A 93 9.49 -0.82 7.31
CA ARG A 93 8.61 -1.07 8.44
C ARG A 93 9.22 -2.01 9.47
N LEU A 94 10.34 -2.65 9.15
CA LEU A 94 10.98 -3.58 10.06
C LEU A 94 11.69 -2.84 11.20
N PRO A 95 11.95 -3.53 12.31
CA PRO A 95 12.58 -2.86 13.46
C PRO A 95 13.92 -2.23 13.10
N ASN A 96 14.15 -1.04 13.67
CA ASN A 96 15.42 -0.33 13.61
C ASN A 96 15.81 0.11 12.20
N VAL A 97 14.85 0.22 11.28
CA VAL A 97 15.13 0.70 9.93
C VAL A 97 14.84 2.20 9.89
N LYS A 98 15.90 3.00 9.83
CA LYS A 98 15.74 4.44 9.78
C LYS A 98 15.27 4.87 8.39
N ARG A 99 14.53 5.97 8.35
CA ARG A 99 13.88 6.45 7.14
C ARG A 99 13.96 7.97 7.09
N SER A 100 14.08 8.50 5.88
CA SER A 100 14.16 9.95 5.74
C SER A 100 12.79 10.57 5.98
N ALA A 101 12.80 11.86 6.33
CA ALA A 101 11.56 12.56 6.64
C ALA A 101 11.25 13.60 5.56
N HIS A 102 11.08 13.14 4.32
CA HIS A 102 10.72 14.02 3.21
C HIS A 102 10.14 13.15 2.10
N PRO A 103 9.38 13.74 1.17
CA PRO A 103 8.68 12.93 0.16
C PRO A 103 9.56 11.97 -0.62
N PHE A 104 10.81 12.33 -0.89
CA PHE A 104 11.73 11.51 -1.68
C PHE A 104 12.62 10.65 -0.79
N ALA A 105 12.03 10.05 0.23
CA ALA A 105 12.79 9.41 1.28
C ALA A 105 13.43 8.11 0.81
N PHE A 106 14.53 7.75 1.49
CA PHE A 106 15.14 6.43 1.42
C PHE A 106 15.00 5.76 2.79
N ALA A 107 15.28 4.46 2.81
CA ALA A 107 15.28 3.67 4.04
C ALA A 107 16.64 3.00 4.19
N ALA A 108 17.17 3.02 5.40
CA ALA A 108 18.48 2.46 5.66
C ALA A 108 18.49 1.77 7.02
N ALA A 109 19.27 0.68 7.10
CA ALA A 109 19.47 -0.06 8.34
C ALA A 109 20.93 -0.47 8.41
N GLY A 110 21.60 -0.09 9.50
CA GLY A 110 23.01 -0.38 9.68
C GLY A 110 23.72 0.71 10.44
N PRO A 111 24.99 0.49 10.80
CA PRO A 111 25.73 1.49 11.58
C PRO A 111 25.86 2.83 10.87
N GLN A 112 25.76 2.87 9.54
CA GLN A 112 25.82 4.10 8.78
C GLN A 112 24.46 4.55 8.27
N ALA A 113 23.38 4.12 8.92
CA ALA A 113 22.04 4.36 8.39
C ALA A 113 21.73 5.86 8.38
N GLU A 114 21.81 6.51 9.53
CA GLU A 114 21.47 7.93 9.62
C GLU A 114 22.54 8.82 9.01
N GLN A 115 23.73 8.29 8.74
CA GLN A 115 24.67 9.00 7.89
C GLN A 115 24.12 9.19 6.48
N ILE A 116 23.09 8.43 6.12
CA ILE A 116 22.57 8.40 4.76
C ILE A 116 21.22 9.10 4.63
N ILE A 117 20.38 9.10 5.67
CA ILE A 117 18.99 9.53 5.55
C ILE A 117 18.69 10.75 6.42
N SER A 118 19.69 11.39 7.00
CA SER A 118 19.46 12.48 7.94
C SER A 118 19.32 13.85 7.26
N ASP A 119 19.21 13.89 5.95
CA ASP A 119 19.11 15.22 5.37
C ASP A 119 17.65 15.66 5.28
N PRO A 120 17.39 16.96 5.28
CA PRO A 120 16.01 17.44 5.06
C PRO A 120 15.59 17.28 3.62
N LEU A 121 14.50 17.92 3.23
CA LEU A 121 13.98 17.86 1.87
C LEU A 121 15.05 18.24 0.86
N PRO A 122 15.53 17.28 0.05
CA PRO A 122 16.51 17.62 -0.98
C PRO A 122 15.81 18.10 -2.25
N LEU A 123 16.23 19.25 -2.74
CA LEU A 123 15.69 19.80 -3.98
C LEU A 123 16.87 20.06 -4.92
N PRO A 124 16.97 19.36 -6.06
CA PRO A 124 16.09 18.30 -6.59
C PRO A 124 16.15 17.02 -5.76
N PRO A 125 15.19 16.11 -5.97
CA PRO A 125 15.13 14.90 -5.12
C PRO A 125 16.42 14.10 -5.05
N HIS A 126 17.24 14.12 -6.10
CA HIS A 126 18.47 13.35 -6.12
C HIS A 126 19.67 14.27 -6.28
N SER A 127 19.70 15.32 -5.47
CA SER A 127 20.76 16.32 -5.49
C SER A 127 21.96 15.80 -4.72
N PRO A 128 23.02 16.60 -4.59
CA PRO A 128 23.93 16.39 -3.46
C PRO A 128 23.16 16.58 -2.17
N ALA A 129 23.67 15.97 -1.10
CA ALA A 129 22.97 15.90 0.18
C ALA A 129 21.63 15.18 0.06
N SER A 130 21.52 14.29 -0.93
CA SER A 130 20.46 13.31 -1.03
C SER A 130 20.92 12.00 -0.44
N PRO A 131 19.99 11.12 -0.05
CA PRO A 131 20.41 9.77 0.35
C PRO A 131 21.25 9.07 -0.71
N VAL A 132 20.88 9.23 -1.99
CA VAL A 132 21.62 8.59 -3.06
C VAL A 132 23.01 9.21 -3.20
N ALA A 133 23.17 10.48 -2.81
CA ALA A 133 24.48 11.10 -2.84
C ALA A 133 25.33 10.69 -1.65
N ARG A 134 24.71 10.41 -0.50
CA ARG A 134 25.48 9.90 0.64
C ARG A 134 25.97 8.49 0.39
N VAL A 135 25.20 7.69 -0.35
CA VAL A 135 25.69 6.38 -0.79
C VAL A 135 26.92 6.56 -1.67
N HIS A 136 26.87 7.53 -2.59
CA HIS A 136 28.03 7.86 -3.40
C HIS A 136 29.20 8.29 -2.55
N GLU A 137 28.96 9.20 -1.60
CA GLU A 137 30.04 9.70 -0.75
C GLU A 137 30.63 8.60 0.13
N LEU A 138 29.86 7.59 0.46
CA LEU A 138 30.33 6.52 1.32
C LEU A 138 30.88 5.33 0.54
N ASP A 139 31.07 5.50 -0.78
CA ASP A 139 31.67 4.46 -1.63
C ASP A 139 30.85 3.18 -1.58
N GLY A 140 29.52 3.32 -1.51
CA GLY A 140 28.65 2.17 -1.45
C GLY A 140 28.53 1.45 -2.77
N GLN A 141 27.86 0.30 -2.73
CA GLN A 141 27.56 -0.46 -3.92
C GLN A 141 26.08 -0.31 -4.26
N VAL A 142 25.76 -0.50 -5.54
CA VAL A 142 24.40 -0.42 -6.04
C VAL A 142 24.05 -1.78 -6.61
N LEU A 143 22.96 -2.37 -6.11
CA LEU A 143 22.54 -3.71 -6.50
C LEU A 143 21.22 -3.60 -7.26
N LEU A 144 21.28 -3.84 -8.57
CA LEU A 144 20.09 -3.88 -9.41
C LEU A 144 19.56 -5.31 -9.44
N LEU A 145 18.31 -5.47 -9.00
CA LEU A 145 17.79 -6.76 -8.55
C LEU A 145 16.52 -7.08 -9.34
N GLY A 146 16.69 -7.64 -10.53
CA GLY A 146 15.55 -7.84 -11.40
C GLY A 146 15.06 -6.58 -12.08
N VAL A 147 15.86 -5.51 -12.04
CA VAL A 147 15.53 -4.24 -12.67
C VAL A 147 16.74 -3.76 -13.46
N GLY A 148 16.46 -2.97 -14.50
CA GLY A 148 17.50 -2.40 -15.32
C GLY A 148 18.01 -1.09 -14.77
N HIS A 149 18.85 -0.43 -15.57
CA HIS A 149 19.38 0.87 -15.17
C HIS A 149 18.34 1.98 -15.24
N ASP A 150 17.18 1.73 -15.85
CA ASP A 150 16.08 2.67 -15.76
C ASP A 150 15.66 2.94 -14.31
N ALA A 151 15.95 2.00 -13.41
CA ALA A 151 15.71 2.21 -11.98
C ALA A 151 16.95 2.65 -11.22
N ASN A 152 18.08 2.81 -11.91
CA ASN A 152 19.33 3.22 -11.27
C ASN A 152 19.24 4.68 -10.86
N THR A 153 18.98 4.92 -9.58
CA THR A 153 18.75 6.29 -9.13
C THR A 153 20.04 7.11 -9.14
N THR A 154 21.17 6.47 -8.81
CA THR A 154 22.44 7.19 -8.84
C THR A 154 22.74 7.76 -10.24
N LEU A 155 22.16 7.18 -11.30
CA LEU A 155 22.35 7.75 -12.63
C LEU A 155 21.79 9.15 -12.72
N ALA A 156 20.69 9.43 -12.01
CA ALA A 156 20.15 10.78 -11.99
C ALA A 156 21.03 11.71 -11.17
N LEU A 157 21.71 11.17 -10.15
CA LEU A 157 22.66 11.98 -9.39
C LEU A 157 23.82 12.43 -10.28
N ALA A 158 24.25 11.56 -11.19
CA ALA A 158 25.28 11.93 -12.14
C ALA A 158 24.82 13.04 -13.07
N GLU A 159 23.53 13.07 -13.41
CA GLU A 159 23.03 14.11 -14.30
C GLU A 159 23.24 15.49 -13.70
N LEU A 160 22.78 15.69 -12.46
CA LEU A 160 22.94 16.99 -11.83
C LEU A 160 24.40 17.29 -11.51
N MET A 161 25.20 16.26 -11.26
CA MET A 161 26.63 16.47 -11.06
C MET A 161 27.31 16.94 -12.33
N ALA A 162 26.73 16.68 -13.50
CA ALA A 162 27.26 17.14 -14.78
C ALA A 162 26.59 18.43 -15.25
N LYS A 163 25.79 19.07 -14.39
CA LYS A 163 25.11 20.33 -14.69
C LYS A 163 24.35 20.24 -16.01
N VAL A 164 23.45 19.28 -16.06
CA VAL A 164 22.71 18.97 -17.29
C VAL A 164 21.74 20.10 -17.60
N PRO A 165 21.54 20.47 -18.87
CA PRO A 165 20.74 21.67 -19.16
C PRO A 165 19.26 21.54 -18.88
N TYR A 166 18.67 20.34 -18.96
CA TYR A 166 17.21 20.25 -18.90
C TYR A 166 16.72 20.26 -17.46
N GLY A 167 15.72 21.10 -17.19
CA GLY A 167 15.08 21.18 -15.90
C GLY A 167 13.59 21.39 -16.03
N VAL A 168 12.81 20.37 -15.69
CA VAL A 168 11.36 20.38 -15.90
C VAL A 168 10.68 20.69 -14.58
N PRO A 169 9.64 21.53 -14.56
CA PRO A 169 8.97 21.89 -13.30
C PRO A 169 8.21 20.72 -12.70
N ARG A 170 8.62 20.33 -11.49
CA ARG A 170 7.94 19.31 -10.72
C ARG A 170 7.73 19.85 -9.31
N HIS A 171 6.77 19.27 -8.59
CA HIS A 171 6.43 19.78 -7.28
C HIS A 171 6.09 18.66 -6.31
N CYS A 172 6.15 18.98 -5.02
CA CYS A 172 5.69 18.13 -3.94
C CYS A 172 5.02 19.03 -2.90
N THR A 173 4.67 18.45 -1.76
CA THR A 173 4.08 19.24 -0.69
C THR A 173 4.48 18.65 0.65
N ILE A 174 4.63 19.54 1.63
CA ILE A 174 4.94 19.16 3.00
C ILE A 174 3.96 19.86 3.93
N LEU A 175 4.22 19.81 5.23
CA LEU A 175 3.38 20.47 6.23
C LEU A 175 4.21 21.52 6.95
N GLN A 176 4.01 22.79 6.63
CA GLN A 176 4.75 23.85 7.28
C GLN A 176 3.87 24.44 8.32
N ASP A 177 4.31 24.38 9.57
CA ASP A 177 3.57 24.91 10.70
C ASP A 177 2.07 24.65 10.65
N GLY A 178 1.68 23.39 10.46
CA GLY A 178 0.28 23.09 10.44
C GLY A 178 -0.52 23.21 9.16
N LYS A 179 0.05 23.65 8.07
CA LYS A 179 -0.76 23.71 6.88
C LYS A 179 -0.03 23.19 5.66
N LEU A 180 -0.72 22.76 4.60
CA LEU A 180 0.07 22.35 3.46
C LEU A 180 0.73 23.57 2.81
N VAL A 181 1.71 23.29 1.94
CA VAL A 181 2.29 24.28 1.06
C VAL A 181 2.94 23.53 -0.09
N ARG A 182 2.69 23.99 -1.32
CA ARG A 182 3.29 23.36 -2.48
C ARG A 182 4.70 23.90 -2.67
N VAL A 183 5.65 22.98 -2.87
CA VAL A 183 7.05 23.32 -3.07
C VAL A 183 7.38 23.02 -4.53
N ASP A 184 7.59 24.08 -5.31
CA ASP A 184 7.90 23.93 -6.73
C ASP A 184 9.41 23.92 -6.93
N TYR A 185 9.88 22.98 -7.75
CA TYR A 185 11.29 22.84 -8.08
C TYR A 185 11.41 22.45 -9.55
N LEU A 186 12.64 22.29 -10.01
CA LEU A 186 12.89 21.88 -11.40
C LEU A 186 13.73 20.61 -11.37
N GLU A 187 13.12 19.51 -11.80
CA GLU A 187 13.77 18.19 -11.78
C GLU A 187 14.29 17.83 -13.15
N ASN A 188 15.24 16.89 -13.16
CA ASN A 188 15.83 16.37 -14.39
C ASN A 188 15.33 14.95 -14.67
N ASP A 189 14.03 14.82 -14.85
CA ASP A 189 13.47 13.50 -15.12
C ASP A 189 12.96 13.42 -16.56
N HIS A 190 12.83 12.19 -17.02
CA HIS A 190 12.33 11.87 -18.35
C HIS A 190 11.86 10.43 -18.32
N CYS A 191 11.75 9.81 -19.50
CA CYS A 191 11.33 8.42 -19.58
C CYS A 191 12.33 7.47 -18.91
N CYS A 192 13.59 7.89 -18.78
CA CYS A 192 14.66 7.11 -18.17
C CYS A 192 14.96 5.82 -18.93
N GLU A 193 14.35 5.62 -20.10
CA GLU A 193 14.59 4.40 -20.87
C GLU A 193 16.05 4.32 -21.30
N ARG A 194 16.61 5.43 -21.78
CA ARG A 194 17.98 5.44 -22.26
C ARG A 194 19.01 5.33 -21.14
N PHE A 195 18.58 5.17 -19.89
CA PHE A 195 19.50 4.79 -18.82
C PHE A 195 20.10 3.42 -19.06
N ALA A 196 19.45 2.59 -19.88
CA ALA A 196 20.00 1.28 -20.22
C ALA A 196 21.30 1.37 -21.01
N LEU A 197 21.63 2.55 -21.55
CA LEU A 197 22.90 2.74 -22.22
C LEU A 197 24.08 2.51 -21.28
N ALA A 198 23.90 2.76 -19.99
CA ALA A 198 24.97 2.55 -19.02
C ALA A 198 25.39 1.09 -18.94
N ASP A 199 24.52 0.17 -19.36
CA ASP A 199 24.86 -1.25 -19.31
C ASP A 199 26.11 -1.54 -20.12
N ARG A 200 26.13 -1.11 -21.38
CA ARG A 200 27.32 -1.28 -22.22
C ARG A 200 28.48 -0.47 -21.69
N TRP A 201 28.21 0.74 -21.18
CA TRP A 201 29.29 1.59 -20.66
C TRP A 201 30.02 0.89 -19.52
N LEU A 202 29.26 0.39 -18.54
CA LEU A 202 29.89 -0.23 -17.38
C LEU A 202 30.50 -1.58 -17.73
N LYS A 203 29.85 -2.33 -18.63
CA LYS A 203 30.34 -3.66 -18.97
C LYS A 203 31.64 -3.59 -19.75
N GLU A 204 31.77 -2.62 -20.66
CA GLU A 204 32.99 -2.50 -21.46
C GLU A 204 34.19 -2.13 -20.60
N LYS A 205 33.99 -1.47 -19.47
CA LYS A 205 35.07 -1.16 -18.55
C LYS A 205 35.21 -2.18 -17.43
N SER A 206 34.46 -3.29 -17.50
CA SER A 206 34.47 -4.34 -16.48
C SER A 206 34.13 -3.79 -15.10
N LEU A 207 33.16 -2.87 -15.06
CA LEU A 207 32.74 -2.24 -13.82
C LEU A 207 31.46 -2.84 -13.24
N GLN A 208 30.81 -3.76 -13.94
CA GLN A 208 29.51 -4.27 -13.55
C GLN A 208 29.58 -5.77 -13.34
N LYS A 209 29.26 -6.22 -12.13
CA LYS A 209 29.15 -7.65 -11.84
C LYS A 209 27.74 -8.12 -12.13
N GLU A 210 27.63 -9.31 -12.71
CA GLU A 210 26.35 -9.89 -13.07
C GLU A 210 26.25 -11.29 -12.48
N GLY A 211 25.00 -11.74 -12.31
CA GLY A 211 24.75 -13.03 -11.73
C GLY A 211 23.35 -13.15 -11.16
N PRO A 212 22.99 -14.34 -10.68
CA PRO A 212 21.64 -14.56 -10.17
C PRO A 212 21.53 -14.33 -8.67
N VAL A 213 20.40 -13.73 -8.28
CA VAL A 213 20.04 -13.57 -6.86
C VAL A 213 18.59 -14.03 -6.76
N GLY A 214 18.39 -15.18 -6.15
CA GLY A 214 17.11 -15.85 -6.32
C GLY A 214 16.97 -16.25 -7.76
N HIS A 215 15.83 -15.92 -8.36
CA HIS A 215 15.61 -16.13 -9.78
C HIS A 215 15.91 -14.89 -10.61
N ALA A 216 16.08 -13.74 -9.98
CA ALA A 216 16.24 -12.50 -10.69
C ALA A 216 17.65 -12.32 -11.23
N PHE A 217 17.74 -11.68 -12.40
CA PHE A 217 19.02 -11.22 -12.92
C PHE A 217 19.49 -10.03 -12.11
N ALA A 218 20.74 -10.06 -11.66
CA ALA A 218 21.26 -9.07 -10.73
C ALA A 218 22.47 -8.34 -11.33
N ARG A 219 22.49 -7.02 -11.14
CA ARG A 219 23.60 -6.18 -11.56
C ARG A 219 24.16 -5.45 -10.35
N LEU A 220 25.47 -5.62 -10.10
CA LEU A 220 26.13 -5.00 -8.96
C LEU A 220 27.23 -4.07 -9.46
N ILE A 221 27.11 -2.79 -9.14
CA ILE A 221 28.06 -1.77 -9.56
C ILE A 221 28.34 -0.81 -8.41
N ARG A 222 29.61 -0.43 -8.27
CA ARG A 222 29.97 0.56 -7.26
C ARG A 222 29.37 1.91 -7.60
N SER A 223 28.86 2.61 -6.58
CA SER A 223 28.21 3.90 -6.79
C SER A 223 29.14 4.90 -7.44
N ARG A 224 30.39 4.97 -6.96
CA ARG A 224 31.36 5.90 -7.53
C ARG A 224 31.71 5.54 -8.96
N ASP A 225 31.65 4.25 -9.31
CA ASP A 225 31.90 3.84 -10.68
C ASP A 225 30.74 4.21 -11.60
N ILE A 226 29.52 4.24 -11.07
CA ILE A 226 28.38 4.63 -11.90
C ILE A 226 28.45 6.12 -12.22
N VAL A 227 28.69 6.95 -11.20
CA VAL A 227 28.79 8.39 -11.42
C VAL A 227 29.93 8.69 -12.38
N ALA A 228 31.11 8.13 -12.12
CA ALA A 228 32.27 8.41 -12.95
C ALA A 228 32.03 8.04 -14.40
N THR A 229 31.43 6.86 -14.64
CA THR A 229 31.18 6.42 -16.01
C THR A 229 30.19 7.33 -16.72
N ALA A 230 29.07 7.63 -16.06
CA ALA A 230 28.08 8.51 -16.67
C ALA A 230 28.60 9.94 -16.83
N LEU A 231 29.52 10.37 -15.96
CA LEU A 231 30.07 11.71 -16.07
C LEU A 231 30.82 11.88 -17.38
N GLY A 232 31.75 10.97 -17.67
CA GLY A 232 32.47 11.03 -18.92
C GLY A 232 31.57 10.93 -20.14
N GLN A 233 30.48 10.17 -20.03
CA GLN A 233 29.55 10.05 -21.14
C GLN A 233 28.66 11.29 -21.26
N LEU A 234 28.22 11.82 -20.12
CA LEU A 234 27.48 13.08 -20.16
C LEU A 234 28.40 14.24 -20.56
N GLY A 235 29.69 14.14 -20.21
CA GLY A 235 30.65 15.13 -20.67
C GLY A 235 30.89 15.09 -22.17
N ARG A 236 30.49 14.00 -22.84
CA ARG A 236 30.54 13.92 -24.29
C ARG A 236 29.26 14.45 -24.93
N ASP A 237 28.13 14.18 -24.31
CA ASP A 237 26.82 14.62 -24.79
C ASP A 237 25.86 14.68 -23.61
N PRO A 238 25.52 15.89 -23.13
CA PRO A 238 24.63 15.98 -21.97
C PRO A 238 23.21 15.53 -22.27
N LEU A 239 22.83 15.41 -23.54
CA LEU A 239 21.49 15.00 -23.93
C LEU A 239 21.44 13.53 -24.35
N ILE A 240 22.41 12.73 -23.91
CA ILE A 240 22.48 11.34 -24.35
C ILE A 240 21.41 10.47 -23.70
N PHE A 241 20.88 10.87 -22.55
CA PHE A 241 19.78 10.16 -21.92
C PHE A 241 18.42 10.61 -22.45
N LEU A 242 18.39 11.63 -23.31
CA LEU A 242 17.14 12.10 -23.90
C LEU A 242 16.86 11.35 -25.19
N HIS A 243 15.60 10.98 -25.37
CA HIS A 243 15.19 10.43 -26.65
C HIS A 243 15.27 11.52 -27.72
N PRO A 244 15.73 11.18 -28.92
CA PRO A 244 15.72 12.15 -30.01
C PRO A 244 14.29 12.50 -30.39
N PRO A 245 14.07 13.67 -30.99
CA PRO A 245 12.71 14.01 -31.46
C PRO A 245 12.16 13.00 -32.46
N GLU A 246 13.03 12.23 -33.13
CA GLU A 246 12.56 11.20 -34.04
C GLU A 246 11.74 10.14 -33.31
N ALA A 247 12.14 9.81 -32.08
CA ALA A 247 11.47 8.75 -31.32
C ALA A 247 10.10 9.19 -30.82
N GLY A 248 9.81 10.48 -30.78
CA GLY A 248 8.50 10.96 -30.37
C GLY A 248 8.14 10.64 -28.94
N CYS A 249 9.10 10.71 -28.03
CA CYS A 249 8.85 10.47 -26.61
C CYS A 249 8.37 11.76 -25.96
N GLU A 250 7.10 11.76 -25.53
CA GLU A 250 6.51 12.96 -24.93
C GLU A 250 7.29 13.41 -23.69
N GLU A 251 7.85 12.46 -22.94
CA GLU A 251 8.57 12.83 -21.72
C GLU A 251 9.89 13.52 -22.04
N CYS A 252 10.66 12.94 -22.98
CA CYS A 252 11.96 13.49 -23.29
C CYS A 252 11.82 14.79 -24.08
N ASP A 253 10.82 14.88 -24.96
CA ASP A 253 10.61 16.11 -25.71
C ASP A 253 10.32 17.29 -24.79
N ALA A 254 9.68 17.04 -23.66
CA ALA A 254 9.44 18.11 -22.70
C ALA A 254 10.76 18.55 -22.04
N ALA A 255 11.62 17.59 -21.71
CA ALA A 255 12.91 17.94 -21.14
C ALA A 255 13.77 18.69 -22.15
N ARG A 256 13.67 18.32 -23.43
CA ARG A 256 14.46 19.00 -24.45
C ARG A 256 14.05 20.46 -24.59
N GLN A 257 12.74 20.74 -24.63
CA GLN A 257 12.26 22.11 -24.78
C GLN A 257 12.64 22.98 -23.59
N SER A 258 12.98 22.39 -22.45
CA SER A 258 13.42 23.12 -21.26
C SER A 258 14.91 23.44 -21.29
N ILE A 259 15.43 23.85 -22.46
CA ILE A 259 16.86 24.05 -22.71
C ILE A 259 17.71 22.98 -22.02
N GLY B 2 -0.87 18.96 19.65
CA GLY B 2 0.25 19.72 20.20
C GLY B 2 0.84 19.14 21.48
N MET B 3 2.13 18.82 21.43
CA MET B 3 2.90 18.31 22.56
C MET B 3 2.16 17.19 23.28
N GLN B 4 1.98 16.08 22.56
CA GLN B 4 1.35 14.91 23.14
C GLN B 4 2.41 13.98 23.73
N TYR B 5 1.97 13.14 24.65
CA TYR B 5 2.87 12.23 25.35
C TYR B 5 3.10 10.98 24.53
N GLU B 6 4.37 10.63 24.32
CA GLU B 6 4.75 9.46 23.55
C GLU B 6 4.85 8.26 24.48
N TRP B 7 3.90 7.33 24.39
CA TRP B 7 3.84 6.21 25.32
C TRP B 7 4.94 5.20 25.05
N ARG B 8 5.62 4.76 26.10
CA ARG B 8 6.54 3.63 26.00
C ARG B 8 5.76 2.34 25.80
N LYS B 9 6.48 1.31 25.35
CA LYS B 9 5.82 0.03 25.09
C LYS B 9 5.30 -0.60 26.37
N ALA B 10 6.04 -0.44 27.48
CA ALA B 10 5.62 -1.04 28.74
C ALA B 10 4.32 -0.44 29.24
N GLU B 11 4.16 0.88 29.06
CA GLU B 11 2.91 1.52 29.48
C GLU B 11 1.72 1.01 28.68
N LEU B 12 1.92 0.74 27.38
CA LEU B 12 0.82 0.25 26.56
C LEU B 12 0.48 -1.20 26.89
N ILE B 13 1.49 -2.00 27.23
CA ILE B 13 1.22 -3.35 27.74
C ILE B 13 0.30 -3.27 28.95
N GLY B 14 0.67 -2.42 29.92
CA GLY B 14 -0.18 -2.23 31.09
C GLY B 14 -1.55 -1.68 30.74
N GLN B 15 -1.61 -0.78 29.76
CA GLN B 15 -2.91 -0.27 29.32
C GLN B 15 -3.76 -1.38 28.72
N LEU B 16 -3.13 -2.30 27.98
CA LEU B 16 -3.88 -3.41 27.40
C LEU B 16 -4.26 -4.44 28.46
N LEU B 17 -3.36 -4.71 29.40
CA LEU B 17 -3.67 -5.69 30.43
C LEU B 17 -4.72 -5.15 31.40
N ASN B 18 -4.56 -3.90 31.85
CA ASN B 18 -5.55 -3.32 32.73
C ASN B 18 -6.90 -3.21 32.05
N LEU B 19 -6.90 -3.14 30.73
CA LEU B 19 -8.13 -3.05 29.96
C LEU B 19 -8.87 -4.40 29.82
N GLY B 20 -8.19 -5.50 30.12
CA GLY B 20 -8.80 -6.82 30.01
C GLY B 20 -8.31 -7.86 29.03
N VAL B 21 -7.26 -7.52 28.28
CA VAL B 21 -6.71 -8.45 27.30
C VAL B 21 -6.09 -9.63 28.03
N THR B 22 -6.62 -10.82 27.80
CA THR B 22 -6.14 -12.00 28.51
C THR B 22 -4.91 -12.57 27.82
N PRO B 23 -3.78 -12.73 28.52
CA PRO B 23 -2.60 -13.34 27.90
C PRO B 23 -2.86 -14.77 27.47
N GLY B 24 -2.19 -15.17 26.39
CA GLY B 24 -2.30 -16.53 25.89
C GLY B 24 -3.56 -16.82 25.09
N GLY B 25 -4.36 -15.80 24.77
CA GLY B 25 -5.58 -15.98 24.02
C GLY B 25 -5.50 -15.39 22.63
N VAL B 26 -6.65 -15.40 21.96
CA VAL B 26 -6.79 -14.90 20.61
C VAL B 26 -7.38 -13.50 20.66
N LEU B 27 -6.75 -12.54 19.99
CA LEU B 27 -7.16 -11.15 20.03
C LEU B 27 -7.22 -10.59 18.61
N LEU B 28 -8.40 -10.16 18.19
CA LEU B 28 -8.60 -9.57 16.87
C LEU B 28 -8.69 -8.05 17.01
N VAL B 29 -7.76 -7.34 16.38
CA VAL B 29 -7.59 -5.90 16.59
C VAL B 29 -7.97 -5.16 15.31
N HIS B 30 -8.85 -4.17 15.44
CA HIS B 30 -9.16 -3.22 14.38
C HIS B 30 -8.59 -1.87 14.81
N SER B 31 -7.64 -1.35 14.05
CA SER B 31 -6.81 -0.25 14.52
C SER B 31 -6.95 0.97 13.62
N SER B 32 -6.86 2.15 14.22
CA SER B 32 -6.81 3.40 13.49
C SER B 32 -5.69 4.20 14.16
N PHE B 33 -4.48 4.10 13.60
CA PHE B 33 -3.33 4.74 14.18
C PHE B 33 -3.48 6.26 14.28
N ARG B 34 -4.34 6.86 13.44
CA ARG B 34 -4.63 8.28 13.60
C ARG B 34 -4.97 8.64 15.04
N SER B 35 -5.63 7.74 15.77
CA SER B 35 -6.09 8.03 17.12
C SER B 35 -5.15 7.47 18.18
N VAL B 36 -4.26 6.56 17.81
CA VAL B 36 -3.31 5.98 18.76
C VAL B 36 -2.07 6.86 18.92
N ARG B 37 -1.55 7.41 17.81
CA ARG B 37 -0.30 8.16 17.85
C ARG B 37 -0.46 9.41 18.71
N PRO B 38 0.64 9.94 19.26
CA PRO B 38 2.03 9.48 19.11
C PRO B 38 2.43 8.33 20.04
N LEU B 39 3.26 7.43 19.53
CA LEU B 39 3.82 6.32 20.29
C LEU B 39 5.34 6.36 20.16
N GLU B 40 6.03 5.90 21.20
CA GLU B 40 7.49 5.95 21.23
C GLU B 40 8.09 5.24 20.03
N ASP B 41 7.59 4.05 19.71
CA ASP B 41 8.16 3.23 18.65
C ASP B 41 7.27 3.16 17.40
N GLY B 42 6.41 4.15 17.20
CA GLY B 42 5.59 4.22 16.02
C GLY B 42 4.57 3.12 15.91
N PRO B 43 4.13 2.82 14.69
CA PRO B 43 3.17 1.72 14.51
C PRO B 43 3.73 0.38 14.94
N LEU B 44 5.05 0.17 14.79
CA LEU B 44 5.65 -1.06 15.29
C LEU B 44 5.47 -1.21 16.79
N GLY B 45 5.52 -0.10 17.52
CA GLY B 45 5.38 -0.16 18.97
C GLY B 45 4.03 -0.71 19.40
N LEU B 46 2.97 -0.35 18.69
CA LEU B 46 1.64 -0.85 19.02
C LEU B 46 1.56 -2.37 18.82
N ILE B 47 2.05 -2.86 17.68
CA ILE B 47 2.09 -4.30 17.44
C ILE B 47 2.98 -4.99 18.45
N GLU B 48 4.17 -4.41 18.73
CA GLU B 48 5.08 -5.02 19.68
C GLU B 48 4.43 -5.19 21.05
N ALA B 49 3.72 -4.16 21.51
CA ALA B 49 3.08 -4.26 22.82
C ALA B 49 1.88 -5.20 22.80
N LEU B 50 1.15 -5.22 21.67
CA LEU B 50 0.02 -6.15 21.56
C LEU B 50 0.48 -7.59 21.72
N ARG B 51 1.61 -7.94 21.09
CA ARG B 51 2.11 -9.31 21.19
C ARG B 51 2.71 -9.58 22.56
N ALA B 52 3.36 -8.59 23.16
CA ALA B 52 3.90 -8.77 24.49
C ALA B 52 2.80 -8.92 25.54
N ALA B 53 1.67 -8.25 25.33
CA ALA B 53 0.55 -8.42 26.23
C ALA B 53 -0.02 -9.83 26.13
N LEU B 54 -0.21 -10.33 24.90
CA LEU B 54 -0.72 -11.68 24.72
C LEU B 54 0.27 -12.75 25.18
N GLY B 55 1.56 -12.43 25.21
CA GLY B 55 2.57 -13.37 25.61
C GLY B 55 2.92 -14.34 24.50
N PRO B 56 3.86 -15.25 24.78
CA PRO B 56 4.25 -16.22 23.74
C PRO B 56 3.12 -17.16 23.33
N GLY B 57 2.17 -17.42 24.24
CA GLY B 57 1.06 -18.31 23.93
C GLY B 57 -0.11 -17.67 23.24
N GLY B 58 -0.18 -16.34 23.21
CA GLY B 58 -1.27 -15.65 22.58
C GLY B 58 -1.07 -15.47 21.08
N THR B 59 -2.17 -15.26 20.38
CA THR B 59 -2.17 -15.10 18.94
C THR B 59 -2.83 -13.77 18.59
N LEU B 60 -2.06 -12.89 17.96
CA LEU B 60 -2.58 -11.62 17.47
C LEU B 60 -3.04 -11.80 16.03
N VAL B 61 -4.24 -11.32 15.72
CA VAL B 61 -4.82 -11.47 14.40
C VAL B 61 -5.45 -10.14 14.00
N MET B 62 -5.19 -9.70 12.79
CA MET B 62 -5.69 -8.44 12.27
C MET B 62 -6.34 -8.68 10.92
N PRO B 63 -7.21 -7.76 10.49
CA PRO B 63 -7.70 -7.82 9.11
C PRO B 63 -6.60 -7.41 8.14
N SER B 64 -6.69 -7.92 6.92
CA SER B 64 -5.60 -7.76 5.97
C SER B 64 -6.05 -7.89 4.53
N TRP B 65 -7.32 -7.57 4.25
CA TRP B 65 -7.84 -7.72 2.89
C TRP B 65 -7.37 -6.58 1.99
N SER B 66 -7.50 -6.81 0.69
CA SER B 66 -6.99 -5.87 -0.31
C SER B 66 -8.01 -4.82 -0.73
N GLY B 67 -9.29 -5.14 -0.63
CA GLY B 67 -10.30 -4.21 -1.10
C GLY B 67 -10.30 -3.98 -2.60
N LEU B 68 -9.62 -4.84 -3.35
CA LEU B 68 -9.62 -4.81 -4.81
C LEU B 68 -10.46 -5.99 -5.32
N ASP B 69 -11.56 -5.68 -5.99
CA ASP B 69 -12.45 -6.73 -6.52
C ASP B 69 -12.11 -7.11 -7.95
N ASP B 70 -11.06 -6.53 -8.50
CA ASP B 70 -10.65 -6.82 -9.85
C ASP B 70 -9.19 -7.23 -9.99
N GLU B 71 -8.39 -7.11 -8.94
CA GLU B 71 -7.01 -7.57 -8.97
C GLU B 71 -6.85 -8.82 -8.10
N PRO B 72 -6.13 -9.83 -8.57
CA PRO B 72 -5.94 -11.03 -7.75
C PRO B 72 -5.10 -10.74 -6.52
N PHE B 73 -5.36 -11.52 -5.48
CA PHE B 73 -4.67 -11.33 -4.20
C PHE B 73 -3.45 -12.22 -4.12
N ASP B 74 -2.42 -11.71 -3.45
CA ASP B 74 -1.21 -12.48 -3.20
C ASP B 74 -0.78 -12.25 -1.75
N PRO B 75 -0.66 -13.31 -0.94
CA PRO B 75 -0.35 -13.12 0.48
C PRO B 75 0.99 -12.46 0.73
N ALA B 76 1.90 -12.51 -0.25
CA ALA B 76 3.25 -12.00 -0.06
C ALA B 76 3.40 -10.54 -0.48
N THR B 77 2.59 -10.08 -1.42
CA THR B 77 2.77 -8.76 -2.02
C THR B 77 1.58 -7.83 -1.89
N SER B 78 0.36 -8.35 -1.89
CA SER B 78 -0.84 -7.52 -1.89
C SER B 78 -0.87 -6.60 -0.68
N PRO B 79 -0.82 -5.29 -0.85
CA PRO B 79 -0.99 -4.38 0.29
C PRO B 79 -2.44 -4.41 0.76
N VAL B 80 -2.62 -4.23 2.07
CA VAL B 80 -3.98 -4.14 2.57
C VAL B 80 -4.61 -2.84 2.08
N THR B 81 -5.94 -2.80 2.12
CA THR B 81 -6.63 -1.60 1.69
C THR B 81 -6.26 -0.46 2.62
N PRO B 82 -6.16 0.78 2.11
CA PRO B 82 -5.80 1.90 2.99
C PRO B 82 -6.81 2.15 4.09
N ASP B 83 -8.02 1.62 3.98
CA ASP B 83 -9.08 1.92 4.94
C ASP B 83 -8.79 1.34 6.33
N LEU B 84 -7.83 0.41 6.44
CA LEU B 84 -7.60 -0.31 7.69
C LEU B 84 -6.33 0.12 8.41
N GLY B 85 -5.54 1.01 7.81
CA GLY B 85 -4.47 1.68 8.53
C GLY B 85 -3.11 1.02 8.33
N VAL B 86 -2.09 1.76 8.76
CA VAL B 86 -0.71 1.31 8.57
C VAL B 86 -0.39 0.12 9.47
N VAL B 87 -0.97 0.07 10.67
CA VAL B 87 -0.75 -1.07 11.56
C VAL B 87 -1.19 -2.36 10.88
N SER B 88 -2.32 -2.34 10.19
CA SER B 88 -2.77 -3.53 9.48
C SER B 88 -1.81 -3.92 8.35
N ASP B 89 -1.36 -2.93 7.58
CA ASP B 89 -0.45 -3.20 6.47
C ASP B 89 0.91 -3.67 6.97
N THR B 90 1.40 -3.07 8.05
CA THR B 90 2.71 -3.45 8.57
C THR B 90 2.68 -4.85 9.19
N PHE B 91 1.56 -5.21 9.82
CA PHE B 91 1.51 -6.45 10.60
C PHE B 91 1.88 -7.68 9.75
N TRP B 92 1.25 -7.83 8.59
CA TRP B 92 1.46 -9.04 7.80
C TRP B 92 2.86 -9.11 7.21
N ARG B 93 3.52 -7.97 7.03
CA ARG B 93 4.87 -7.97 6.48
C ARG B 93 5.93 -8.39 7.48
N LEU B 94 5.58 -8.52 8.76
CA LEU B 94 6.52 -8.81 9.81
C LEU B 94 6.87 -10.30 9.86
N PRO B 95 7.99 -10.65 10.48
CA PRO B 95 8.39 -12.07 10.54
C PRO B 95 7.35 -12.94 11.24
N ASN B 96 7.24 -14.17 10.76
CA ASN B 96 6.41 -15.22 11.34
C ASN B 96 4.91 -14.92 11.30
N VAL B 97 4.52 -13.78 10.73
CA VAL B 97 3.11 -13.41 10.67
C VAL B 97 2.45 -14.14 9.51
N LYS B 98 1.49 -15.00 9.82
CA LYS B 98 0.79 -15.77 8.80
C LYS B 98 -0.34 -14.97 8.19
N ARG B 99 -0.72 -15.35 6.97
CA ARG B 99 -1.72 -14.62 6.20
C ARG B 99 -2.38 -15.57 5.21
N SER B 100 -3.70 -15.44 5.06
CA SER B 100 -4.44 -16.33 4.17
C SER B 100 -4.17 -15.95 2.71
N ALA B 101 -4.77 -16.72 1.81
CA ALA B 101 -4.51 -16.62 0.37
C ALA B 101 -5.83 -16.40 -0.36
N HIS B 102 -6.46 -15.25 -0.10
CA HIS B 102 -7.69 -14.84 -0.77
C HIS B 102 -7.95 -13.36 -0.50
N PRO B 103 -8.63 -12.66 -1.41
CA PRO B 103 -8.74 -11.19 -1.29
C PRO B 103 -9.41 -10.69 -0.02
N PHE B 104 -10.07 -11.56 0.74
CA PHE B 104 -10.67 -11.19 2.02
C PHE B 104 -9.82 -11.65 3.18
N ALA B 105 -8.51 -11.50 3.05
CA ALA B 105 -7.55 -12.13 3.95
C ALA B 105 -7.48 -11.43 5.29
N PHE B 106 -7.14 -12.21 6.31
CA PHE B 106 -6.68 -11.71 7.59
C PHE B 106 -5.21 -12.06 7.75
N ALA B 107 -4.59 -11.48 8.77
CA ALA B 107 -3.22 -11.81 9.14
C ALA B 107 -3.18 -12.15 10.62
N ALA B 108 -2.29 -13.06 10.98
CA ALA B 108 -2.25 -13.56 12.34
C ALA B 108 -0.84 -14.01 12.67
N ALA B 109 -0.52 -13.94 13.97
CA ALA B 109 0.80 -14.35 14.46
C ALA B 109 0.62 -14.95 15.85
N GLY B 110 1.17 -16.15 16.04
CA GLY B 110 1.05 -16.85 17.29
C GLY B 110 0.83 -18.33 17.09
N PRO B 111 0.65 -19.07 18.19
CA PRO B 111 0.51 -20.54 18.07
C PRO B 111 -0.77 -20.98 17.40
N GLN B 112 -1.78 -20.11 17.31
CA GLN B 112 -3.05 -20.43 16.68
C GLN B 112 -3.20 -19.76 15.32
N ALA B 113 -2.13 -19.19 14.78
CA ALA B 113 -2.24 -18.41 13.56
C ALA B 113 -2.68 -19.28 12.38
N GLU B 114 -2.16 -20.50 12.28
CA GLU B 114 -2.50 -21.33 11.13
C GLU B 114 -3.98 -21.72 11.14
N GLN B 115 -4.51 -22.11 12.31
CA GLN B 115 -5.93 -22.49 12.38
C GLN B 115 -6.84 -21.32 12.00
N ILE B 116 -6.49 -20.10 12.45
CA ILE B 116 -7.29 -18.93 12.13
C ILE B 116 -7.19 -18.54 10.66
N ILE B 117 -6.11 -18.92 9.99
CA ILE B 117 -5.78 -18.38 8.67
C ILE B 117 -6.02 -19.35 7.53
N SER B 118 -5.90 -20.66 7.76
CA SER B 118 -5.80 -21.65 6.68
C SER B 118 -7.10 -21.92 5.94
N ASP B 119 -8.00 -20.93 5.84
CA ASP B 119 -9.16 -21.33 5.04
C ASP B 119 -9.08 -20.72 3.64
N PRO B 120 -9.66 -21.39 2.64
CA PRO B 120 -9.68 -20.81 1.30
C PRO B 120 -10.71 -19.70 1.17
N LEU B 121 -11.03 -19.32 -0.07
CA LEU B 121 -11.96 -18.23 -0.35
C LEU B 121 -13.32 -18.49 0.29
N PRO B 122 -13.73 -17.68 1.26
CA PRO B 122 -15.03 -17.88 1.91
C PRO B 122 -16.18 -17.42 1.04
N LEU B 123 -17.33 -18.10 1.17
CA LEU B 123 -18.46 -17.91 0.27
C LEU B 123 -18.93 -16.46 0.33
N PRO B 124 -19.46 -15.94 1.44
CA PRO B 124 -19.31 -14.51 1.71
C PRO B 124 -18.01 -14.25 2.45
N PRO B 125 -17.48 -13.03 2.39
CA PRO B 125 -16.16 -12.77 2.99
C PRO B 125 -16.05 -13.16 4.45
N HIS B 126 -17.12 -12.99 5.22
CA HIS B 126 -17.12 -13.26 6.65
C HIS B 126 -18.02 -14.43 7.00
N SER B 127 -18.05 -15.44 6.13
CA SER B 127 -18.81 -16.65 6.35
C SER B 127 -18.18 -17.46 7.48
N PRO B 128 -18.88 -18.48 7.98
CA PRO B 128 -18.21 -19.48 8.82
C PRO B 128 -17.02 -20.08 8.10
N ALA B 129 -16.04 -20.62 8.83
CA ALA B 129 -14.80 -21.12 8.24
C ALA B 129 -14.07 -20.02 7.48
N SER B 130 -14.16 -18.81 7.99
CA SER B 130 -13.37 -17.65 7.59
C SER B 130 -12.59 -17.16 8.80
N PRO B 131 -11.55 -16.35 8.62
CA PRO B 131 -10.76 -15.91 9.78
C PRO B 131 -11.59 -15.29 10.88
N VAL B 132 -12.64 -14.55 10.54
CA VAL B 132 -13.46 -13.92 11.58
C VAL B 132 -14.22 -14.98 12.36
N ALA B 133 -14.66 -16.04 11.70
CA ALA B 133 -15.41 -17.08 12.39
C ALA B 133 -14.49 -17.92 13.28
N ARG B 134 -13.24 -18.10 12.87
CA ARG B 134 -12.31 -18.86 13.70
C ARG B 134 -12.03 -18.14 15.01
N VAL B 135 -11.78 -16.82 14.95
CA VAL B 135 -11.60 -16.05 16.18
C VAL B 135 -12.78 -16.26 17.11
N HIS B 136 -14.00 -16.23 16.56
CA HIS B 136 -15.18 -16.60 17.33
C HIS B 136 -15.11 -18.06 17.79
N GLU B 137 -14.61 -18.95 16.93
CA GLU B 137 -14.60 -20.37 17.23
C GLU B 137 -13.65 -20.69 18.38
N LEU B 138 -12.57 -19.92 18.53
CA LEU B 138 -11.61 -20.15 19.60
C LEU B 138 -11.76 -19.17 20.76
N ASP B 139 -12.96 -18.57 20.92
CA ASP B 139 -13.32 -17.79 22.11
C ASP B 139 -12.39 -16.59 22.29
N GLY B 140 -12.10 -15.89 21.19
CA GLY B 140 -11.16 -14.80 21.22
C GLY B 140 -11.81 -13.46 21.60
N GLN B 141 -10.96 -12.45 21.76
CA GLN B 141 -11.39 -11.10 22.05
C GLN B 141 -11.25 -10.23 20.83
N VAL B 142 -12.06 -9.18 20.76
CA VAL B 142 -12.02 -8.19 19.70
C VAL B 142 -11.65 -6.85 20.32
N LEU B 143 -10.65 -6.18 19.75
CA LEU B 143 -10.17 -4.91 20.25
C LEU B 143 -10.35 -3.86 19.16
N LEU B 144 -11.10 -2.80 19.46
CA LEU B 144 -11.36 -1.71 18.53
C LEU B 144 -10.54 -0.50 18.95
N LEU B 145 -9.46 -0.23 18.21
CA LEU B 145 -8.53 0.85 18.54
C LEU B 145 -8.88 2.08 17.71
N GLY B 146 -9.40 3.12 18.38
CA GLY B 146 -9.74 4.35 17.68
C GLY B 146 -10.74 4.14 16.58
N VAL B 147 -11.60 3.14 16.71
CA VAL B 147 -12.55 2.76 15.68
C VAL B 147 -13.84 2.33 16.36
N GLY B 148 -14.98 2.69 15.79
CA GLY B 148 -16.27 2.29 16.30
C GLY B 148 -16.64 0.89 15.87
N HIS B 149 -17.89 0.53 16.16
CA HIS B 149 -18.41 -0.77 15.73
C HIS B 149 -18.68 -0.80 14.23
N ASP B 150 -18.56 0.33 13.53
CA ASP B 150 -18.74 0.34 12.08
C ASP B 150 -17.74 -0.55 11.38
N ALA B 151 -16.57 -0.77 11.98
CA ALA B 151 -15.55 -1.63 11.42
C ALA B 151 -15.41 -2.94 12.18
N ASN B 152 -16.28 -3.19 13.16
CA ASN B 152 -16.34 -4.48 13.82
C ASN B 152 -16.73 -5.54 12.80
N THR B 153 -15.75 -6.31 12.32
CA THR B 153 -16.01 -7.26 11.25
C THR B 153 -16.86 -8.44 11.76
N THR B 154 -16.62 -8.87 13.00
CA THR B 154 -17.39 -9.99 13.53
C THR B 154 -18.87 -9.67 13.68
N LEU B 155 -19.26 -8.40 13.60
CA LEU B 155 -20.68 -8.06 13.56
C LEU B 155 -21.31 -8.55 12.27
N ALA B 156 -20.55 -8.48 11.17
CA ALA B 156 -21.03 -9.03 9.90
C ALA B 156 -21.11 -10.55 9.97
N LEU B 157 -20.28 -11.17 10.81
CA LEU B 157 -20.38 -12.61 11.02
C LEU B 157 -21.71 -12.97 11.69
N ALA B 158 -22.16 -12.13 12.62
CA ALA B 158 -23.44 -12.38 13.28
C ALA B 158 -24.60 -12.31 12.30
N GLU B 159 -24.54 -11.37 11.35
CA GLU B 159 -25.60 -11.26 10.35
C GLU B 159 -25.76 -12.57 9.58
N LEU B 160 -24.64 -13.18 9.18
CA LEU B 160 -24.70 -14.41 8.41
C LEU B 160 -25.19 -15.57 9.25
N MET B 161 -24.87 -15.59 10.55
CA MET B 161 -25.38 -16.65 11.42
C MET B 161 -26.86 -16.48 11.70
N ALA B 162 -27.35 -15.24 11.71
CA ALA B 162 -28.78 -15.00 11.82
C ALA B 162 -29.51 -15.22 10.49
N LYS B 163 -28.77 -15.45 9.41
CA LYS B 163 -29.34 -15.66 8.07
C LYS B 163 -30.26 -14.50 7.68
N VAL B 164 -29.69 -13.30 7.66
CA VAL B 164 -30.43 -12.09 7.32
C VAL B 164 -30.87 -12.19 5.85
N PRO B 165 -32.00 -11.59 5.48
CA PRO B 165 -32.53 -11.80 4.12
C PRO B 165 -31.82 -11.00 3.03
N TYR B 166 -31.08 -9.95 3.38
CA TYR B 166 -30.48 -9.10 2.36
C TYR B 166 -29.18 -9.71 1.85
N GLY B 167 -28.91 -9.47 0.55
CA GLY B 167 -27.70 -9.94 -0.09
C GLY B 167 -27.41 -9.19 -1.38
N VAL B 168 -26.48 -8.25 -1.32
CA VAL B 168 -26.16 -7.40 -2.47
C VAL B 168 -25.18 -8.11 -3.39
N PRO B 169 -25.24 -7.88 -4.70
CA PRO B 169 -24.29 -8.53 -5.62
C PRO B 169 -22.90 -7.94 -5.48
N ARG B 170 -21.91 -8.79 -5.20
CA ARG B 170 -20.52 -8.43 -5.12
C ARG B 170 -19.69 -9.44 -5.90
N HIS B 171 -18.39 -9.20 -6.00
CA HIS B 171 -17.49 -10.13 -6.68
C HIS B 171 -16.05 -9.82 -6.27
N CYS B 172 -15.16 -10.76 -6.60
CA CYS B 172 -13.73 -10.59 -6.41
C CYS B 172 -13.03 -11.24 -7.60
N THR B 173 -11.69 -11.32 -7.55
CA THR B 173 -10.92 -11.85 -8.66
C THR B 173 -9.85 -12.81 -8.14
N ILE B 174 -9.91 -14.05 -8.62
CA ILE B 174 -8.85 -15.03 -8.42
C ILE B 174 -8.32 -15.43 -9.79
N LEU B 175 -7.21 -16.15 -9.79
CA LEU B 175 -6.69 -16.75 -11.01
C LEU B 175 -6.80 -18.27 -10.91
N GLN B 176 -7.07 -18.90 -12.03
CA GLN B 176 -7.05 -20.33 -12.05
C GLN B 176 -6.18 -20.72 -13.20
N ASP B 177 -5.02 -21.32 -12.90
CA ASP B 177 -4.11 -21.82 -13.89
C ASP B 177 -3.76 -20.84 -14.99
N GLY B 178 -3.54 -19.57 -14.70
CA GLY B 178 -3.26 -18.68 -15.80
C GLY B 178 -4.02 -17.40 -15.90
N LYS B 179 -5.29 -17.42 -16.26
CA LYS B 179 -5.92 -16.11 -16.36
C LYS B 179 -6.83 -15.84 -15.16
N LEU B 180 -7.18 -14.57 -15.00
CA LEU B 180 -8.11 -14.15 -13.98
C LEU B 180 -9.51 -14.68 -14.29
N VAL B 181 -10.29 -14.93 -13.24
CA VAL B 181 -11.70 -15.27 -13.36
C VAL B 181 -12.47 -14.45 -12.34
N ARG B 182 -13.72 -14.12 -12.69
CA ARG B 182 -14.60 -13.36 -11.81
C ARG B 182 -15.42 -14.33 -10.97
N VAL B 183 -15.37 -14.15 -9.66
CA VAL B 183 -16.12 -14.97 -8.72
C VAL B 183 -17.20 -14.10 -8.11
N ASP B 184 -18.41 -14.18 -8.66
CA ASP B 184 -19.53 -13.40 -8.16
C ASP B 184 -20.15 -14.09 -6.94
N TYR B 185 -20.68 -13.28 -6.03
CA TYR B 185 -21.34 -13.77 -4.84
C TYR B 185 -22.29 -12.70 -4.34
N LEU B 186 -23.02 -13.02 -3.27
CA LEU B 186 -23.98 -12.11 -2.66
C LEU B 186 -23.54 -11.85 -1.23
N GLU B 187 -23.06 -10.65 -0.97
CA GLU B 187 -22.60 -10.26 0.36
C GLU B 187 -23.72 -9.56 1.12
N ASN B 188 -23.53 -9.41 2.43
CA ASN B 188 -24.42 -8.67 3.30
C ASN B 188 -23.72 -7.36 3.68
N ASP B 189 -23.95 -6.40 2.82
CA ASP B 189 -23.31 -5.14 2.95
C ASP B 189 -24.22 -3.96 3.02
N HIS B 190 -23.77 -2.96 3.74
CA HIS B 190 -24.52 -1.72 3.77
C HIS B 190 -23.60 -0.63 4.32
N CYS B 191 -24.18 0.46 4.80
CA CYS B 191 -23.38 1.56 5.33
C CYS B 191 -22.63 1.16 6.59
N CYS B 192 -23.17 0.20 7.36
CA CYS B 192 -22.64 -0.25 8.65
C CYS B 192 -22.65 0.84 9.70
N GLU B 193 -23.31 1.98 9.45
CA GLU B 193 -23.34 3.05 10.43
C GLU B 193 -24.19 2.69 11.64
N ARG B 194 -25.25 1.89 11.44
CA ARG B 194 -26.08 1.45 12.56
C ARG B 194 -25.47 0.30 13.33
N PHE B 195 -24.29 -0.18 12.95
CA PHE B 195 -23.56 -1.13 13.80
C PHE B 195 -23.25 -0.52 15.16
N ALA B 196 -23.24 0.82 15.27
CA ALA B 196 -22.97 1.47 16.54
C ALA B 196 -24.03 1.14 17.59
N LEU B 197 -25.18 0.60 17.18
CA LEU B 197 -26.20 0.20 18.15
C LEU B 197 -25.67 -0.82 19.14
N ALA B 198 -24.69 -1.63 18.72
CA ALA B 198 -24.11 -2.61 19.63
C ALA B 198 -23.37 -1.95 20.79
N ASP B 199 -22.88 -0.72 20.59
CA ASP B 199 -22.22 -0.01 21.68
C ASP B 199 -23.15 0.16 22.86
N ARG B 200 -24.43 0.43 22.60
CA ARG B 200 -25.41 0.53 23.68
C ARG B 200 -25.83 -0.85 24.18
N TRP B 201 -26.04 -1.80 23.26
CA TRP B 201 -26.46 -3.13 23.65
C TRP B 201 -25.44 -3.79 24.58
N LEU B 202 -24.16 -3.68 24.23
CA LEU B 202 -23.12 -4.34 25.02
C LEU B 202 -22.85 -3.60 26.32
N LYS B 203 -23.07 -2.28 26.34
CA LYS B 203 -22.78 -1.51 27.55
C LYS B 203 -23.79 -1.79 28.64
N GLU B 204 -25.07 -1.89 28.29
CA GLU B 204 -26.12 -2.12 29.29
C GLU B 204 -26.03 -3.51 29.93
N LYS B 205 -25.23 -4.42 29.37
CA LYS B 205 -25.05 -5.75 29.93
C LYS B 205 -23.65 -5.95 30.50
N SER B 206 -22.83 -4.90 30.52
CA SER B 206 -21.49 -4.94 31.12
C SER B 206 -20.59 -5.94 30.40
N LEU B 207 -20.57 -5.85 29.07
CA LEU B 207 -19.78 -6.75 28.24
C LEU B 207 -18.77 -6.06 27.34
N GLN B 208 -18.76 -4.73 27.32
CA GLN B 208 -17.81 -3.96 26.52
C GLN B 208 -16.92 -3.16 27.48
N LYS B 209 -15.65 -3.51 27.54
CA LYS B 209 -14.70 -2.80 28.38
C LYS B 209 -14.13 -1.61 27.62
N GLU B 210 -13.90 -0.51 28.33
CA GLU B 210 -13.43 0.73 27.75
C GLU B 210 -12.28 1.31 28.55
N GLY B 211 -11.27 1.80 27.85
CA GLY B 211 -10.11 2.43 28.45
C GLY B 211 -9.14 2.95 27.41
N PRO B 212 -8.00 3.48 27.84
CA PRO B 212 -7.03 4.01 26.88
C PRO B 212 -5.94 3.03 26.50
N VAL B 213 -5.55 3.04 25.24
CA VAL B 213 -4.30 2.43 24.79
C VAL B 213 -3.65 3.40 23.82
N GLY B 214 -2.46 3.86 24.14
CA GLY B 214 -1.92 5.02 23.44
C GLY B 214 -2.77 6.23 23.78
N HIS B 215 -3.25 6.92 22.76
CA HIS B 215 -4.18 8.02 22.94
C HIS B 215 -5.59 7.66 22.50
N ALA B 216 -5.78 6.52 21.87
CA ALA B 216 -7.06 6.16 21.29
C ALA B 216 -8.03 5.63 22.34
N PHE B 217 -9.32 5.89 22.11
CA PHE B 217 -10.37 5.24 22.88
C PHE B 217 -10.49 3.79 22.43
N ALA B 218 -10.30 2.87 23.36
CA ALA B 218 -10.29 1.45 23.06
C ALA B 218 -11.58 0.78 23.53
N ARG B 219 -12.06 -0.17 22.73
CA ARG B 219 -13.20 -1.01 23.08
C ARG B 219 -12.77 -2.46 22.95
N LEU B 220 -12.97 -3.23 24.02
CA LEU B 220 -12.65 -4.65 24.03
C LEU B 220 -13.89 -5.46 24.37
N ILE B 221 -14.23 -6.40 23.49
CA ILE B 221 -15.37 -7.30 23.67
C ILE B 221 -14.92 -8.70 23.29
N ARG B 222 -15.40 -9.70 24.03
CA ARG B 222 -15.22 -11.07 23.59
C ARG B 222 -15.96 -11.31 22.29
N SER B 223 -15.40 -12.14 21.42
CA SER B 223 -15.99 -12.35 20.09
C SER B 223 -17.41 -12.88 20.22
N ARG B 224 -17.60 -13.92 21.05
CA ARG B 224 -18.91 -14.52 21.18
C ARG B 224 -19.92 -13.59 21.84
N ASP B 225 -19.45 -12.63 22.65
CA ASP B 225 -20.36 -11.63 23.20
C ASP B 225 -20.89 -10.70 22.12
N ILE B 226 -20.05 -10.37 21.13
CA ILE B 226 -20.52 -9.55 20.00
C ILE B 226 -21.61 -10.28 19.24
N VAL B 227 -21.33 -11.52 18.84
CA VAL B 227 -22.29 -12.28 18.03
C VAL B 227 -23.55 -12.56 18.83
N ALA B 228 -23.40 -12.99 20.09
CA ALA B 228 -24.57 -13.34 20.90
C ALA B 228 -25.48 -12.13 21.09
N THR B 229 -24.90 -10.95 21.32
CA THR B 229 -25.72 -9.77 21.55
C THR B 229 -26.48 -9.39 20.29
N ALA B 230 -25.81 -9.43 19.14
CA ALA B 230 -26.48 -9.11 17.88
C ALA B 230 -27.46 -10.21 17.50
N LEU B 231 -27.12 -11.47 17.77
CA LEU B 231 -28.03 -12.57 17.43
C LEU B 231 -29.35 -12.44 18.16
N GLY B 232 -29.32 -11.98 19.42
CA GLY B 232 -30.56 -11.73 20.12
C GLY B 232 -31.33 -10.56 19.54
N GLN B 233 -30.61 -9.52 19.10
CA GLN B 233 -31.28 -8.37 18.50
C GLN B 233 -31.86 -8.71 17.13
N LEU B 234 -31.09 -9.42 16.30
CA LEU B 234 -31.56 -9.84 14.99
C LEU B 234 -32.57 -10.98 15.09
N GLY B 235 -32.58 -11.73 16.20
CA GLY B 235 -33.61 -12.72 16.42
C GLY B 235 -35.00 -12.13 16.51
N ARG B 236 -35.10 -10.85 16.89
CA ARG B 236 -36.36 -10.14 16.92
C ARG B 236 -36.58 -9.27 15.69
N ASP B 237 -35.50 -8.68 15.15
CA ASP B 237 -35.58 -7.85 13.94
C ASP B 237 -34.35 -8.12 13.07
N PRO B 238 -34.49 -8.94 12.03
CA PRO B 238 -33.34 -9.24 11.17
C PRO B 238 -32.82 -8.04 10.38
N LEU B 239 -33.59 -6.95 10.28
CA LEU B 239 -33.17 -5.76 9.55
C LEU B 239 -32.86 -4.59 10.48
N ILE B 240 -32.38 -4.89 11.69
CA ILE B 240 -32.11 -3.82 12.66
C ILE B 240 -30.84 -3.05 12.37
N PHE B 241 -29.98 -3.57 11.50
CA PHE B 241 -28.73 -2.91 11.14
C PHE B 241 -28.85 -2.07 9.87
N LEU B 242 -30.04 -1.97 9.29
CA LEU B 242 -30.27 -1.22 8.07
C LEU B 242 -31.03 0.07 8.38
N HIS B 243 -30.58 1.16 7.76
CA HIS B 243 -31.27 2.43 7.91
C HIS B 243 -32.69 2.30 7.36
N PRO B 244 -33.68 2.92 7.99
CA PRO B 244 -35.01 3.00 7.39
C PRO B 244 -34.97 3.82 6.12
N PRO B 245 -35.96 3.67 5.24
CA PRO B 245 -35.96 4.47 4.00
C PRO B 245 -36.01 5.97 4.23
N GLU B 246 -36.47 6.43 5.40
CA GLU B 246 -36.54 7.86 5.66
C GLU B 246 -35.16 8.51 5.72
N ALA B 247 -34.14 7.76 6.13
CA ALA B 247 -32.80 8.32 6.23
C ALA B 247 -32.17 8.57 4.87
N GLY B 248 -32.67 7.93 3.82
CA GLY B 248 -32.14 8.16 2.48
C GLY B 248 -30.76 7.60 2.24
N CYS B 249 -30.42 6.48 2.88
CA CYS B 249 -29.14 5.81 2.67
C CYS B 249 -29.31 4.82 1.52
N GLU B 250 -28.71 5.12 0.37
CA GLU B 250 -28.86 4.24 -0.78
C GLU B 250 -28.09 2.95 -0.62
N GLU B 251 -27.00 2.96 0.17
CA GLU B 251 -26.30 1.71 0.44
C GLU B 251 -27.18 0.74 1.21
N CYS B 252 -27.97 1.24 2.15
CA CYS B 252 -28.87 0.37 2.90
C CYS B 252 -30.15 0.08 2.13
N ASP B 253 -30.67 1.09 1.40
CA ASP B 253 -31.87 0.88 0.61
C ASP B 253 -31.64 -0.17 -0.47
N ALA B 254 -30.41 -0.30 -0.97
CA ALA B 254 -30.11 -1.33 -1.96
C ALA B 254 -30.18 -2.71 -1.34
N ALA B 255 -29.70 -2.85 -0.10
CA ALA B 255 -29.76 -4.15 0.58
C ALA B 255 -31.20 -4.56 0.83
N ARG B 256 -32.06 -3.62 1.20
CA ARG B 256 -33.45 -3.97 1.50
C ARG B 256 -34.17 -4.43 0.24
N GLN B 257 -33.96 -3.74 -0.89
CA GLN B 257 -34.61 -4.15 -2.12
C GLN B 257 -34.19 -5.54 -2.55
N SER B 258 -33.00 -5.98 -2.12
CA SER B 258 -32.52 -7.34 -2.37
C SER B 258 -33.13 -8.30 -1.34
N ILE B 259 -34.46 -8.32 -1.31
CA ILE B 259 -35.30 -9.00 -0.31
C ILE B 259 -34.62 -9.08 1.07
N GLY C 2 -8.79 11.85 15.20
CA GLY C 2 -9.67 10.70 15.29
C GLY C 2 -10.55 10.72 16.52
N MET C 3 -10.64 9.59 17.21
CA MET C 3 -11.41 9.49 18.46
C MET C 3 -10.44 9.10 19.58
N GLN C 4 -9.78 10.10 20.16
CA GLN C 4 -8.90 9.86 21.27
C GLN C 4 -9.70 9.62 22.55
N TYR C 5 -9.03 9.10 23.57
CA TYR C 5 -9.69 8.69 24.80
C TYR C 5 -9.95 9.90 25.68
N GLU C 6 -11.22 10.15 25.98
CA GLU C 6 -11.59 11.18 26.94
C GLU C 6 -11.29 10.64 28.35
N TRP C 7 -10.26 11.19 28.98
CA TRP C 7 -9.81 10.69 30.27
C TRP C 7 -10.81 11.02 31.36
N ARG C 8 -11.09 10.03 32.22
CA ARG C 8 -11.98 10.23 33.35
C ARG C 8 -11.24 10.84 34.53
N LYS C 9 -12.00 11.43 35.45
CA LYS C 9 -11.42 12.08 36.62
C LYS C 9 -10.58 11.11 37.43
N ALA C 10 -11.07 9.88 37.63
CA ALA C 10 -10.31 8.92 38.42
C ALA C 10 -8.96 8.59 37.78
N GLU C 11 -8.88 8.63 36.46
CA GLU C 11 -7.63 8.30 35.77
C GLU C 11 -6.63 9.44 35.86
N LEU C 12 -7.09 10.68 35.72
CA LEU C 12 -6.19 11.82 35.88
C LEU C 12 -5.59 11.86 37.28
N ILE C 13 -6.40 11.58 38.30
CA ILE C 13 -5.90 11.56 39.67
C ILE C 13 -4.74 10.58 39.79
N GLY C 14 -4.92 9.37 39.26
CA GLY C 14 -3.83 8.41 39.25
C GLY C 14 -2.63 8.88 38.46
N GLN C 15 -2.88 9.58 37.35
CA GLN C 15 -1.78 10.15 36.57
C GLN C 15 -1.06 11.24 37.35
N LEU C 16 -1.82 12.17 37.94
CA LEU C 16 -1.22 13.25 38.72
C LEU C 16 -0.49 12.71 39.93
N LEU C 17 -1.01 11.63 40.53
CA LEU C 17 -0.35 11.03 41.67
C LEU C 17 0.93 10.34 41.25
N ASN C 18 0.85 9.48 40.22
CA ASN C 18 2.03 8.80 39.72
C ASN C 18 3.10 9.78 39.26
N LEU C 19 2.68 10.96 38.79
CA LEU C 19 3.65 12.00 38.43
C LEU C 19 4.45 12.45 39.66
N GLY C 20 3.78 12.65 40.78
CA GLY C 20 4.47 12.94 42.03
C GLY C 20 3.87 14.07 42.83
N VAL C 21 2.60 14.42 42.55
CA VAL C 21 1.95 15.51 43.26
C VAL C 21 1.84 15.15 44.73
N THR C 22 2.39 16.00 45.59
CA THR C 22 2.32 15.76 47.03
C THR C 22 0.92 16.11 47.55
N PRO C 23 0.28 15.21 48.30
CA PRO C 23 -1.07 15.51 48.79
C PRO C 23 -1.03 16.59 49.87
N GLY C 24 -1.92 17.58 49.73
CA GLY C 24 -2.01 18.65 50.68
C GLY C 24 -1.05 19.81 50.48
N GLY C 25 -0.12 19.69 49.52
CA GLY C 25 0.85 20.74 49.28
C GLY C 25 0.32 21.85 48.41
N VAL C 26 1.22 22.78 48.07
CA VAL C 26 0.92 23.87 47.15
C VAL C 26 1.37 23.47 45.75
N LEU C 27 0.51 23.72 44.77
CA LEU C 27 0.79 23.30 43.40
C LEU C 27 0.45 24.44 42.44
N LEU C 28 1.43 24.86 41.66
CA LEU C 28 1.24 25.83 40.60
C LEU C 28 1.22 25.11 39.26
N VAL C 29 0.17 25.35 38.47
CA VAL C 29 -0.08 24.60 37.25
C VAL C 29 -0.18 25.57 36.08
N HIS C 30 0.73 25.44 35.12
CA HIS C 30 0.62 26.10 33.83
C HIS C 30 0.09 25.07 32.84
N SER C 31 -1.03 25.39 32.19
CA SER C 31 -1.79 24.40 31.45
C SER C 31 -1.96 24.83 30.00
N SER C 32 -1.79 23.86 29.09
CA SER C 32 -2.17 24.00 27.69
C SER C 32 -3.25 22.93 27.43
N PHE C 33 -4.51 23.37 27.36
CA PHE C 33 -5.59 22.39 27.27
C PHE C 33 -5.55 21.63 25.95
N ARG C 34 -5.13 22.28 24.86
CA ARG C 34 -5.09 21.59 23.58
C ARG C 34 -4.06 20.48 23.54
N SER C 35 -3.24 20.32 24.60
CA SER C 35 -2.33 19.19 24.72
C SER C 35 -2.90 18.05 25.55
N VAL C 36 -3.85 18.32 26.44
CA VAL C 36 -4.37 17.30 27.35
C VAL C 36 -5.66 16.71 26.79
N ARG C 37 -6.44 17.54 26.09
CA ARG C 37 -7.73 17.11 25.57
C ARG C 37 -7.55 15.94 24.60
N PRO C 38 -8.60 15.11 24.42
CA PRO C 38 -9.94 15.24 25.00
C PRO C 38 -10.08 14.74 26.44
N LEU C 39 -11.01 15.34 27.17
CA LEU C 39 -11.31 15.00 28.55
C LEU C 39 -12.80 14.70 28.67
N GLU C 40 -13.14 13.75 29.55
CA GLU C 40 -14.55 13.40 29.71
C GLU C 40 -15.34 14.56 30.28
N ASP C 41 -14.76 15.32 31.20
CA ASP C 41 -15.44 16.46 31.81
C ASP C 41 -14.81 17.79 31.42
N GLY C 42 -13.94 17.80 30.41
CA GLY C 42 -13.42 19.03 29.87
C GLY C 42 -12.42 19.73 30.76
N PRO C 43 -12.28 21.04 30.59
CA PRO C 43 -11.35 21.80 31.44
C PRO C 43 -11.72 21.73 32.91
N LEU C 44 -13.02 21.72 33.24
CA LEU C 44 -13.44 21.53 34.62
C LEU C 44 -12.95 20.21 35.18
N GLY C 45 -12.99 19.15 34.36
CA GLY C 45 -12.50 17.86 34.84
C GLY C 45 -11.04 17.90 35.22
N LEU C 46 -10.23 18.65 34.49
CA LEU C 46 -8.82 18.76 34.83
C LEU C 46 -8.64 19.49 36.15
N ILE C 47 -9.41 20.55 36.37
CA ILE C 47 -9.36 21.26 37.66
C ILE C 47 -9.83 20.33 38.77
N GLU C 48 -10.97 19.65 38.56
CA GLU C 48 -11.50 18.75 39.57
C GLU C 48 -10.51 17.64 39.89
N ALA C 49 -9.95 17.02 38.86
CA ALA C 49 -8.93 16.00 39.10
C ALA C 49 -7.72 16.58 39.81
N LEU C 50 -7.37 17.83 39.50
CA LEU C 50 -6.27 18.48 40.21
C LEU C 50 -6.60 18.66 41.68
N ARG C 51 -7.76 19.26 41.97
CA ARG C 51 -8.16 19.49 43.35
C ARG C 51 -8.29 18.19 44.12
N ALA C 52 -8.78 17.13 43.45
CA ALA C 52 -8.96 15.85 44.13
C ALA C 52 -7.63 15.20 44.46
N ALA C 53 -6.62 15.36 43.60
CA ALA C 53 -5.31 14.81 43.88
C ALA C 53 -4.63 15.54 45.02
N LEU C 54 -4.89 16.84 45.17
CA LEU C 54 -4.31 17.60 46.28
C LEU C 54 -5.04 17.31 47.58
N GLY C 55 -6.35 17.18 47.55
CA GLY C 55 -7.14 17.04 48.74
C GLY C 55 -7.61 18.39 49.25
N PRO C 56 -8.46 18.38 50.27
CA PRO C 56 -8.96 19.65 50.81
C PRO C 56 -7.87 20.53 51.40
N GLY C 57 -6.79 19.94 51.91
CA GLY C 57 -5.69 20.72 52.46
C GLY C 57 -4.76 21.32 51.42
N GLY C 58 -4.74 20.76 50.21
CA GLY C 58 -3.89 21.31 49.18
C GLY C 58 -4.42 22.63 48.63
N THR C 59 -3.50 23.39 48.04
CA THR C 59 -3.83 24.67 47.43
C THR C 59 -3.33 24.67 45.99
N LEU C 60 -4.25 24.81 45.05
CA LEU C 60 -3.94 24.81 43.63
C LEU C 60 -3.83 26.25 43.14
N VAL C 61 -2.65 26.63 42.66
CA VAL C 61 -2.38 27.98 42.18
C VAL C 61 -2.26 27.95 40.66
N MET C 62 -2.77 28.99 40.00
CA MET C 62 -2.72 29.11 38.56
C MET C 62 -2.66 30.58 38.20
N PRO C 63 -1.87 30.96 37.19
CA PRO C 63 -1.78 32.36 36.82
C PRO C 63 -3.08 32.85 36.19
N SER C 64 -3.38 34.13 36.43
CA SER C 64 -4.66 34.68 35.98
C SER C 64 -4.52 36.13 35.52
N TRP C 65 -3.33 36.55 35.11
CA TRP C 65 -3.12 37.93 34.72
C TRP C 65 -3.89 38.26 33.45
N SER C 66 -4.18 39.56 33.28
CA SER C 66 -5.02 40.00 32.18
C SER C 66 -4.24 40.13 30.88
N GLY C 67 -3.02 40.65 30.94
CA GLY C 67 -2.26 40.91 29.74
C GLY C 67 -2.63 42.20 29.04
N LEU C 68 -3.47 43.03 29.66
CA LEU C 68 -3.88 44.32 29.10
C LEU C 68 -3.12 45.43 29.81
N ASP C 69 -2.40 46.24 29.04
CA ASP C 69 -1.58 47.31 29.61
C ASP C 69 -2.36 48.62 29.76
N ASP C 70 -3.49 48.76 29.07
CA ASP C 70 -4.25 50.00 29.08
C ASP C 70 -5.65 49.81 29.66
N GLU C 71 -5.89 48.71 30.37
CA GLU C 71 -7.18 48.43 30.98
C GLU C 71 -6.94 48.01 32.42
N PRO C 72 -7.63 48.62 33.38
CA PRO C 72 -7.44 48.23 34.79
C PRO C 72 -8.03 46.85 35.05
N PHE C 73 -7.57 46.25 36.14
CA PHE C 73 -7.90 44.87 36.48
C PHE C 73 -8.97 44.82 37.56
N ASP C 74 -9.94 43.92 37.38
CA ASP C 74 -10.98 43.65 38.37
C ASP C 74 -11.01 42.15 38.60
N PRO C 75 -10.68 41.67 39.81
CA PRO C 75 -10.58 40.21 40.02
C PRO C 75 -11.89 39.48 39.78
N ALA C 76 -13.02 40.18 39.76
CA ALA C 76 -14.30 39.53 39.59
C ALA C 76 -14.73 39.44 38.13
N THR C 77 -14.18 40.27 37.24
CA THR C 77 -14.69 40.35 35.87
C THR C 77 -13.60 40.16 34.83
N SER C 78 -12.39 40.61 35.12
CA SER C 78 -11.33 40.67 34.14
C SER C 78 -10.96 39.28 33.63
N PRO C 79 -11.09 39.01 32.32
CA PRO C 79 -10.71 37.69 31.80
C PRO C 79 -9.20 37.52 31.76
N VAL C 80 -8.76 36.28 31.97
CA VAL C 80 -7.36 35.95 31.79
C VAL C 80 -7.00 36.07 30.31
N THR C 81 -5.75 36.43 30.05
CA THR C 81 -5.31 36.55 28.67
C THR C 81 -5.45 35.21 27.97
N PRO C 82 -6.01 35.17 26.75
CA PRO C 82 -6.23 33.88 26.08
C PRO C 82 -4.95 33.09 25.84
N ASP C 83 -3.77 33.67 26.06
CA ASP C 83 -2.50 32.97 25.91
C ASP C 83 -2.15 32.10 27.11
N LEU C 84 -3.02 32.05 28.13
CA LEU C 84 -2.78 31.25 29.32
C LEU C 84 -3.64 29.99 29.37
N GLY C 85 -4.56 29.83 28.42
CA GLY C 85 -5.35 28.62 28.33
C GLY C 85 -6.73 28.77 28.94
N VAL C 86 -7.63 27.87 28.52
CA VAL C 86 -9.00 27.90 29.00
C VAL C 86 -9.07 27.46 30.45
N VAL C 87 -8.15 26.62 30.90
CA VAL C 87 -8.15 26.16 32.29
C VAL C 87 -7.92 27.34 33.23
N SER C 88 -7.07 28.28 32.83
CA SER C 88 -6.80 29.44 33.67
C SER C 88 -8.00 30.39 33.72
N ASP C 89 -8.64 30.62 32.57
CA ASP C 89 -9.78 31.52 32.54
C ASP C 89 -10.98 30.94 33.28
N THR C 90 -11.10 29.62 33.30
CA THR C 90 -12.21 28.97 33.98
C THR C 90 -11.97 28.76 35.47
N PHE C 91 -10.70 28.61 35.87
CA PHE C 91 -10.39 28.28 37.26
C PHE C 91 -10.83 29.39 38.21
N TRP C 92 -10.49 30.65 37.91
CA TRP C 92 -10.73 31.74 38.84
C TRP C 92 -12.20 32.08 39.03
N ARG C 93 -13.08 31.60 38.16
CA ARG C 93 -14.50 31.91 38.26
C ARG C 93 -15.26 30.89 39.10
N LEU C 94 -14.61 29.83 39.55
CA LEU C 94 -15.28 28.78 40.29
C LEU C 94 -15.44 29.18 41.76
N PRO C 95 -16.32 28.53 42.51
CA PRO C 95 -16.55 28.94 43.90
C PRO C 95 -15.29 28.86 44.76
N ASN C 96 -15.08 29.89 45.57
CA ASN C 96 -14.11 29.93 46.66
C ASN C 96 -12.66 29.90 46.19
N VAL C 97 -12.38 30.31 44.96
CA VAL C 97 -11.00 30.45 44.50
C VAL C 97 -10.64 31.93 44.57
N LYS C 98 -9.53 32.24 45.24
CA LYS C 98 -9.13 33.62 45.43
C LYS C 98 -8.27 34.08 44.27
N ARG C 99 -8.28 35.39 44.04
CA ARG C 99 -7.59 35.99 42.90
C ARG C 99 -6.97 37.31 43.33
N SER C 100 -5.78 37.60 42.81
CA SER C 100 -5.09 38.84 43.13
C SER C 100 -5.83 40.03 42.53
N ALA C 101 -5.58 41.21 43.12
CA ALA C 101 -6.26 42.42 42.70
C ALA C 101 -5.35 43.35 41.92
N HIS C 102 -4.60 42.81 40.98
CA HIS C 102 -3.73 43.62 40.12
C HIS C 102 -3.66 42.95 38.75
N PRO C 103 -3.24 43.69 37.71
CA PRO C 103 -3.23 43.11 36.36
C PRO C 103 -2.24 41.97 36.17
N PHE C 104 -1.40 41.66 37.16
CA PHE C 104 -0.50 40.52 37.10
C PHE C 104 -0.97 39.41 38.03
N ALA C 105 -2.28 39.18 38.06
CA ALA C 105 -2.91 38.38 39.10
C ALA C 105 -2.68 36.89 38.90
N PHE C 106 -2.72 36.16 40.02
CA PHE C 106 -2.81 34.71 40.04
C PHE C 106 -4.12 34.31 40.71
N ALA C 107 -4.48 33.03 40.57
CA ALA C 107 -5.64 32.47 41.23
C ALA C 107 -5.19 31.29 42.09
N ALA C 108 -5.70 31.23 43.31
CA ALA C 108 -5.37 30.14 44.23
C ALA C 108 -6.63 29.71 44.96
N ALA C 109 -6.77 28.40 45.15
CA ALA C 109 -7.90 27.81 45.87
C ALA C 109 -7.35 26.80 46.87
N GLY C 110 -7.71 26.98 48.14
CA GLY C 110 -7.23 26.11 49.19
C GLY C 110 -7.00 26.85 50.48
N PRO C 111 -6.55 26.14 51.51
CA PRO C 111 -6.31 26.80 52.81
C PRO C 111 -5.23 27.87 52.75
N GLN C 112 -4.18 27.66 51.96
CA GLN C 112 -3.11 28.62 51.83
C GLN C 112 -3.36 29.65 50.73
N ALA C 113 -4.52 29.60 50.08
CA ALA C 113 -4.80 30.51 48.98
C ALA C 113 -4.63 31.98 49.37
N GLU C 114 -4.95 32.32 50.62
CA GLU C 114 -4.82 33.71 51.05
C GLU C 114 -3.37 34.16 51.06
N GLN C 115 -2.48 33.36 51.64
CA GLN C 115 -1.07 33.72 51.71
C GLN C 115 -0.41 33.79 50.33
N ILE C 116 -1.05 33.26 49.29
CA ILE C 116 -0.43 33.17 47.99
C ILE C 116 -0.65 34.43 47.16
N ILE C 117 -1.83 35.04 47.25
CA ILE C 117 -2.21 36.07 46.29
C ILE C 117 -2.70 37.35 46.94
N SER C 118 -2.38 37.55 48.22
CA SER C 118 -2.92 38.70 48.95
C SER C 118 -2.08 39.96 48.80
N ASP C 119 -1.03 39.94 48.00
CA ASP C 119 -0.15 41.09 47.90
C ASP C 119 -0.68 42.12 46.91
N PRO C 120 -0.33 43.39 47.09
CA PRO C 120 -0.70 44.40 46.10
C PRO C 120 0.10 44.26 44.82
N LEU C 121 -0.10 45.18 43.88
CA LEU C 121 0.52 45.11 42.57
C LEU C 121 2.04 45.03 42.70
N PRO C 122 2.69 43.96 42.22
CA PRO C 122 4.15 43.86 42.36
C PRO C 122 4.89 44.34 41.12
N LEU C 123 5.97 45.11 41.34
CA LEU C 123 6.83 45.57 40.27
C LEU C 123 8.25 45.08 40.52
N PRO C 124 8.85 44.30 39.59
CA PRO C 124 8.30 43.75 38.35
C PRO C 124 7.23 42.68 38.63
N PRO C 125 6.48 42.25 37.60
CA PRO C 125 5.36 41.34 37.84
C PRO C 125 5.69 40.09 38.64
N HIS C 126 6.94 39.62 38.60
CA HIS C 126 7.29 38.40 39.31
C HIS C 126 8.40 38.64 40.32
N SER C 127 8.24 39.67 41.14
CA SER C 127 9.17 40.01 42.18
C SER C 127 9.07 39.00 43.33
N PRO C 128 9.84 39.19 44.40
CA PRO C 128 9.40 38.68 45.69
C PRO C 128 8.14 39.41 46.12
N ALA C 129 7.43 38.83 47.09
CA ALA C 129 6.12 39.33 47.49
C ALA C 129 5.16 39.36 46.31
N SER C 130 5.36 38.44 45.37
CA SER C 130 4.52 38.15 44.21
C SER C 130 3.91 36.75 44.37
N PRO C 131 2.75 36.49 43.77
CA PRO C 131 2.15 35.15 43.88
C PRO C 131 3.09 34.02 43.51
N VAL C 132 3.93 34.20 42.49
CA VAL C 132 4.88 33.14 42.14
C VAL C 132 5.93 32.99 43.25
N ALA C 133 6.24 34.08 43.96
CA ALA C 133 7.27 34.01 44.99
C ALA C 133 6.72 33.47 46.29
N ARG C 134 5.45 33.75 46.59
CA ARG C 134 4.83 33.16 47.77
C ARG C 134 4.61 31.66 47.60
N VAL C 135 4.49 31.19 46.35
CA VAL C 135 4.53 29.75 46.11
C VAL C 135 5.91 29.20 46.44
N HIS C 136 6.97 29.96 46.12
CA HIS C 136 8.32 29.50 46.39
C HIS C 136 8.60 29.45 47.88
N GLU C 137 8.12 30.45 48.63
CA GLU C 137 8.35 30.45 50.07
C GLU C 137 7.49 29.44 50.80
N LEU C 138 6.43 28.94 50.17
CA LEU C 138 5.59 27.91 50.75
C LEU C 138 6.00 26.51 50.30
N ASP C 139 7.12 26.39 49.58
CA ASP C 139 7.68 25.10 49.16
C ASP C 139 6.72 24.32 48.26
N GLY C 140 6.09 25.04 47.33
CA GLY C 140 5.14 24.43 46.42
C GLY C 140 5.78 23.66 45.28
N GLN C 141 4.93 23.04 44.48
CA GLN C 141 5.36 22.29 43.31
C GLN C 141 4.88 22.99 42.04
N VAL C 142 5.70 22.97 41.01
CA VAL C 142 5.35 23.56 39.72
C VAL C 142 5.00 22.43 38.77
N LEU C 143 3.82 22.51 38.17
CA LEU C 143 3.36 21.53 37.19
C LEU C 143 3.25 22.22 35.83
N LEU C 144 4.22 21.94 34.96
CA LEU C 144 4.13 22.34 33.57
C LEU C 144 3.35 21.27 32.81
N LEU C 145 2.20 21.66 32.27
CA LEU C 145 1.19 20.73 31.78
C LEU C 145 0.90 21.05 30.31
N GLY C 146 1.61 20.40 29.40
CA GLY C 146 1.47 20.65 27.99
C GLY C 146 2.26 21.84 27.48
N VAL C 147 3.10 22.43 28.31
CA VAL C 147 3.89 23.61 27.94
C VAL C 147 5.30 23.42 28.45
N GLY C 148 6.27 23.89 27.69
CA GLY C 148 7.66 23.80 28.09
C GLY C 148 7.98 24.81 29.19
N HIS C 149 9.28 24.96 29.44
CA HIS C 149 9.74 25.89 30.46
C HIS C 149 9.56 27.35 30.06
N ASP C 150 9.19 27.62 28.80
CA ASP C 150 8.96 29.00 28.37
C ASP C 150 7.76 29.62 29.07
N ALA C 151 6.88 28.80 29.66
CA ALA C 151 5.76 29.30 30.45
C ALA C 151 6.02 29.21 31.94
N ASN C 152 7.14 28.62 32.36
CA ASN C 152 7.46 28.51 33.78
C ASN C 152 7.87 29.86 34.33
N THR C 153 6.90 30.64 34.81
CA THR C 153 7.17 31.99 35.28
C THR C 153 8.01 32.01 36.56
N THR C 154 8.23 30.86 37.19
CA THR C 154 9.12 30.81 38.34
C THR C 154 10.55 31.13 37.95
N LEU C 155 10.91 30.90 36.67
CA LEU C 155 12.25 31.24 36.20
C LEU C 155 12.44 32.74 36.11
N ALA C 156 11.38 33.50 35.82
CA ALA C 156 11.47 34.95 35.86
C ALA C 156 11.68 35.44 37.28
N LEU C 157 11.16 34.71 38.28
CA LEU C 157 11.45 35.06 39.66
C LEU C 157 12.93 34.91 39.96
N ALA C 158 13.56 33.84 39.47
CA ALA C 158 14.98 33.65 39.69
C ALA C 158 15.80 34.75 39.03
N GLU C 159 15.33 35.29 37.90
CA GLU C 159 16.04 36.40 37.26
C GLU C 159 16.13 37.60 38.19
N LEU C 160 15.04 37.91 38.90
CA LEU C 160 15.01 39.12 39.71
C LEU C 160 15.83 38.97 40.99
N MET C 161 15.86 37.78 41.59
CA MET C 161 16.71 37.63 42.77
C MET C 161 18.18 37.47 42.41
N ALA C 162 18.49 37.13 41.17
CA ALA C 162 19.86 37.25 40.68
C ALA C 162 20.24 38.69 40.38
N LYS C 163 19.27 39.61 40.39
CA LYS C 163 19.46 40.99 39.96
C LYS C 163 20.18 41.03 38.61
N VAL C 164 19.45 40.56 37.60
CA VAL C 164 19.95 40.50 36.24
C VAL C 164 20.09 41.92 35.73
N PRO C 165 21.08 42.21 34.88
CA PRO C 165 21.31 43.61 34.48
C PRO C 165 20.26 44.15 33.52
N TYR C 166 19.63 43.29 32.74
CA TYR C 166 18.69 43.76 31.72
C TYR C 166 17.34 44.11 32.34
N GLY C 167 16.76 45.21 31.88
CA GLY C 167 15.47 45.66 32.34
C GLY C 167 14.78 46.53 31.32
N VAL C 168 13.84 45.94 30.56
CA VAL C 168 13.15 46.65 29.48
C VAL C 168 11.96 47.40 30.08
N PRO C 169 11.64 48.61 29.61
CA PRO C 169 10.51 49.34 30.17
C PRO C 169 9.20 48.88 29.57
N ARG C 170 8.23 48.58 30.43
CA ARG C 170 6.85 48.35 30.00
C ARG C 170 5.92 49.11 30.94
N HIS C 171 4.62 48.86 30.85
CA HIS C 171 3.68 49.54 31.72
C HIS C 171 2.41 48.70 31.88
N CYS C 172 1.76 48.89 33.03
CA CYS C 172 0.41 48.41 33.25
C CYS C 172 -0.45 49.61 33.61
N THR C 173 -1.52 49.42 34.37
CA THR C 173 -2.25 50.57 34.90
C THR C 173 -3.08 50.15 36.11
N ILE C 174 -3.66 51.17 36.73
CA ILE C 174 -4.26 51.06 38.06
C ILE C 174 -5.33 52.13 38.15
N LEU C 175 -6.29 51.97 39.06
CA LEU C 175 -7.21 53.03 39.39
C LEU C 175 -6.87 53.54 40.78
N GLN C 176 -6.55 54.83 40.88
CA GLN C 176 -6.23 55.40 42.18
C GLN C 176 -7.25 56.46 42.50
N ASP C 177 -8.35 56.03 43.12
CA ASP C 177 -9.44 56.89 43.54
C ASP C 177 -10.00 57.76 42.40
N GLY C 178 -10.36 57.15 41.28
CA GLY C 178 -11.03 57.93 40.27
C GLY C 178 -10.42 58.19 38.94
N LYS C 179 -9.36 57.47 38.58
CA LYS C 179 -8.81 57.75 37.26
C LYS C 179 -7.62 56.90 36.80
N LEU C 180 -7.80 56.28 35.64
CA LEU C 180 -6.79 55.48 34.97
C LEU C 180 -5.45 56.13 35.25
N VAL C 181 -4.46 55.32 35.59
CA VAL C 181 -3.13 55.83 35.92
C VAL C 181 -2.10 54.87 35.35
N ARG C 182 -1.36 55.32 34.34
CA ARG C 182 -0.33 54.47 33.74
C ARG C 182 0.86 54.33 34.68
N VAL C 183 1.26 53.09 34.96
CA VAL C 183 2.36 52.79 35.85
C VAL C 183 3.53 52.25 35.03
N ASP C 184 4.65 52.95 35.07
CA ASP C 184 5.83 52.55 34.33
C ASP C 184 6.82 51.86 35.25
N TYR C 185 7.40 50.77 34.77
CA TYR C 185 8.33 49.97 35.55
C TYR C 185 9.33 49.33 34.59
N LEU C 186 10.37 48.72 35.17
CA LEU C 186 11.37 47.99 34.43
C LEU C 186 11.20 46.50 34.67
N GLU C 187 11.13 45.73 33.59
CA GLU C 187 10.84 44.31 33.67
C GLU C 187 11.86 43.53 32.86
N ASN C 188 12.12 42.29 33.27
CA ASN C 188 13.06 41.38 32.62
C ASN C 188 12.41 40.61 31.47
N ASP C 189 11.77 41.33 30.54
CA ASP C 189 11.13 40.68 29.40
C ASP C 189 12.15 40.30 28.35
N HIS C 190 11.97 39.12 27.77
CA HIS C 190 12.72 38.70 26.59
C HIS C 190 11.90 37.63 25.88
N CYS C 191 12.55 36.83 25.04
CA CYS C 191 11.82 35.83 24.26
C CYS C 191 11.29 34.70 25.14
N CYS C 192 11.98 34.41 26.25
CA CYS C 192 11.75 33.29 27.15
C CYS C 192 11.93 31.93 26.49
N GLU C 193 12.24 31.88 25.19
CA GLU C 193 12.43 30.61 24.49
C GLU C 193 13.65 29.86 25.01
N ARG C 194 14.59 30.55 25.64
CA ARG C 194 15.74 29.91 26.24
C ARG C 194 15.51 29.56 27.70
N PHE C 195 14.25 29.63 28.16
CA PHE C 195 13.91 29.00 29.44
C PHE C 195 13.88 27.49 29.32
N ALA C 196 13.53 26.97 28.13
CA ALA C 196 13.59 25.52 27.89
C ALA C 196 15.00 24.98 28.06
N LEU C 197 16.01 25.86 28.04
CA LEU C 197 17.36 25.47 28.40
C LEU C 197 17.41 24.88 29.80
N ALA C 198 16.49 25.28 30.68
CA ALA C 198 16.43 24.78 32.05
C ALA C 198 15.89 23.36 32.15
N ASP C 199 15.45 22.76 31.04
CA ASP C 199 14.93 21.40 31.11
C ASP C 199 16.06 20.40 31.27
N ARG C 200 17.10 20.52 30.44
CA ARG C 200 18.28 19.68 30.65
C ARG C 200 18.96 20.02 31.97
N TRP C 201 18.85 21.27 32.42
CA TRP C 201 19.38 21.68 33.71
C TRP C 201 18.86 20.77 34.83
N LEU C 202 17.57 20.90 35.15
CA LEU C 202 16.99 20.14 36.26
C LEU C 202 17.04 18.64 36.03
N LYS C 203 17.02 18.20 34.77
CA LYS C 203 17.04 16.77 34.48
C LYS C 203 18.35 16.12 34.90
N GLU C 204 19.43 16.90 34.93
CA GLU C 204 20.76 16.36 35.27
C GLU C 204 21.02 16.30 36.76
N LYS C 205 20.21 16.97 37.58
CA LYS C 205 20.36 16.94 39.04
C LYS C 205 19.23 16.18 39.71
N SER C 206 18.48 15.38 38.95
CA SER C 206 17.39 14.56 39.48
C SER C 206 16.34 15.43 40.19
N LEU C 207 15.92 16.49 39.51
CA LEU C 207 14.98 17.44 40.10
C LEU C 207 13.67 17.56 39.34
N GLN C 208 13.55 16.95 38.16
CA GLN C 208 12.35 17.08 37.33
C GLN C 208 11.72 15.70 37.13
N LYS C 209 10.47 15.56 37.54
CA LYS C 209 9.68 14.36 37.27
C LYS C 209 8.82 14.61 36.04
N GLU C 210 8.68 13.57 35.21
CA GLU C 210 7.94 13.68 33.97
C GLU C 210 7.03 12.47 33.81
N GLY C 211 5.86 12.71 33.22
CA GLY C 211 4.91 11.65 33.00
C GLY C 211 3.68 12.15 32.26
N PRO C 212 2.75 11.25 31.98
CA PRO C 212 1.52 11.63 31.26
C PRO C 212 0.44 12.16 32.20
N VAL C 213 -0.19 13.24 31.75
CA VAL C 213 -1.39 13.78 32.38
C VAL C 213 -2.39 13.99 31.25
N GLY C 214 -3.44 13.19 31.24
CA GLY C 214 -4.35 13.22 30.10
C GLY C 214 -3.60 12.78 28.86
N HIS C 215 -3.58 13.64 27.84
CA HIS C 215 -2.86 13.36 26.61
C HIS C 215 -1.55 14.15 26.50
N ALA C 216 -1.27 15.02 27.46
CA ALA C 216 -0.10 15.89 27.39
C ALA C 216 1.09 15.28 28.12
N PHE C 217 2.27 15.76 27.74
CA PHE C 217 3.50 15.44 28.44
C PHE C 217 3.71 16.46 29.55
N ALA C 218 3.79 16.00 30.78
CA ALA C 218 3.86 16.88 31.94
C ALA C 218 5.24 16.83 32.59
N ARG C 219 5.64 17.96 33.17
CA ARG C 219 6.90 18.09 33.88
C ARG C 219 6.61 18.65 35.27
N LEU C 220 7.08 17.94 36.30
CA LEU C 220 6.79 18.28 37.69
C LEU C 220 8.10 18.60 38.41
N ILE C 221 8.26 19.85 38.83
CA ILE C 221 9.45 20.32 39.52
C ILE C 221 9.02 21.15 40.72
N ARG C 222 9.82 21.10 41.79
CA ARG C 222 9.56 21.93 42.95
C ARG C 222 9.99 23.36 42.69
N SER C 223 9.31 24.31 43.34
CA SER C 223 9.59 25.72 43.10
C SER C 223 10.97 26.11 43.59
N ARG C 224 11.35 25.65 44.79
CA ARG C 224 12.67 25.95 45.32
C ARG C 224 13.77 25.26 44.52
N ASP C 225 13.45 24.13 43.88
CA ASP C 225 14.44 23.45 43.05
C ASP C 225 14.69 24.20 41.74
N ILE C 226 13.66 24.91 41.24
CA ILE C 226 13.82 25.68 40.02
C ILE C 226 14.66 26.92 40.28
N VAL C 227 14.38 27.63 41.38
CA VAL C 227 15.11 28.86 41.67
C VAL C 227 16.56 28.56 42.04
N ALA C 228 16.82 27.42 42.69
CA ALA C 228 18.18 27.10 43.09
C ALA C 228 19.03 26.74 41.89
N THR C 229 18.45 26.04 40.91
CA THR C 229 19.21 25.67 39.72
C THR C 229 19.44 26.87 38.82
N ALA C 230 18.42 27.73 38.65
CA ALA C 230 18.57 28.89 37.80
C ALA C 230 19.54 29.90 38.41
N LEU C 231 19.42 30.16 39.71
CA LEU C 231 20.34 31.09 40.36
C LEU C 231 21.76 30.55 40.37
N GLY C 232 21.91 29.23 40.53
CA GLY C 232 23.24 28.64 40.57
C GLY C 232 24.02 28.82 39.30
N GLN C 233 23.33 28.96 38.17
CA GLN C 233 23.98 29.20 36.89
C GLN C 233 23.75 30.62 36.36
N LEU C 234 22.77 31.35 36.90
CA LEU C 234 22.74 32.79 36.67
C LEU C 234 23.91 33.50 37.35
N GLY C 235 24.58 32.84 38.29
CA GLY C 235 25.75 33.41 38.92
C GLY C 235 26.99 33.38 38.05
N ARG C 236 27.14 32.30 37.24
CA ARG C 236 28.24 32.22 36.28
C ARG C 236 27.98 33.04 35.02
N ASP C 237 26.74 33.53 34.85
CA ASP C 237 26.38 34.37 33.72
C ASP C 237 25.06 35.06 34.07
N PRO C 238 25.01 36.39 34.17
CA PRO C 238 23.74 37.05 34.48
C PRO C 238 22.73 37.01 33.35
N LEU C 239 23.12 36.63 32.12
CA LEU C 239 22.24 36.71 30.97
C LEU C 239 22.41 35.45 30.10
N ILE C 240 21.99 34.31 30.65
CA ILE C 240 21.85 33.11 29.83
C ILE C 240 20.50 33.08 29.14
N PHE C 241 19.46 33.57 29.78
CA PHE C 241 18.13 33.41 29.19
C PHE C 241 17.90 34.27 27.93
N LEU C 242 18.93 34.88 27.34
CA LEU C 242 18.79 35.75 26.19
C LEU C 242 19.55 35.16 25.01
N HIS C 243 18.96 35.28 23.82
CA HIS C 243 19.61 34.82 22.60
C HIS C 243 20.83 35.69 22.30
N PRO C 244 21.87 35.11 21.71
CA PRO C 244 23.03 35.91 21.28
C PRO C 244 22.64 36.82 20.13
N PRO C 245 23.39 37.91 19.91
CA PRO C 245 23.02 38.85 18.84
C PRO C 245 23.04 38.23 17.45
N GLU C 246 23.75 37.12 17.25
CA GLU C 246 23.78 36.50 15.94
C GLU C 246 22.42 35.92 15.56
N ALA C 247 21.63 35.47 16.54
CA ALA C 247 20.32 34.90 16.24
C ALA C 247 19.31 35.94 15.79
N GLY C 248 19.59 37.23 15.98
CA GLY C 248 18.69 38.26 15.49
C GLY C 248 17.34 38.28 16.17
N CYS C 249 17.31 38.01 17.48
CA CYS C 249 16.05 38.03 18.20
C CYS C 249 15.60 39.47 18.44
N GLU C 250 14.31 39.72 18.22
CA GLU C 250 13.78 41.07 18.32
C GLU C 250 13.74 41.53 19.78
N GLU C 251 13.19 40.70 20.67
CA GLU C 251 13.02 41.10 22.06
C GLU C 251 14.27 40.89 22.90
N CYS C 252 15.06 39.86 22.60
CA CYS C 252 16.27 39.62 23.38
C CYS C 252 17.29 40.73 23.17
N ASP C 253 17.45 41.19 21.93
CA ASP C 253 18.35 42.31 21.67
C ASP C 253 17.86 43.59 22.35
N ALA C 254 16.54 43.77 22.44
CA ALA C 254 16.02 44.93 23.14
C ALA C 254 16.38 44.90 24.62
N ALA C 255 16.51 43.71 25.20
CA ALA C 255 16.87 43.59 26.61
C ALA C 255 18.37 43.78 26.84
N ARG C 256 19.20 43.36 25.90
CA ARG C 256 20.64 43.52 26.07
C ARG C 256 21.05 45.00 25.99
N GLN C 257 20.33 45.79 25.20
CA GLN C 257 20.62 47.23 25.15
C GLN C 257 20.48 47.87 26.53
N SER C 258 19.49 47.44 27.30
CA SER C 258 19.28 47.97 28.64
C SER C 258 20.32 47.44 29.62
N ILE C 259 21.52 47.16 29.10
CA ILE C 259 22.68 46.71 29.88
C ILE C 259 22.31 45.56 30.82
N GLY D 2 9.37 -11.89 -15.27
CA GLY D 2 9.76 -10.52 -15.52
C GLY D 2 11.12 -10.37 -16.16
N MET D 3 12.17 -10.35 -15.31
CA MET D 3 13.57 -10.24 -15.76
C MET D 3 14.39 -11.23 -14.92
N GLN D 4 14.34 -12.49 -15.30
CA GLN D 4 14.98 -13.56 -14.54
C GLN D 4 16.32 -13.94 -15.16
N TYR D 5 17.11 -14.68 -14.39
CA TYR D 5 18.48 -15.00 -14.78
C TYR D 5 18.49 -16.14 -15.79
N GLU D 6 19.13 -15.91 -16.92
CA GLU D 6 19.30 -16.93 -17.95
C GLU D 6 20.62 -17.65 -17.69
N TRP D 7 20.53 -18.88 -17.18
CA TRP D 7 21.71 -19.63 -16.76
C TRP D 7 22.56 -20.02 -17.96
N ARG D 8 23.86 -19.77 -17.86
CA ARG D 8 24.79 -20.26 -18.88
C ARG D 8 24.93 -21.77 -18.76
N LYS D 9 25.57 -22.36 -19.78
CA LYS D 9 25.75 -23.80 -19.79
C LYS D 9 26.65 -24.26 -18.64
N ALA D 10 27.72 -23.53 -18.37
CA ALA D 10 28.69 -23.96 -17.37
C ALA D 10 28.07 -24.02 -15.99
N GLU D 11 27.17 -23.09 -15.68
CA GLU D 11 26.54 -23.07 -14.37
C GLU D 11 25.53 -24.21 -14.21
N LEU D 12 24.74 -24.46 -15.26
CA LEU D 12 23.84 -25.61 -15.23
C LEU D 12 24.61 -26.91 -14.98
N ILE D 13 25.78 -27.05 -15.59
CA ILE D 13 26.62 -28.21 -15.32
C ILE D 13 26.96 -28.29 -13.84
N GLY D 14 27.42 -27.17 -13.27
CA GLY D 14 27.76 -27.14 -11.86
C GLY D 14 26.58 -27.47 -10.97
N GLN D 15 25.39 -26.98 -11.34
CA GLN D 15 24.17 -27.35 -10.63
C GLN D 15 23.95 -28.85 -10.69
N LEU D 16 24.03 -29.44 -11.88
CA LEU D 16 23.80 -30.88 -12.02
C LEU D 16 24.83 -31.67 -11.24
N LEU D 17 26.08 -31.19 -11.21
CA LEU D 17 27.10 -31.91 -10.47
C LEU D 17 26.99 -31.66 -8.97
N ASN D 18 26.61 -30.44 -8.57
CA ASN D 18 26.32 -30.20 -7.16
C ASN D 18 25.09 -30.98 -6.72
N LEU D 19 24.13 -31.20 -7.62
CA LEU D 19 22.99 -32.05 -7.31
C LEU D 19 23.43 -33.48 -7.05
N GLY D 20 24.40 -33.98 -7.82
CA GLY D 20 24.94 -35.31 -7.60
C GLY D 20 24.91 -36.19 -8.83
N VAL D 21 24.71 -35.59 -10.00
CA VAL D 21 24.72 -36.36 -11.24
C VAL D 21 26.09 -36.99 -11.42
N THR D 22 26.10 -38.28 -11.71
CA THR D 22 27.35 -39.03 -11.80
C THR D 22 27.86 -39.01 -13.24
N PRO D 23 29.03 -38.45 -13.49
CA PRO D 23 29.62 -38.57 -14.83
C PRO D 23 29.94 -40.02 -15.15
N GLY D 24 29.59 -40.45 -16.36
CA GLY D 24 29.84 -41.80 -16.82
C GLY D 24 28.67 -42.74 -16.63
N GLY D 25 27.76 -42.45 -15.69
CA GLY D 25 26.61 -43.31 -15.46
C GLY D 25 25.47 -42.99 -16.40
N VAL D 26 24.42 -43.79 -16.30
CA VAL D 26 23.22 -43.59 -17.10
C VAL D 26 22.23 -42.76 -16.30
N LEU D 27 21.59 -41.80 -16.97
CA LEU D 27 20.70 -40.86 -16.30
C LEU D 27 19.45 -40.64 -17.14
N LEU D 28 18.30 -40.97 -16.57
CA LEU D 28 17.02 -40.74 -17.23
C LEU D 28 16.42 -39.46 -16.66
N VAL D 29 15.99 -38.56 -17.56
CA VAL D 29 15.58 -37.22 -17.19
C VAL D 29 14.12 -37.03 -17.59
N HIS D 30 13.29 -36.71 -16.61
CA HIS D 30 11.95 -36.17 -16.86
C HIS D 30 12.01 -34.67 -16.64
N SER D 31 11.48 -33.91 -17.59
CA SER D 31 11.71 -32.48 -17.62
C SER D 31 10.44 -31.73 -17.96
N SER D 32 10.18 -30.65 -17.24
CA SER D 32 9.16 -29.67 -17.58
C SER D 32 9.89 -28.34 -17.76
N PHE D 33 10.10 -27.95 -19.02
CA PHE D 33 10.85 -26.73 -19.30
C PHE D 33 10.21 -25.52 -18.63
N ARG D 34 8.88 -25.48 -18.58
CA ARG D 34 8.13 -24.37 -17.97
C ARG D 34 8.76 -23.89 -16.67
N SER D 35 9.35 -24.79 -15.89
CA SER D 35 9.99 -24.40 -14.63
C SER D 35 11.50 -24.23 -14.75
N VAL D 36 12.12 -24.75 -15.81
CA VAL D 36 13.56 -24.59 -15.95
C VAL D 36 13.91 -23.23 -16.55
N ARG D 37 13.05 -22.68 -17.41
CA ARG D 37 13.32 -21.40 -18.05
C ARG D 37 13.48 -20.30 -17.02
N PRO D 38 14.21 -19.22 -17.35
CA PRO D 38 14.92 -19.08 -18.63
C PRO D 38 16.36 -19.59 -18.61
N LEU D 39 16.80 -20.15 -19.74
CA LEU D 39 18.17 -20.59 -19.93
C LEU D 39 18.77 -19.87 -21.12
N GLU D 40 20.09 -19.64 -21.07
CA GLU D 40 20.74 -18.85 -22.11
C GLU D 40 20.56 -19.47 -23.50
N ASP D 41 20.64 -20.79 -23.59
CA ASP D 41 20.53 -21.47 -24.87
C ASP D 41 19.20 -22.19 -25.06
N GLY D 42 18.22 -21.93 -24.18
CA GLY D 42 16.91 -22.50 -24.32
C GLY D 42 16.87 -23.98 -23.99
N PRO D 43 15.89 -24.69 -24.54
CA PRO D 43 15.80 -26.15 -24.28
C PRO D 43 17.06 -26.90 -24.67
N LEU D 44 17.66 -26.55 -25.81
CA LEU D 44 18.91 -27.16 -26.24
C LEU D 44 19.97 -27.07 -25.15
N GLY D 45 20.12 -25.87 -24.57
CA GLY D 45 21.14 -25.68 -23.54
C GLY D 45 20.99 -26.60 -22.36
N LEU D 46 19.75 -26.97 -22.02
CA LEU D 46 19.54 -27.95 -20.96
C LEU D 46 20.11 -29.30 -21.34
N ILE D 47 19.81 -29.77 -22.55
CA ILE D 47 20.37 -31.04 -23.02
C ILE D 47 21.88 -30.94 -23.14
N GLU D 48 22.39 -29.82 -23.67
CA GLU D 48 23.83 -29.65 -23.77
C GLU D 48 24.50 -29.74 -22.40
N ALA D 49 23.87 -29.17 -21.38
CA ALA D 49 24.44 -29.24 -20.04
C ALA D 49 24.35 -30.66 -19.48
N LEU D 50 23.23 -31.35 -19.73
CA LEU D 50 23.08 -32.72 -19.25
C LEU D 50 24.18 -33.62 -19.79
N ARG D 51 24.42 -33.56 -21.11
CA ARG D 51 25.45 -34.41 -21.70
C ARG D 51 26.84 -34.01 -21.24
N ALA D 52 27.08 -32.70 -21.06
CA ALA D 52 28.37 -32.26 -20.58
C ALA D 52 28.60 -32.68 -19.14
N ALA D 53 27.53 -32.80 -18.34
CA ALA D 53 27.68 -33.24 -16.97
C ALA D 53 28.02 -34.72 -16.90
N LEU D 54 27.31 -35.54 -17.68
CA LEU D 54 27.64 -36.96 -17.75
C LEU D 54 28.94 -37.23 -18.49
N GLY D 55 29.39 -36.28 -19.32
CA GLY D 55 30.61 -36.46 -20.07
C GLY D 55 30.42 -37.39 -21.25
N PRO D 56 31.53 -37.85 -21.83
CA PRO D 56 31.42 -38.76 -22.99
C PRO D 56 30.90 -40.13 -22.62
N GLY D 57 31.39 -40.70 -21.51
CA GLY D 57 30.96 -42.02 -21.09
C GLY D 57 29.54 -42.09 -20.56
N GLY D 58 28.93 -40.94 -20.28
CA GLY D 58 27.57 -40.94 -19.77
C GLY D 58 26.53 -41.16 -20.85
N THR D 59 25.36 -41.64 -20.42
CA THR D 59 24.26 -41.96 -21.32
C THR D 59 23.02 -41.23 -20.83
N LEU D 60 22.55 -40.27 -21.63
CA LEU D 60 21.37 -39.48 -21.29
C LEU D 60 20.15 -40.10 -21.94
N VAL D 61 19.17 -40.49 -21.12
CA VAL D 61 17.93 -41.08 -21.58
C VAL D 61 16.78 -40.17 -21.17
N MET D 62 15.78 -40.06 -22.03
CA MET D 62 14.57 -39.31 -21.74
C MET D 62 13.39 -39.99 -22.40
N PRO D 63 12.19 -39.88 -21.83
CA PRO D 63 11.02 -40.51 -22.46
C PRO D 63 10.71 -39.85 -23.79
N SER D 64 10.12 -40.62 -24.69
CA SER D 64 9.87 -40.13 -26.04
C SER D 64 8.69 -40.88 -26.67
N TRP D 65 7.61 -41.04 -25.92
CA TRP D 65 6.44 -41.70 -26.48
C TRP D 65 5.49 -40.68 -27.08
N SER D 66 4.59 -41.17 -27.95
CA SER D 66 3.71 -40.30 -28.70
C SER D 66 2.36 -40.08 -28.02
N GLY D 67 1.93 -40.99 -27.15
CA GLY D 67 0.62 -40.90 -26.56
C GLY D 67 -0.53 -41.19 -27.51
N LEU D 68 -0.26 -41.60 -28.74
CA LEU D 68 -1.29 -41.91 -29.71
C LEU D 68 -1.56 -43.41 -29.70
N ASP D 69 -2.80 -43.80 -29.44
CA ASP D 69 -3.19 -45.20 -29.42
C ASP D 69 -3.92 -45.63 -30.70
N ASP D 70 -4.18 -44.69 -31.61
CA ASP D 70 -4.80 -45.01 -32.89
C ASP D 70 -3.89 -44.72 -34.07
N GLU D 71 -2.64 -44.35 -33.83
CA GLU D 71 -1.69 -44.06 -34.89
C GLU D 71 -0.37 -44.79 -34.62
N PRO D 72 0.27 -45.31 -35.66
CA PRO D 72 1.53 -46.03 -35.47
C PRO D 72 2.69 -45.09 -35.20
N PHE D 73 3.72 -45.62 -34.56
CA PHE D 73 4.87 -44.85 -34.13
C PHE D 73 6.05 -45.08 -35.07
N ASP D 74 6.66 -43.98 -35.52
CA ASP D 74 7.86 -44.01 -36.34
C ASP D 74 8.96 -43.26 -35.58
N PRO D 75 10.08 -43.91 -35.25
CA PRO D 75 11.13 -43.23 -34.48
C PRO D 75 11.72 -42.02 -35.18
N ALA D 76 11.43 -41.80 -36.46
CA ALA D 76 12.04 -40.71 -37.19
C ALA D 76 11.11 -39.51 -37.39
N THR D 77 9.81 -39.67 -37.19
CA THR D 77 8.92 -38.54 -37.46
C THR D 77 7.90 -38.32 -36.35
N SER D 78 7.56 -39.36 -35.60
CA SER D 78 6.51 -39.25 -34.60
C SER D 78 6.93 -38.29 -33.49
N PRO D 79 6.23 -37.17 -33.30
CA PRO D 79 6.59 -36.24 -32.23
C PRO D 79 6.30 -36.83 -30.86
N VAL D 80 7.07 -36.36 -29.87
CA VAL D 80 6.78 -36.69 -28.48
C VAL D 80 5.42 -36.11 -28.10
N THR D 81 4.69 -36.82 -27.25
CA THR D 81 3.41 -36.33 -26.78
C THR D 81 3.57 -34.95 -26.15
N PRO D 82 2.61 -34.05 -26.35
CA PRO D 82 2.76 -32.68 -25.84
C PRO D 82 2.65 -32.57 -24.33
N ASP D 83 3.04 -33.63 -23.62
CA ASP D 83 3.05 -33.63 -22.17
C ASP D 83 4.43 -33.88 -21.57
N LEU D 84 5.34 -34.51 -22.31
CA LEU D 84 6.68 -34.76 -21.82
C LEU D 84 7.59 -33.56 -21.95
N GLY D 85 7.10 -32.45 -22.49
CA GLY D 85 7.85 -31.20 -22.54
C GLY D 85 8.56 -31.01 -23.86
N VAL D 86 9.00 -29.76 -24.08
CA VAL D 86 9.74 -29.44 -25.28
C VAL D 86 11.10 -30.14 -25.27
N VAL D 87 11.67 -30.34 -24.08
CA VAL D 87 12.98 -30.99 -23.99
C VAL D 87 12.91 -32.41 -24.55
N SER D 88 11.84 -33.14 -24.22
CA SER D 88 11.70 -34.50 -24.73
C SER D 88 11.51 -34.51 -26.25
N ASP D 89 10.77 -33.54 -26.78
CA ASP D 89 10.50 -33.53 -28.21
C ASP D 89 11.73 -33.14 -29.02
N THR D 90 12.64 -32.36 -28.45
CA THR D 90 13.80 -31.89 -29.20
C THR D 90 14.95 -32.90 -29.16
N PHE D 91 15.11 -33.58 -28.02
CA PHE D 91 16.29 -34.41 -27.79
C PHE D 91 16.37 -35.59 -28.75
N TRP D 92 15.22 -36.19 -29.09
CA TRP D 92 15.28 -37.42 -29.87
C TRP D 92 15.71 -37.17 -31.31
N ARG D 93 15.47 -35.98 -31.84
CA ARG D 93 15.85 -35.67 -33.21
C ARG D 93 17.24 -35.06 -33.31
N LEU D 94 18.00 -35.04 -32.22
CA LEU D 94 19.38 -34.59 -32.25
C LEU D 94 20.28 -35.66 -32.88
N PRO D 95 21.46 -35.27 -33.36
CA PRO D 95 22.35 -36.25 -34.00
C PRO D 95 22.71 -37.41 -33.08
N ASN D 96 22.61 -38.62 -33.64
CA ASN D 96 23.06 -39.85 -32.98
C ASN D 96 22.36 -40.08 -31.64
N VAL D 97 21.14 -39.58 -31.51
CA VAL D 97 20.29 -39.91 -30.37
C VAL D 97 19.41 -41.08 -30.78
N LYS D 98 19.54 -42.20 -30.07
CA LYS D 98 18.80 -43.40 -30.41
C LYS D 98 17.38 -43.33 -29.87
N ARG D 99 16.45 -43.96 -30.59
CA ARG D 99 15.04 -43.95 -30.23
C ARG D 99 14.46 -45.35 -30.45
N SER D 100 13.62 -45.78 -29.51
CA SER D 100 12.95 -47.07 -29.63
C SER D 100 11.95 -47.05 -30.78
N ALA D 101 11.55 -48.25 -31.22
CA ALA D 101 10.64 -48.39 -32.35
C ALA D 101 9.34 -49.02 -31.86
N HIS D 102 8.59 -48.25 -31.07
CA HIS D 102 7.27 -48.62 -30.58
C HIS D 102 6.65 -47.39 -29.92
N PRO D 103 5.32 -47.36 -29.78
CA PRO D 103 4.67 -46.17 -29.21
C PRO D 103 5.04 -45.86 -27.77
N PHE D 104 5.68 -46.78 -27.05
CA PHE D 104 6.19 -46.54 -25.70
C PHE D 104 7.65 -46.13 -25.70
N ALA D 105 8.11 -45.50 -26.78
CA ALA D 105 9.54 -45.35 -27.01
C ALA D 105 10.19 -44.44 -25.99
N PHE D 106 11.50 -44.64 -25.82
CA PHE D 106 12.37 -43.72 -25.11
C PHE D 106 13.43 -43.22 -26.09
N ALA D 107 14.20 -42.24 -25.65
CA ALA D 107 15.31 -41.72 -26.42
C ALA D 107 16.57 -41.70 -25.56
N ALA D 108 17.69 -42.13 -26.13
CA ALA D 108 18.92 -42.22 -25.38
C ALA D 108 20.08 -41.69 -26.23
N ALA D 109 21.14 -41.27 -25.54
CA ALA D 109 22.34 -40.76 -26.20
C ALA D 109 23.53 -41.07 -25.30
N GLY D 110 24.43 -41.93 -25.79
CA GLY D 110 25.59 -42.33 -25.03
C GLY D 110 26.10 -43.69 -25.45
N PRO D 111 27.20 -44.13 -24.85
CA PRO D 111 27.77 -45.43 -25.22
C PRO D 111 26.83 -46.59 -24.92
N GLN D 112 26.01 -46.47 -23.88
CA GLN D 112 25.06 -47.52 -23.51
C GLN D 112 23.64 -47.18 -23.96
N ALA D 113 23.50 -46.29 -24.95
CA ALA D 113 22.17 -45.96 -25.44
C ALA D 113 21.49 -47.17 -26.07
N GLU D 114 22.20 -47.88 -26.97
CA GLU D 114 21.58 -48.99 -27.69
C GLU D 114 21.11 -50.09 -26.75
N GLN D 115 21.79 -50.30 -25.63
CA GLN D 115 21.34 -51.28 -24.65
C GLN D 115 20.00 -50.92 -24.01
N ILE D 116 19.56 -49.68 -24.16
CA ILE D 116 18.40 -49.17 -23.40
C ILE D 116 17.16 -49.15 -24.27
N ILE D 117 17.33 -48.96 -25.58
CA ILE D 117 16.22 -48.69 -26.48
C ILE D 117 15.99 -49.79 -27.50
N SER D 118 16.76 -50.88 -27.46
CA SER D 118 16.68 -51.92 -28.48
C SER D 118 15.56 -52.93 -28.25
N ASP D 119 14.68 -52.71 -27.26
CA ASP D 119 13.65 -53.69 -27.01
C ASP D 119 12.42 -53.42 -27.85
N PRO D 120 11.70 -54.48 -28.28
CA PRO D 120 10.50 -54.28 -29.09
C PRO D 120 9.34 -53.78 -28.24
N LEU D 121 8.12 -53.80 -28.81
CA LEU D 121 6.91 -53.34 -28.14
C LEU D 121 6.74 -54.05 -26.80
N PRO D 122 6.94 -53.34 -25.69
CA PRO D 122 6.86 -53.99 -24.37
C PRO D 122 5.48 -53.88 -23.75
N LEU D 123 4.84 -55.01 -23.47
CA LEU D 123 3.50 -55.03 -22.88
C LEU D 123 3.58 -55.68 -21.52
N PRO D 124 3.21 -54.98 -20.42
CA PRO D 124 2.72 -53.60 -20.36
C PRO D 124 3.81 -52.58 -20.71
N PRO D 125 3.42 -51.31 -21.00
CA PRO D 125 4.40 -50.32 -21.47
C PRO D 125 5.69 -50.26 -20.66
N HIS D 126 5.56 -50.07 -19.35
CA HIS D 126 6.72 -50.01 -18.46
C HIS D 126 7.01 -51.38 -17.87
N SER D 127 7.24 -52.36 -18.72
CA SER D 127 7.46 -53.72 -18.22
C SER D 127 8.91 -54.00 -17.84
N PRO D 128 9.18 -55.22 -17.47
CA PRO D 128 10.58 -55.49 -17.59
C PRO D 128 10.91 -55.44 -19.03
N ALA D 129 12.18 -55.53 -19.28
CA ALA D 129 12.64 -55.47 -20.67
C ALA D 129 12.05 -54.28 -21.42
N SER D 130 11.70 -53.23 -20.69
CA SER D 130 11.32 -51.93 -21.21
C SER D 130 12.45 -50.94 -20.97
N PRO D 131 12.52 -49.84 -21.71
CA PRO D 131 13.59 -48.84 -21.45
C PRO D 131 13.65 -48.42 -19.99
N VAL D 132 12.49 -48.25 -19.34
CA VAL D 132 12.48 -47.96 -17.92
C VAL D 132 13.18 -49.06 -17.13
N ALA D 133 13.11 -50.31 -17.59
CA ALA D 133 13.72 -51.41 -16.86
C ALA D 133 15.22 -51.52 -17.13
N ARG D 134 15.69 -51.03 -18.27
CA ARG D 134 17.10 -51.14 -18.59
C ARG D 134 17.92 -50.12 -17.82
N VAL D 135 17.38 -48.92 -17.60
CA VAL D 135 18.09 -47.94 -16.78
C VAL D 135 18.18 -48.43 -15.34
N HIS D 136 17.19 -49.21 -14.89
CA HIS D 136 17.27 -49.75 -13.54
C HIS D 136 18.35 -50.80 -13.42
N GLU D 137 18.43 -51.71 -14.40
CA GLU D 137 19.43 -52.77 -14.35
C GLU D 137 20.85 -52.22 -14.48
N LEU D 138 21.02 -51.11 -15.21
CA LEU D 138 22.31 -50.45 -15.29
C LEU D 138 22.58 -49.53 -14.10
N ASP D 139 21.76 -49.60 -13.06
CA ASP D 139 21.87 -48.75 -11.88
C ASP D 139 21.94 -47.27 -12.28
N GLY D 140 20.81 -46.80 -12.76
CA GLY D 140 20.76 -45.44 -13.25
C GLY D 140 20.26 -44.45 -12.21
N GLN D 141 20.51 -43.19 -12.50
CA GLN D 141 19.93 -42.09 -11.74
C GLN D 141 18.78 -41.51 -12.54
N VAL D 142 17.65 -41.29 -11.89
CA VAL D 142 16.52 -40.62 -12.50
C VAL D 142 16.46 -39.22 -11.93
N LEU D 143 16.19 -38.25 -12.80
CA LEU D 143 16.28 -36.84 -12.48
C LEU D 143 15.00 -36.16 -12.92
N LEU D 144 14.22 -35.66 -11.97
CA LEU D 144 12.95 -35.03 -12.24
C LEU D 144 13.11 -33.52 -12.13
N LEU D 145 12.91 -32.82 -13.25
CA LEU D 145 13.06 -31.36 -13.33
C LEU D 145 11.67 -30.74 -13.30
N GLY D 146 11.37 -29.99 -12.24
CA GLY D 146 10.11 -29.29 -12.16
C GLY D 146 8.89 -30.18 -12.27
N VAL D 147 9.06 -31.48 -12.07
CA VAL D 147 7.96 -32.45 -12.06
C VAL D 147 8.13 -33.34 -10.86
N GLY D 148 7.03 -33.66 -10.19
CA GLY D 148 7.05 -34.55 -9.05
C GLY D 148 7.10 -36.00 -9.49
N HIS D 149 6.83 -36.89 -8.54
CA HIS D 149 6.85 -38.31 -8.83
C HIS D 149 5.66 -38.77 -9.66
N ASP D 150 4.66 -37.91 -9.86
CA ASP D 150 3.56 -38.23 -10.76
C ASP D 150 4.04 -38.54 -12.17
N ALA D 151 5.20 -38.03 -12.57
CA ALA D 151 5.82 -38.37 -13.84
C ALA D 151 7.03 -39.28 -13.67
N ASN D 152 7.20 -39.88 -12.49
CA ASN D 152 8.30 -40.81 -12.24
C ASN D 152 7.89 -42.16 -12.81
N THR D 153 8.26 -42.40 -14.07
CA THR D 153 7.84 -43.61 -14.76
C THR D 153 8.39 -44.86 -14.08
N THR D 154 9.58 -44.77 -13.49
CA THR D 154 10.17 -45.92 -12.80
C THR D 154 9.29 -46.45 -11.69
N LEU D 155 8.41 -45.61 -11.11
CA LEU D 155 7.49 -46.08 -10.09
C LEU D 155 6.40 -46.97 -10.69
N ALA D 156 5.99 -46.69 -11.92
CA ALA D 156 5.02 -47.56 -12.59
C ALA D 156 5.60 -48.95 -12.81
N LEU D 157 6.91 -49.06 -13.00
CA LEU D 157 7.57 -50.36 -13.08
C LEU D 157 7.47 -51.10 -11.75
N ALA D 158 7.81 -50.41 -10.66
CA ALA D 158 7.78 -51.05 -9.34
C ALA D 158 6.42 -51.67 -9.05
N GLU D 159 5.37 -51.13 -9.64
CA GLU D 159 4.10 -51.81 -9.60
C GLU D 159 4.20 -53.20 -10.22
N LEU D 160 4.61 -53.26 -11.49
CA LEU D 160 4.68 -54.54 -12.19
C LEU D 160 5.50 -55.56 -11.40
N MET D 161 6.62 -55.14 -10.82
CA MET D 161 7.46 -56.06 -10.05
C MET D 161 6.78 -56.52 -8.77
N ALA D 162 5.79 -55.78 -8.27
CA ALA D 162 5.01 -56.20 -7.12
C ALA D 162 3.89 -57.16 -7.48
N LYS D 163 3.76 -57.54 -8.75
CA LYS D 163 2.67 -58.39 -9.24
C LYS D 163 1.32 -57.81 -8.83
N VAL D 164 1.06 -56.59 -9.32
CA VAL D 164 -0.04 -55.77 -8.81
C VAL D 164 -1.37 -56.33 -9.29
N PRO D 165 -2.43 -56.23 -8.48
CA PRO D 165 -3.75 -56.61 -9.00
C PRO D 165 -4.31 -55.64 -10.04
N TYR D 166 -4.14 -54.33 -9.88
CA TYR D 166 -4.89 -53.41 -10.74
C TYR D 166 -4.34 -53.41 -12.17
N GLY D 167 -5.26 -53.23 -13.12
CA GLY D 167 -4.98 -53.21 -14.54
C GLY D 167 -6.27 -53.10 -15.34
N VAL D 168 -6.38 -52.08 -16.18
CA VAL D 168 -7.61 -51.78 -16.92
C VAL D 168 -7.27 -51.70 -18.40
N PRO D 169 -8.09 -52.30 -19.28
CA PRO D 169 -7.66 -52.47 -20.69
C PRO D 169 -7.43 -51.15 -21.41
N ARG D 170 -6.33 -51.10 -22.16
CA ARG D 170 -6.04 -50.05 -23.13
C ARG D 170 -5.34 -50.68 -24.33
N HIS D 171 -5.31 -49.95 -25.44
CA HIS D 171 -4.80 -50.48 -26.70
C HIS D 171 -3.73 -49.56 -27.26
N CYS D 172 -3.14 -49.99 -28.38
CA CYS D 172 -2.15 -49.19 -29.11
C CYS D 172 -2.10 -49.71 -30.54
N THR D 173 -1.33 -49.02 -31.37
CA THR D 173 -1.26 -49.28 -32.81
C THR D 173 0.16 -49.61 -33.22
N ILE D 174 0.31 -50.62 -34.08
CA ILE D 174 1.58 -51.02 -34.66
C ILE D 174 1.37 -51.29 -36.14
N LEU D 175 2.43 -51.74 -36.81
CA LEU D 175 2.41 -51.97 -38.27
C LEU D 175 3.01 -53.34 -38.55
N GLN D 176 2.18 -54.39 -38.50
CA GLN D 176 2.65 -55.75 -38.80
C GLN D 176 2.50 -56.05 -40.27
N ASP D 177 3.62 -56.21 -40.97
CA ASP D 177 3.62 -56.56 -42.39
C ASP D 177 2.77 -55.67 -43.26
N GLY D 178 2.74 -54.36 -43.00
CA GLY D 178 2.00 -53.44 -43.87
C GLY D 178 0.90 -52.45 -43.51
N LYS D 179 0.10 -52.74 -42.48
CA LYS D 179 -1.02 -51.90 -42.10
C LYS D 179 -1.33 -52.03 -40.63
N LEU D 180 -2.18 -51.14 -40.15
CA LEU D 180 -2.61 -51.10 -38.75
C LEU D 180 -3.37 -52.28 -38.15
N VAL D 181 -2.92 -52.73 -36.98
CA VAL D 181 -3.65 -53.65 -36.14
C VAL D 181 -3.77 -53.04 -34.74
N ARG D 182 -4.77 -53.48 -34.00
CA ARG D 182 -5.02 -52.99 -32.65
C ARG D 182 -4.53 -54.03 -31.64
N VAL D 183 -3.65 -53.60 -30.74
CA VAL D 183 -3.06 -54.47 -29.73
C VAL D 183 -3.58 -53.99 -28.38
N ASP D 184 -4.45 -54.78 -27.75
CA ASP D 184 -5.03 -54.44 -26.46
C ASP D 184 -4.31 -55.18 -25.34
N TYR D 185 -4.14 -54.51 -24.21
CA TYR D 185 -3.54 -55.13 -23.04
C TYR D 185 -4.12 -54.47 -21.79
N LEU D 186 -3.76 -55.00 -20.64
CA LEU D 186 -4.17 -54.46 -19.35
C LEU D 186 -3.01 -53.64 -18.77
N GLU D 187 -3.22 -52.35 -18.58
CA GLU D 187 -2.21 -51.45 -18.02
C GLU D 187 -2.58 -51.04 -16.61
N ASN D 188 -1.58 -51.01 -15.73
CA ASN D 188 -1.73 -50.60 -14.34
C ASN D 188 -1.86 -49.09 -14.17
N ASP D 189 -2.58 -48.41 -15.06
CA ASP D 189 -2.61 -46.96 -15.06
C ASP D 189 -3.62 -46.43 -14.07
N HIS D 190 -3.20 -45.43 -13.29
CA HIS D 190 -4.08 -44.73 -12.36
C HIS D 190 -3.65 -43.27 -12.29
N CYS D 191 -4.35 -42.50 -11.45
CA CYS D 191 -4.20 -41.05 -11.43
C CYS D 191 -2.74 -40.61 -11.37
N CYS D 192 -1.91 -41.37 -10.66
CA CYS D 192 -0.50 -41.10 -10.36
C CYS D 192 -0.32 -39.87 -9.49
N GLU D 193 -1.40 -39.20 -9.07
CA GLU D 193 -1.30 -38.06 -8.16
C GLU D 193 -0.61 -38.44 -6.86
N ARG D 194 -0.61 -39.72 -6.52
CA ARG D 194 -0.10 -40.16 -5.24
C ARG D 194 1.25 -40.84 -5.33
N PHE D 195 1.84 -40.91 -6.52
CA PHE D 195 3.25 -41.20 -6.59
C PHE D 195 4.05 -40.19 -5.76
N ALA D 196 3.49 -39.00 -5.55
CA ALA D 196 4.10 -37.99 -4.70
C ALA D 196 4.25 -38.44 -3.25
N LEU D 197 3.61 -39.54 -2.85
CA LEU D 197 3.86 -40.07 -1.51
C LEU D 197 5.25 -40.69 -1.41
N ALA D 198 5.88 -41.01 -2.55
CA ALA D 198 7.28 -41.41 -2.55
C ALA D 198 8.20 -40.26 -2.18
N ASP D 199 7.75 -39.02 -2.38
CA ASP D 199 8.49 -37.87 -1.89
C ASP D 199 8.68 -37.95 -0.38
N ARG D 200 7.67 -38.47 0.33
CA ARG D 200 7.78 -38.67 1.77
C ARG D 200 8.61 -39.90 2.11
N TRP D 201 8.56 -40.94 1.29
CA TRP D 201 9.27 -42.18 1.61
C TRP D 201 10.77 -42.03 1.43
N LEU D 202 11.20 -41.57 0.25
CA LEU D 202 12.62 -41.52 -0.05
C LEU D 202 13.34 -40.47 0.79
N LYS D 203 12.64 -39.41 1.18
CA LYS D 203 13.29 -38.34 1.94
C LYS D 203 13.57 -38.77 3.38
N GLU D 204 12.76 -39.69 3.92
CA GLU D 204 13.04 -40.18 5.28
C GLU D 204 14.26 -41.09 5.28
N LYS D 205 14.44 -41.91 4.25
CA LYS D 205 15.60 -42.76 4.12
C LYS D 205 16.80 -42.04 3.51
N SER D 206 16.68 -40.73 3.30
CA SER D 206 17.74 -39.88 2.77
C SER D 206 18.34 -40.49 1.50
N LEU D 207 17.46 -40.74 0.52
CA LEU D 207 17.86 -41.33 -0.75
C LEU D 207 17.62 -40.42 -1.94
N GLN D 208 16.93 -39.29 -1.78
CA GLN D 208 16.65 -38.39 -2.88
C GLN D 208 17.32 -37.05 -2.61
N LYS D 209 18.19 -36.64 -3.53
CA LYS D 209 18.87 -35.35 -3.44
C LYS D 209 18.04 -34.28 -4.12
N GLU D 210 18.00 -33.10 -3.49
CA GLU D 210 17.22 -31.99 -4.01
C GLU D 210 18.13 -30.79 -4.21
N GLY D 211 17.69 -29.89 -5.10
CA GLY D 211 18.47 -28.72 -5.43
C GLY D 211 17.99 -28.08 -6.72
N PRO D 212 18.54 -26.90 -7.03
CA PRO D 212 18.12 -26.19 -8.25
C PRO D 212 18.90 -26.64 -9.48
N VAL D 213 18.17 -26.77 -10.59
CA VAL D 213 18.74 -26.94 -11.91
C VAL D 213 18.08 -25.90 -12.80
N GLY D 214 18.82 -24.87 -13.16
CA GLY D 214 18.23 -23.71 -13.78
C GLY D 214 17.37 -22.97 -12.79
N HIS D 215 16.08 -22.83 -13.09
CA HIS D 215 15.12 -22.26 -12.15
C HIS D 215 14.23 -23.32 -11.51
N ALA D 216 14.34 -24.58 -11.92
CA ALA D 216 13.42 -25.61 -11.50
C ALA D 216 13.91 -26.32 -10.23
N PHE D 217 12.95 -26.68 -9.39
CA PHE D 217 13.22 -27.61 -8.30
C PHE D 217 13.48 -28.99 -8.88
N ALA D 218 14.61 -29.60 -8.53
CA ALA D 218 15.03 -30.85 -9.13
C ALA D 218 15.15 -31.95 -8.09
N ARG D 219 14.64 -33.13 -8.44
CA ARG D 219 14.76 -34.33 -7.61
C ARG D 219 15.67 -35.33 -8.29
N LEU D 220 16.60 -35.89 -7.53
CA LEU D 220 17.61 -36.81 -8.05
C LEU D 220 17.64 -38.05 -7.18
N ILE D 221 17.27 -39.20 -7.76
CA ILE D 221 17.20 -40.46 -7.04
C ILE D 221 17.84 -41.54 -7.90
N ARG D 222 18.49 -42.50 -7.24
CA ARG D 222 18.94 -43.70 -7.94
C ARG D 222 17.74 -44.58 -8.27
N SER D 223 17.82 -45.24 -9.43
CA SER D 223 16.71 -46.06 -9.90
C SER D 223 16.46 -47.24 -8.98
N ARG D 224 17.54 -47.91 -8.54
CA ARG D 224 17.39 -49.09 -7.69
C ARG D 224 16.88 -48.74 -6.30
N ASP D 225 17.06 -47.50 -5.84
CA ASP D 225 16.47 -47.08 -4.58
C ASP D 225 15.01 -46.69 -4.76
N ILE D 226 14.65 -46.30 -5.98
CA ILE D 226 13.28 -45.94 -6.27
C ILE D 226 12.38 -47.16 -6.26
N VAL D 227 12.90 -48.29 -6.76
CA VAL D 227 12.10 -49.51 -6.78
C VAL D 227 12.14 -50.19 -5.42
N ALA D 228 13.27 -50.13 -4.70
CA ALA D 228 13.36 -50.78 -3.41
C ALA D 228 12.44 -50.13 -2.39
N THR D 229 12.29 -48.80 -2.46
CA THR D 229 11.39 -48.12 -1.55
C THR D 229 9.93 -48.34 -1.94
N ALA D 230 9.66 -48.42 -3.25
CA ALA D 230 8.29 -48.64 -3.69
C ALA D 230 7.86 -50.08 -3.46
N LEU D 231 8.75 -51.04 -3.72
CA LEU D 231 8.40 -52.44 -3.49
C LEU D 231 8.12 -52.73 -2.03
N GLY D 232 8.81 -52.04 -1.12
CA GLY D 232 8.53 -52.22 0.30
C GLY D 232 7.16 -51.70 0.69
N GLN D 233 6.82 -50.49 0.22
CA GLN D 233 5.50 -49.94 0.51
C GLN D 233 4.41 -50.72 -0.19
N LEU D 234 4.66 -51.15 -1.43
CA LEU D 234 3.68 -51.97 -2.14
C LEU D 234 3.51 -53.33 -1.49
N GLY D 235 4.55 -53.83 -0.81
CA GLY D 235 4.43 -55.11 -0.12
C GLY D 235 3.44 -55.08 1.02
N ARG D 236 3.28 -53.92 1.66
CA ARG D 236 2.31 -53.75 2.73
C ARG D 236 0.92 -53.43 2.20
N ASP D 237 0.83 -52.71 1.09
CA ASP D 237 -0.46 -52.31 0.52
C ASP D 237 -0.30 -52.25 -0.99
N PRO D 238 -0.81 -53.24 -1.72
CA PRO D 238 -0.77 -53.15 -3.19
C PRO D 238 -1.54 -51.96 -3.73
N LEU D 239 -2.60 -51.55 -3.03
CA LEU D 239 -3.39 -50.39 -3.42
C LEU D 239 -2.91 -49.11 -2.76
N ILE D 240 -1.65 -49.08 -2.30
CA ILE D 240 -1.08 -47.83 -1.82
C ILE D 240 -1.09 -46.79 -2.92
N PHE D 241 -1.05 -47.23 -4.18
CA PHE D 241 -1.03 -46.32 -5.32
C PHE D 241 -2.40 -46.21 -5.98
N LEU D 242 -3.47 -46.07 -5.20
CA LEU D 242 -4.76 -45.71 -5.76
C LEU D 242 -5.60 -44.96 -4.73
N HIS D 243 -6.28 -43.91 -5.18
CA HIS D 243 -7.10 -43.08 -4.29
C HIS D 243 -8.19 -43.91 -3.62
N PRO D 244 -8.52 -43.60 -2.37
CA PRO D 244 -9.71 -44.18 -1.74
C PRO D 244 -10.96 -43.75 -2.46
N PRO D 245 -12.08 -44.48 -2.30
CA PRO D 245 -13.30 -44.14 -3.03
C PRO D 245 -13.92 -42.81 -2.61
N GLU D 246 -13.64 -42.35 -1.39
CA GLU D 246 -14.21 -41.09 -0.91
C GLU D 246 -13.63 -39.88 -1.64
N ALA D 247 -12.43 -40.00 -2.20
CA ALA D 247 -11.85 -38.89 -2.95
C ALA D 247 -12.64 -38.59 -4.22
N GLY D 248 -13.25 -39.60 -4.81
CA GLY D 248 -14.05 -39.42 -6.00
C GLY D 248 -13.28 -39.36 -7.30
N CYS D 249 -12.00 -39.75 -7.30
CA CYS D 249 -11.22 -39.72 -8.53
C CYS D 249 -11.66 -40.84 -9.46
N GLU D 250 -12.16 -40.46 -10.64
CA GLU D 250 -12.78 -41.44 -11.54
C GLU D 250 -11.74 -42.37 -12.15
N GLU D 251 -10.62 -41.81 -12.61
CA GLU D 251 -9.52 -42.62 -13.12
C GLU D 251 -9.01 -43.56 -12.05
N CYS D 252 -9.01 -43.09 -10.80
CA CYS D 252 -8.57 -43.90 -9.69
C CYS D 252 -9.52 -45.06 -9.44
N ASP D 253 -10.82 -44.77 -9.32
CA ASP D 253 -11.79 -45.80 -8.96
C ASP D 253 -11.84 -46.91 -10.01
N ALA D 254 -11.71 -46.53 -11.29
CA ALA D 254 -11.85 -47.50 -12.37
C ALA D 254 -10.78 -48.59 -12.32
N ALA D 255 -9.63 -48.32 -11.68
CA ALA D 255 -8.54 -49.29 -11.75
C ALA D 255 -8.68 -50.39 -10.71
N ARG D 256 -9.19 -50.06 -9.52
CA ARG D 256 -9.35 -51.08 -8.49
C ARG D 256 -10.59 -51.95 -8.68
N GLN D 257 -11.45 -51.58 -9.63
CA GLN D 257 -12.62 -52.40 -9.93
C GLN D 257 -12.22 -53.62 -10.77
N SER D 258 -10.98 -53.62 -11.25
CA SER D 258 -10.45 -54.73 -12.03
C SER D 258 -9.58 -55.49 -11.05
N ILE D 259 -10.18 -55.85 -9.92
CA ILE D 259 -9.50 -56.53 -8.82
C ILE D 259 -8.08 -56.06 -8.56
N GLY E 2 8.37 -50.64 -49.65
CA GLY E 2 8.76 -51.98 -49.25
C GLY E 2 10.23 -52.11 -48.87
N MET E 3 11.10 -52.07 -49.87
CA MET E 3 12.54 -52.16 -49.68
C MET E 3 13.22 -51.12 -50.57
N GLN E 4 12.91 -49.85 -50.33
CA GLN E 4 13.40 -48.79 -51.20
C GLN E 4 14.84 -48.41 -50.84
N TYR E 5 15.46 -47.65 -51.74
CA TYR E 5 16.88 -47.33 -51.65
C TYR E 5 17.11 -46.26 -50.60
N GLU E 6 17.80 -46.63 -49.52
CA GLU E 6 18.14 -45.68 -48.46
C GLU E 6 19.35 -44.88 -48.89
N TRP E 7 19.15 -43.58 -49.12
CA TRP E 7 20.18 -42.74 -49.72
C TRP E 7 21.25 -42.36 -48.71
N ARG E 8 22.50 -42.43 -49.15
CA ARG E 8 23.62 -41.96 -48.35
C ARG E 8 23.73 -40.44 -48.47
N LYS E 9 24.28 -39.82 -47.43
CA LYS E 9 24.49 -38.38 -47.46
C LYS E 9 25.39 -37.98 -48.62
N ALA E 10 26.47 -38.73 -48.84
CA ALA E 10 27.38 -38.44 -49.94
C ALA E 10 26.68 -38.57 -51.28
N GLU E 11 25.88 -39.62 -51.47
CA GLU E 11 25.12 -39.76 -52.71
C GLU E 11 24.13 -38.62 -52.86
N LEU E 12 23.50 -38.21 -51.75
CA LEU E 12 22.60 -37.06 -51.79
C LEU E 12 23.35 -35.81 -52.23
N ILE E 13 24.42 -35.47 -51.51
CA ILE E 13 25.25 -34.29 -51.78
C ILE E 13 25.46 -34.08 -53.27
N GLY E 14 25.78 -35.16 -53.99
CA GLY E 14 25.93 -35.05 -55.43
C GLY E 14 24.64 -34.72 -56.15
N GLN E 15 23.51 -35.27 -55.67
CA GLN E 15 22.23 -35.00 -56.31
C GLN E 15 21.79 -33.56 -56.10
N LEU E 16 22.16 -32.95 -54.97
CA LEU E 16 21.89 -31.54 -54.77
C LEU E 16 22.75 -30.68 -55.68
N LEU E 17 24.00 -31.08 -55.88
CA LEU E 17 24.94 -30.29 -56.66
C LEU E 17 24.66 -30.40 -58.17
N ASN E 18 24.40 -31.60 -58.66
CA ASN E 18 24.01 -31.76 -60.06
C ASN E 18 22.66 -31.09 -60.32
N LEU E 19 21.81 -31.07 -59.30
CA LEU E 19 20.49 -30.47 -59.44
C LEU E 19 20.59 -29.00 -59.86
N GLY E 20 21.21 -28.19 -59.01
CA GLY E 20 21.37 -26.77 -59.29
C GLY E 20 22.21 -25.83 -58.46
N VAL E 21 22.60 -26.28 -57.27
CA VAL E 21 22.90 -25.57 -56.03
C VAL E 21 24.31 -25.00 -56.05
N THR E 22 24.43 -23.71 -55.76
CA THR E 22 25.72 -23.04 -55.74
C THR E 22 26.23 -22.86 -54.32
N PRO E 23 27.26 -23.64 -53.94
CA PRO E 23 27.85 -23.57 -52.60
C PRO E 23 28.20 -22.14 -52.20
N GLY E 24 27.85 -21.76 -50.97
CA GLY E 24 28.13 -20.43 -50.48
C GLY E 24 26.98 -19.45 -50.61
N GLY E 25 25.87 -19.85 -51.24
CA GLY E 25 24.73 -18.99 -51.41
C GLY E 25 23.67 -19.22 -50.35
N VAL E 26 22.49 -18.68 -50.61
CA VAL E 26 21.34 -18.81 -49.73
C VAL E 26 20.32 -19.72 -50.41
N LEU E 27 19.79 -20.68 -49.65
CA LEU E 27 18.88 -21.69 -50.18
C LEU E 27 17.69 -21.84 -49.23
N LEU E 28 16.51 -21.46 -49.70
CA LEU E 28 15.27 -21.67 -48.97
C LEU E 28 14.63 -22.96 -49.47
N VAL E 29 14.35 -23.89 -48.57
CA VAL E 29 13.78 -25.19 -48.94
C VAL E 29 12.39 -25.31 -48.33
N HIS E 30 11.48 -25.94 -49.08
CA HIS E 30 10.15 -26.31 -48.61
C HIS E 30 10.01 -27.81 -48.78
N SER E 31 10.07 -28.54 -47.67
CA SER E 31 10.26 -29.98 -47.70
C SER E 31 8.98 -30.73 -47.38
N SER E 32 8.87 -31.93 -47.96
CA SER E 32 7.82 -32.90 -47.66
C SER E 32 8.52 -34.24 -47.50
N PHE E 33 8.89 -34.57 -46.26
CA PHE E 33 9.76 -35.72 -46.00
C PHE E 33 9.14 -37.04 -46.44
N ARG E 34 7.80 -37.11 -46.52
CA ARG E 34 7.16 -38.33 -46.96
C ARG E 34 7.63 -38.76 -48.34
N SER E 35 8.04 -37.80 -49.18
CA SER E 35 8.49 -38.09 -50.53
C SER E 35 10.00 -38.30 -50.64
N VAL E 36 10.77 -37.71 -49.73
CA VAL E 36 12.22 -37.89 -49.76
C VAL E 36 12.61 -39.24 -49.17
N ARG E 37 11.97 -39.63 -48.06
CA ARG E 37 12.31 -40.88 -47.39
C ARG E 37 12.05 -42.06 -48.32
N PRO E 38 12.73 -43.19 -48.09
CA PRO E 38 13.69 -43.45 -47.00
C PRO E 38 15.08 -42.89 -47.26
N LEU E 39 15.69 -42.35 -46.21
CA LEU E 39 17.08 -41.92 -46.22
C LEU E 39 17.83 -42.64 -45.11
N GLU E 40 19.15 -42.79 -45.30
CA GLU E 40 19.93 -43.57 -44.36
C GLU E 40 20.01 -42.91 -42.98
N ASP E 41 19.94 -41.58 -42.93
CA ASP E 41 20.04 -40.86 -41.67
C ASP E 41 18.79 -40.02 -41.40
N GLY E 42 17.66 -40.42 -41.99
CA GLY E 42 16.39 -39.82 -41.70
C GLY E 42 16.31 -38.35 -42.06
N PRO E 43 15.42 -37.61 -41.38
CA PRO E 43 15.30 -36.18 -41.66
C PRO E 43 16.56 -35.39 -41.35
N LEU E 44 17.34 -35.83 -40.35
CA LEU E 44 18.62 -35.20 -40.09
C LEU E 44 19.59 -35.43 -41.24
N GLY E 45 19.50 -36.59 -41.90
CA GLY E 45 20.35 -36.84 -43.06
C GLY E 45 20.14 -35.83 -44.17
N LEU E 46 18.88 -35.46 -44.42
CA LEU E 46 18.60 -34.42 -45.39
C LEU E 46 19.07 -33.06 -44.90
N ILE E 47 18.88 -32.79 -43.61
CA ILE E 47 19.39 -31.56 -43.02
C ILE E 47 20.89 -31.45 -43.24
N GLU E 48 21.63 -32.48 -42.84
CA GLU E 48 23.08 -32.44 -42.93
C GLU E 48 23.55 -32.39 -44.38
N ALA E 49 22.89 -33.15 -45.27
CA ALA E 49 23.31 -33.17 -46.66
C ALA E 49 23.03 -31.86 -47.37
N LEU E 50 22.00 -31.12 -46.92
CA LEU E 50 21.67 -29.85 -47.56
C LEU E 50 22.80 -28.84 -47.38
N ARG E 51 23.16 -28.54 -46.13
CA ARG E 51 24.23 -27.59 -45.87
C ARG E 51 25.59 -28.11 -46.31
N ALA E 52 25.76 -29.43 -46.33
CA ALA E 52 27.02 -30.00 -46.80
C ALA E 52 27.28 -29.65 -48.26
N ALA E 53 26.21 -29.62 -49.08
CA ALA E 53 26.34 -29.12 -50.44
C ALA E 53 26.42 -27.60 -50.47
N LEU E 54 25.81 -26.93 -49.49
CA LEU E 54 25.92 -25.48 -49.38
C LEU E 54 27.28 -25.03 -48.87
N GLY E 55 28.00 -25.89 -48.15
CA GLY E 55 29.27 -25.53 -47.58
C GLY E 55 29.11 -24.63 -46.37
N PRO E 56 30.23 -24.30 -45.71
CA PRO E 56 30.15 -23.42 -44.53
C PRO E 56 29.68 -22.01 -44.86
N GLY E 57 30.02 -21.50 -46.03
CA GLY E 57 29.57 -20.17 -46.43
C GLY E 57 28.11 -20.10 -46.81
N GLY E 58 27.50 -21.24 -47.15
CA GLY E 58 26.10 -21.25 -47.50
C GLY E 58 25.21 -21.20 -46.27
N THR E 59 24.04 -20.70 -46.42
CA THR E 59 22.99 -20.46 -45.43
C THR E 59 21.75 -21.27 -45.82
N LEU E 60 21.18 -22.05 -44.92
CA LEU E 60 19.99 -22.84 -45.19
C LEU E 60 18.80 -22.21 -44.47
N VAL E 61 17.75 -21.89 -45.21
CA VAL E 61 16.54 -21.28 -44.68
C VAL E 61 15.37 -22.22 -44.89
N MET E 62 14.53 -22.35 -43.87
CA MET E 62 13.36 -23.20 -43.93
C MET E 62 12.21 -22.49 -43.22
N PRO E 63 10.98 -22.65 -43.71
CA PRO E 63 9.83 -22.09 -43.00
C PRO E 63 9.60 -22.84 -41.69
N SER E 64 9.16 -22.10 -40.67
CA SER E 64 9.05 -22.65 -39.32
C SER E 64 7.99 -21.89 -38.54
N TRP E 65 6.89 -21.52 -39.19
CA TRP E 65 5.90 -20.71 -38.50
C TRP E 65 4.98 -21.57 -37.65
N SER E 66 4.24 -20.90 -36.76
CA SER E 66 3.30 -21.61 -35.89
C SER E 66 2.07 -22.06 -36.66
N GLY E 67 1.27 -21.12 -37.13
CA GLY E 67 0.03 -21.46 -37.79
C GLY E 67 -1.12 -21.75 -36.85
N LEU E 68 -1.08 -21.21 -35.63
CA LEU E 68 -2.10 -21.47 -34.63
C LEU E 68 -2.80 -20.17 -34.23
N ASP E 69 -3.91 -20.34 -33.52
CA ASP E 69 -4.95 -19.32 -33.38
C ASP E 69 -4.68 -18.28 -32.30
N ASP E 70 -4.92 -18.65 -31.05
CA ASP E 70 -4.90 -17.72 -29.93
C ASP E 70 -3.69 -17.91 -29.02
N GLU E 71 -2.69 -18.68 -29.45
CA GLU E 71 -1.54 -18.97 -28.61
C GLU E 71 -0.32 -18.21 -29.12
N PRO E 72 0.41 -17.55 -28.23
CA PRO E 72 1.57 -16.76 -28.67
C PRO E 72 2.70 -17.66 -29.16
N PHE E 73 3.66 -17.03 -29.82
CA PHE E 73 4.75 -17.74 -30.47
C PHE E 73 6.02 -17.65 -29.63
N ASP E 74 6.61 -18.80 -29.33
CA ASP E 74 7.89 -18.86 -28.64
C ASP E 74 8.93 -19.45 -29.58
N PRO E 75 10.02 -18.73 -29.88
CA PRO E 75 11.01 -19.25 -30.84
C PRO E 75 11.71 -20.50 -30.34
N ALA E 76 11.68 -20.79 -29.05
CA ALA E 76 12.35 -21.96 -28.50
C ALA E 76 11.38 -23.03 -28.02
N THR E 77 10.08 -22.84 -28.20
CA THR E 77 9.10 -23.74 -27.61
C THR E 77 8.02 -24.15 -28.60
N SER E 78 7.47 -23.19 -29.33
CA SER E 78 6.36 -23.47 -30.23
C SER E 78 6.82 -24.41 -31.36
N PRO E 79 6.10 -25.48 -31.64
CA PRO E 79 6.46 -26.37 -32.73
C PRO E 79 5.86 -25.92 -34.06
N VAL E 80 6.57 -26.28 -35.13
CA VAL E 80 6.04 -26.04 -36.47
C VAL E 80 4.73 -26.79 -36.64
N THR E 81 3.76 -26.15 -37.30
CA THR E 81 2.49 -26.83 -37.56
C THR E 81 2.73 -28.07 -38.42
N PRO E 82 1.97 -29.13 -38.18
CA PRO E 82 2.27 -30.41 -38.83
C PRO E 82 2.03 -30.45 -40.33
N ASP E 83 2.12 -29.31 -41.01
CA ASP E 83 1.91 -29.26 -42.44
C ASP E 83 3.14 -28.87 -43.24
N LEU E 84 4.20 -28.42 -42.58
CA LEU E 84 5.48 -28.17 -43.24
C LEU E 84 6.48 -29.28 -42.99
N GLY E 85 6.03 -30.40 -42.45
CA GLY E 85 6.86 -31.59 -42.37
C GLY E 85 7.72 -31.64 -41.12
N VAL E 86 8.26 -32.83 -40.87
CA VAL E 86 9.16 -33.04 -39.74
C VAL E 86 10.50 -32.35 -39.96
N VAL E 87 10.89 -32.11 -41.22
CA VAL E 87 12.17 -31.46 -41.47
C VAL E 87 12.16 -30.02 -41.00
N SER E 88 11.01 -29.35 -41.13
CA SER E 88 10.90 -27.98 -40.61
C SER E 88 10.79 -27.98 -39.08
N ASP E 89 10.08 -28.97 -38.52
CA ASP E 89 9.93 -29.05 -37.08
C ASP E 89 11.21 -29.45 -36.38
N THR E 90 12.18 -30.00 -37.11
CA THR E 90 13.46 -30.40 -36.54
C THR E 90 14.56 -29.38 -36.77
N PHE E 91 14.51 -28.68 -37.91
CA PHE E 91 15.61 -27.80 -38.31
C PHE E 91 15.87 -26.71 -37.29
N TRP E 92 14.80 -26.12 -36.74
CA TRP E 92 14.98 -24.98 -35.85
C TRP E 92 15.56 -25.39 -34.50
N ARG E 93 15.34 -26.63 -34.09
CA ARG E 93 15.81 -27.10 -32.79
C ARG E 93 17.30 -27.38 -32.76
N LEU E 94 17.97 -27.37 -33.91
CA LEU E 94 19.36 -27.76 -33.98
C LEU E 94 20.28 -26.61 -33.57
N PRO E 95 21.50 -26.92 -33.13
CA PRO E 95 22.42 -25.86 -32.69
C PRO E 95 22.73 -24.86 -33.81
N ASN E 96 22.93 -23.61 -33.40
CA ASN E 96 23.33 -22.50 -34.26
C ASN E 96 22.31 -22.21 -35.34
N VAL E 97 21.08 -22.70 -35.19
CA VAL E 97 20.01 -22.42 -36.14
C VAL E 97 19.06 -21.43 -35.47
N LYS E 98 19.05 -20.21 -35.98
CA LYS E 98 18.19 -19.16 -35.45
C LYS E 98 16.78 -19.29 -36.01
N ARG E 99 15.87 -18.51 -35.43
CA ARG E 99 14.44 -18.61 -35.74
C ARG E 99 13.77 -17.31 -35.32
N SER E 100 12.89 -16.81 -36.18
CA SER E 100 12.28 -15.50 -35.95
C SER E 100 11.32 -15.55 -34.77
N ALA E 101 11.13 -14.39 -34.15
CA ALA E 101 10.31 -14.26 -32.93
C ALA E 101 8.91 -13.74 -33.24
N HIS E 102 8.27 -14.24 -34.29
CA HIS E 102 6.89 -13.89 -34.60
C HIS E 102 6.17 -15.15 -35.08
N PRO E 103 4.84 -15.20 -34.93
CA PRO E 103 4.10 -16.41 -35.30
C PRO E 103 4.24 -16.81 -36.76
N PHE E 104 4.78 -15.96 -37.62
CA PHE E 104 5.04 -16.30 -39.02
C PHE E 104 6.53 -16.56 -39.26
N ALA E 105 7.18 -17.20 -38.30
CA ALA E 105 8.64 -17.26 -38.29
C ALA E 105 9.18 -18.19 -39.37
N PHE E 106 10.43 -17.95 -39.72
CA PHE E 106 11.25 -18.86 -40.51
C PHE E 106 12.44 -19.29 -39.67
N ALA E 107 13.15 -20.31 -40.15
CA ALA E 107 14.35 -20.79 -39.50
C ALA E 107 15.50 -20.78 -40.51
N ALA E 108 16.59 -20.14 -40.15
CA ALA E 108 17.76 -20.07 -41.02
C ALA E 108 19.01 -20.26 -40.18
N ALA E 109 20.11 -20.58 -40.86
CA ALA E 109 21.38 -20.76 -40.19
C ALA E 109 22.50 -20.55 -41.21
N GLY E 110 23.60 -19.95 -40.76
CA GLY E 110 24.76 -19.76 -41.60
C GLY E 110 25.45 -18.42 -41.38
N PRO E 111 26.32 -18.04 -42.32
CA PRO E 111 27.03 -16.76 -42.26
C PRO E 111 26.05 -15.61 -42.47
N GLN E 112 25.06 -15.85 -43.32
CA GLN E 112 24.05 -14.86 -43.61
C GLN E 112 22.81 -15.08 -42.82
N ALA E 113 22.85 -16.00 -41.86
CA ALA E 113 21.64 -16.38 -41.12
C ALA E 113 20.89 -15.29 -40.33
N GLU E 114 21.62 -14.43 -39.63
CA GLU E 114 20.97 -13.37 -38.85
C GLU E 114 20.18 -12.36 -39.70
N GLN E 115 20.78 -12.00 -40.84
CA GLN E 115 20.18 -11.03 -41.75
C GLN E 115 18.79 -11.40 -42.23
N ILE E 116 18.54 -12.71 -42.39
CA ILE E 116 17.23 -13.15 -42.87
C ILE E 116 16.17 -13.30 -41.79
N ILE E 117 16.56 -13.85 -40.66
CA ILE E 117 15.63 -14.08 -39.55
C ILE E 117 15.15 -12.89 -38.74
N SER E 118 16.11 -12.00 -38.54
CA SER E 118 16.03 -10.78 -37.73
C SER E 118 15.18 -9.60 -38.19
N ASP E 119 13.88 -9.76 -38.04
CA ASP E 119 12.93 -8.69 -38.30
C ASP E 119 11.67 -8.96 -37.48
N PRO E 120 11.03 -7.91 -36.92
CA PRO E 120 9.85 -8.12 -36.06
C PRO E 120 8.66 -8.62 -36.86
N LEU E 121 7.46 -8.59 -36.26
CA LEU E 121 6.33 -9.26 -36.90
C LEU E 121 5.96 -8.53 -38.18
N PRO E 122 6.10 -9.18 -39.34
CA PRO E 122 5.69 -8.55 -40.59
C PRO E 122 4.21 -8.74 -40.85
N LEU E 123 3.46 -7.65 -41.00
CA LEU E 123 2.03 -7.74 -41.32
C LEU E 123 1.80 -7.02 -42.63
N PRO E 124 1.51 -7.72 -43.75
CA PRO E 124 1.26 -9.15 -43.94
C PRO E 124 2.46 -10.08 -43.68
N PRO E 125 2.19 -11.36 -43.44
CA PRO E 125 3.29 -12.28 -43.08
C PRO E 125 4.39 -12.33 -44.12
N HIS E 126 4.04 -12.35 -45.39
CA HIS E 126 5.05 -12.49 -46.44
C HIS E 126 5.25 -11.16 -47.16
N SER E 127 5.49 -10.11 -46.36
CA SER E 127 5.72 -8.75 -46.83
C SER E 127 7.19 -8.54 -47.13
N PRO E 128 7.54 -7.47 -47.86
CA PRO E 128 8.92 -6.98 -47.80
C PRO E 128 9.30 -6.72 -46.35
N ALA E 129 10.58 -6.94 -46.04
CA ALA E 129 11.20 -6.88 -44.70
C ALA E 129 10.87 -8.09 -43.85
N SER E 130 10.34 -9.14 -44.43
CA SER E 130 10.11 -10.40 -43.74
C SER E 130 11.12 -11.43 -44.22
N PRO E 131 11.32 -12.52 -43.47
CA PRO E 131 12.18 -13.60 -43.97
C PRO E 131 11.81 -14.03 -45.38
N VAL E 132 10.55 -13.86 -45.77
CA VAL E 132 10.15 -14.10 -47.15
C VAL E 132 10.92 -13.20 -48.11
N ALA E 133 11.49 -12.10 -47.63
CA ALA E 133 12.00 -11.06 -48.51
C ALA E 133 13.52 -11.04 -48.61
N ARG E 134 14.22 -11.12 -47.48
CA ARG E 134 15.68 -11.10 -47.53
C ARG E 134 16.26 -12.30 -48.28
N VAL E 135 15.50 -13.39 -48.44
CA VAL E 135 15.90 -14.40 -49.41
C VAL E 135 15.80 -13.83 -50.82
N HIS E 136 14.83 -12.96 -51.06
CA HIS E 136 14.62 -12.28 -52.33
C HIS E 136 15.51 -11.05 -52.48
N GLU E 137 16.29 -10.71 -51.44
CA GLU E 137 17.22 -9.59 -51.50
C GLU E 137 18.68 -10.01 -51.61
N LEU E 138 18.98 -11.31 -51.63
CA LEU E 138 20.34 -11.78 -51.92
C LEU E 138 20.27 -12.94 -52.91
N ASP E 139 19.52 -12.73 -53.99
CA ASP E 139 19.45 -13.67 -55.12
C ASP E 139 19.37 -15.12 -54.65
N GLY E 140 18.43 -15.37 -53.75
CA GLY E 140 18.30 -16.68 -53.15
C GLY E 140 17.93 -17.74 -54.16
N GLN E 141 17.94 -18.99 -53.69
CA GLN E 141 17.50 -20.13 -54.48
C GLN E 141 16.47 -20.89 -53.67
N VAL E 142 15.30 -21.11 -54.25
CA VAL E 142 14.18 -21.74 -53.57
C VAL E 142 14.05 -23.16 -54.10
N LEU E 143 14.38 -24.15 -53.26
CA LEU E 143 14.20 -25.55 -53.59
C LEU E 143 12.82 -25.99 -53.10
N LEU E 144 11.99 -26.48 -54.02
CA LEU E 144 10.73 -27.10 -53.63
C LEU E 144 10.94 -28.60 -53.53
N LEU E 145 10.77 -29.13 -52.32
CA LEU E 145 11.20 -30.49 -51.99
C LEU E 145 10.18 -31.60 -51.75
N GLY E 146 9.71 -32.21 -52.83
CA GLY E 146 8.60 -33.15 -52.76
C GLY E 146 7.24 -32.51 -52.68
N VAL E 147 7.13 -31.22 -53.01
CA VAL E 147 5.86 -30.51 -52.98
C VAL E 147 5.88 -29.46 -54.08
N GLY E 148 4.70 -29.21 -54.66
CA GLY E 148 4.59 -28.29 -55.77
C GLY E 148 4.65 -26.84 -55.31
N HIS E 149 4.41 -25.94 -56.27
CA HIS E 149 4.46 -24.52 -55.98
C HIS E 149 3.35 -24.05 -55.04
N ASP E 150 2.40 -24.93 -54.69
CA ASP E 150 1.35 -24.55 -53.75
C ASP E 150 1.91 -24.20 -52.37
N ALA E 151 3.11 -24.68 -52.04
CA ALA E 151 3.77 -24.34 -50.79
C ALA E 151 4.84 -23.28 -50.96
N ASN E 152 5.27 -23.00 -52.19
CA ASN E 152 6.27 -21.97 -52.44
C ASN E 152 5.74 -20.62 -52.02
N THR E 153 6.14 -20.16 -50.84
CA THR E 153 5.75 -18.86 -50.33
C THR E 153 6.71 -17.75 -50.76
N THR E 154 7.64 -18.03 -51.67
CA THR E 154 8.39 -16.95 -52.28
C THR E 154 7.50 -16.11 -53.18
N LEU E 155 6.50 -16.75 -53.82
CA LEU E 155 5.44 -16.01 -54.47
C LEU E 155 4.56 -15.30 -53.46
N ALA E 156 4.52 -15.83 -52.23
CA ALA E 156 3.77 -15.15 -51.19
C ALA E 156 4.32 -13.75 -50.94
N LEU E 157 5.38 -13.44 -51.67
CA LEU E 157 5.94 -12.11 -51.76
C LEU E 157 5.59 -11.41 -53.06
N ALA E 158 5.29 -12.16 -54.14
CA ALA E 158 4.86 -11.52 -55.38
C ALA E 158 3.48 -10.91 -55.24
N GLU E 159 2.53 -11.61 -54.61
CA GLU E 159 1.17 -11.07 -54.55
C GLU E 159 1.15 -9.68 -53.92
N LEU E 160 2.07 -9.41 -52.99
CA LEU E 160 2.07 -8.14 -52.30
C LEU E 160 2.92 -7.09 -52.99
N MET E 161 3.80 -7.49 -53.90
CA MET E 161 4.62 -6.54 -54.64
C MET E 161 3.94 -6.02 -55.90
N ALA E 162 3.05 -6.81 -56.49
CA ALA E 162 2.13 -6.30 -57.50
C ALA E 162 1.00 -5.48 -56.88
N LYS E 163 0.94 -5.41 -55.55
CA LYS E 163 -0.12 -4.71 -54.83
C LYS E 163 -1.48 -5.17 -55.32
N VAL E 164 -1.65 -6.48 -55.29
CA VAL E 164 -2.87 -7.17 -55.68
C VAL E 164 -4.07 -6.58 -54.95
N PRO E 165 -5.24 -6.49 -55.59
CA PRO E 165 -6.41 -5.95 -54.88
C PRO E 165 -6.90 -6.79 -53.71
N TYR E 166 -6.92 -8.12 -53.83
CA TYR E 166 -7.62 -8.92 -52.82
C TYR E 166 -6.83 -8.98 -51.51
N GLY E 167 -7.57 -9.10 -50.40
CA GLY E 167 -7.01 -9.19 -49.07
C GLY E 167 -8.06 -9.56 -48.04
N VAL E 168 -7.97 -10.78 -47.50
CA VAL E 168 -8.97 -11.30 -46.59
C VAL E 168 -8.55 -11.04 -45.15
N PRO E 169 -9.48 -10.98 -44.19
CA PRO E 169 -9.10 -10.72 -42.81
C PRO E 169 -8.70 -11.98 -42.04
N ARG E 170 -7.46 -12.03 -41.60
CA ARG E 170 -6.95 -13.05 -40.69
C ARG E 170 -6.43 -12.36 -39.43
N HIS E 171 -5.96 -13.16 -38.48
CA HIS E 171 -5.40 -12.60 -37.26
C HIS E 171 -4.44 -13.60 -36.62
N CYS E 172 -3.59 -13.09 -35.74
CA CYS E 172 -2.64 -13.90 -35.00
C CYS E 172 -2.70 -13.46 -33.53
N THR E 173 -1.63 -13.77 -32.78
CA THR E 173 -1.58 -13.47 -31.35
C THR E 173 -0.13 -13.30 -30.93
N ILE E 174 0.15 -12.23 -30.17
CA ILE E 174 1.49 -11.89 -29.73
C ILE E 174 1.46 -11.67 -28.22
N LEU E 175 2.63 -11.43 -27.63
CA LEU E 175 2.84 -11.43 -26.18
C LEU E 175 3.46 -10.09 -25.77
N GLN E 176 2.60 -9.19 -25.30
CA GLN E 176 3.13 -7.92 -24.94
C GLN E 176 2.86 -7.44 -23.56
N ASP E 177 3.93 -7.23 -22.82
CA ASP E 177 3.87 -6.59 -21.51
C ASP E 177 2.85 -7.14 -20.55
N GLY E 178 2.71 -8.43 -20.44
CA GLY E 178 1.70 -8.87 -19.50
C GLY E 178 0.71 -9.76 -20.18
N LYS E 179 -0.02 -9.33 -21.21
CA LYS E 179 -0.87 -10.42 -21.67
C LYS E 179 -1.07 -10.30 -23.17
N LEU E 180 -1.58 -11.38 -23.74
CA LEU E 180 -1.70 -11.47 -25.19
C LEU E 180 -2.68 -10.44 -25.74
N VAL E 181 -2.50 -10.16 -27.06
CA VAL E 181 -3.47 -9.37 -27.82
C VAL E 181 -3.66 -10.07 -29.16
N ARG E 182 -4.80 -9.80 -29.79
CA ARG E 182 -5.09 -10.30 -31.12
C ARG E 182 -4.87 -9.18 -32.13
N VAL E 183 -4.17 -9.49 -33.21
CA VAL E 183 -3.77 -8.50 -34.21
C VAL E 183 -4.38 -8.91 -35.53
N ASP E 184 -5.37 -8.15 -36.00
CA ASP E 184 -6.06 -8.45 -37.24
C ASP E 184 -5.38 -7.75 -38.41
N TYR E 185 -5.39 -8.41 -39.55
CA TYR E 185 -4.68 -7.89 -40.72
C TYR E 185 -5.38 -8.34 -41.99
N LEU E 186 -4.87 -7.86 -43.12
CA LEU E 186 -5.40 -8.17 -44.45
C LEU E 186 -4.41 -9.09 -45.12
N GLU E 187 -4.72 -10.39 -45.16
CA GLU E 187 -3.86 -11.37 -45.80
C GLU E 187 -4.40 -11.72 -47.20
N ASN E 188 -3.49 -12.08 -48.08
CA ASN E 188 -3.79 -12.52 -49.44
C ASN E 188 -3.81 -14.04 -49.56
N ASP E 189 -3.98 -14.74 -48.44
CA ASP E 189 -4.02 -16.20 -48.49
C ASP E 189 -5.30 -16.66 -49.18
N HIS E 190 -5.17 -17.73 -49.97
CA HIS E 190 -6.33 -18.32 -50.62
C HIS E 190 -5.96 -19.77 -50.89
N CYS E 191 -6.67 -20.41 -51.82
CA CYS E 191 -6.41 -21.81 -52.11
C CYS E 191 -4.96 -22.24 -52.34
N CYS E 192 -4.22 -21.48 -53.12
CA CYS E 192 -2.85 -21.76 -53.56
C CYS E 192 -2.76 -23.01 -54.43
N GLU E 193 -3.87 -23.64 -54.79
CA GLU E 193 -3.84 -24.74 -55.75
C GLU E 193 -3.17 -24.31 -57.04
N ARG E 194 -3.56 -23.13 -57.55
CA ARG E 194 -3.01 -22.62 -58.80
C ARG E 194 -1.79 -21.72 -58.56
N PHE E 195 -0.93 -22.09 -57.63
CA PHE E 195 0.45 -21.63 -57.70
C PHE E 195 1.28 -22.55 -58.56
N ALA E 196 0.79 -23.77 -58.81
CA ALA E 196 1.41 -24.68 -59.76
C ALA E 196 1.40 -24.16 -61.18
N LEU E 197 0.74 -23.02 -61.48
CA LEU E 197 0.94 -22.43 -62.80
C LEU E 197 2.35 -21.89 -62.95
N ALA E 198 2.98 -21.49 -61.84
CA ALA E 198 4.38 -21.09 -61.92
C ALA E 198 5.26 -22.19 -62.48
N ASP E 199 4.84 -23.45 -62.37
CA ASP E 199 5.51 -24.53 -63.07
C ASP E 199 5.56 -24.26 -64.57
N ARG E 200 4.42 -23.85 -65.14
CA ARG E 200 4.33 -23.67 -66.59
C ARG E 200 5.15 -22.48 -67.07
N TRP E 201 4.96 -21.32 -66.43
CA TRP E 201 5.51 -20.06 -66.93
C TRP E 201 7.02 -19.96 -66.74
N LEU E 202 7.68 -21.09 -66.50
CA LEU E 202 8.99 -21.14 -65.87
C LEU E 202 9.91 -22.06 -66.63
N LYS E 203 9.61 -23.36 -66.54
CA LYS E 203 10.45 -24.40 -67.12
C LYS E 203 10.56 -24.27 -68.63
N GLU E 204 9.63 -23.56 -69.26
CA GLU E 204 9.73 -23.37 -70.71
C GLU E 204 10.75 -22.31 -71.08
N LYS E 205 10.93 -21.31 -70.23
CA LYS E 205 12.02 -20.34 -70.39
C LYS E 205 13.30 -20.84 -69.77
N SER E 206 13.36 -22.13 -69.40
CA SER E 206 14.54 -22.76 -68.84
C SER E 206 15.01 -22.06 -67.57
N LEU E 207 14.06 -21.80 -66.69
CA LEU E 207 14.32 -21.18 -65.40
C LEU E 207 14.32 -22.19 -64.26
N GLN E 208 14.11 -23.47 -64.57
CA GLN E 208 14.03 -24.54 -63.59
C GLN E 208 15.01 -25.65 -63.95
N LYS E 209 15.77 -26.09 -62.96
CA LYS E 209 16.46 -27.38 -63.02
C LYS E 209 15.70 -28.34 -62.12
N GLU E 210 15.26 -29.46 -62.68
CA GLU E 210 14.53 -30.46 -61.93
C GLU E 210 15.33 -31.76 -61.91
N GLY E 211 15.05 -32.59 -60.91
CA GLY E 211 15.74 -33.84 -60.75
C GLY E 211 15.45 -34.48 -59.40
N PRO E 212 16.13 -35.60 -59.12
CA PRO E 212 15.92 -36.30 -57.86
C PRO E 212 16.83 -35.82 -56.75
N VAL E 213 16.26 -35.73 -55.55
CA VAL E 213 17.03 -35.63 -54.31
C VAL E 213 16.35 -36.54 -53.30
N GLY E 214 17.08 -37.52 -52.80
CA GLY E 214 16.41 -38.59 -52.08
C GLY E 214 15.50 -39.33 -53.03
N HIS E 215 14.24 -39.48 -52.64
CA HIS E 215 13.24 -40.07 -53.51
C HIS E 215 12.22 -39.04 -54.01
N ALA E 216 12.36 -37.79 -53.61
CA ALA E 216 11.39 -36.76 -53.95
C ALA E 216 11.77 -36.04 -55.24
N PHE E 217 10.74 -35.60 -55.98
CA PHE E 217 10.94 -34.79 -57.16
C PHE E 217 11.20 -33.36 -56.75
N ALA E 218 12.31 -32.79 -57.21
CA ALA E 218 12.73 -31.47 -56.79
C ALA E 218 12.66 -30.48 -57.95
N ARG E 219 12.65 -29.21 -57.59
CA ARG E 219 12.74 -28.14 -58.58
C ARG E 219 13.43 -26.94 -57.93
N LEU E 220 14.51 -26.49 -58.55
CA LEU E 220 15.29 -25.35 -58.09
C LEU E 220 14.94 -24.12 -58.92
N ILE E 221 14.84 -22.96 -58.26
CA ILE E 221 14.70 -21.67 -58.92
C ILE E 221 15.43 -20.61 -58.10
N ARG E 222 15.86 -19.54 -58.80
CA ARG E 222 16.56 -18.41 -58.18
C ARG E 222 15.56 -17.39 -57.62
N SER E 223 15.63 -17.14 -56.29
CA SER E 223 14.54 -16.51 -55.54
C SER E 223 13.88 -15.36 -56.30
N ARG E 224 14.67 -14.41 -56.80
CA ARG E 224 14.09 -13.29 -57.52
C ARG E 224 13.60 -13.66 -58.91
N ASP E 225 13.98 -14.83 -59.43
CA ASP E 225 13.45 -15.28 -60.71
C ASP E 225 12.03 -15.83 -60.55
N ILE E 226 11.73 -16.50 -59.43
CA ILE E 226 10.36 -16.91 -59.17
C ILE E 226 9.44 -15.69 -59.19
N VAL E 227 9.90 -14.58 -58.59
CA VAL E 227 9.02 -13.41 -58.48
C VAL E 227 9.05 -12.57 -59.76
N ALA E 228 10.13 -12.64 -60.55
CA ALA E 228 10.21 -11.85 -61.76
C ALA E 228 9.18 -12.29 -62.78
N THR E 229 9.05 -13.60 -62.99
CA THR E 229 8.04 -14.11 -63.91
C THR E 229 6.64 -13.96 -63.34
N ALA E 230 6.51 -13.94 -62.02
CA ALA E 230 5.20 -13.75 -61.40
C ALA E 230 4.71 -12.32 -61.59
N LEU E 231 5.51 -11.35 -61.17
CA LEU E 231 5.12 -9.94 -61.28
C LEU E 231 4.87 -9.55 -62.73
N GLY E 232 5.67 -10.08 -63.66
CA GLY E 232 5.46 -9.79 -65.06
C GLY E 232 4.12 -10.29 -65.57
N GLN E 233 3.61 -11.38 -64.99
CA GLN E 233 2.30 -11.88 -65.36
C GLN E 233 1.20 -11.30 -64.50
N LEU E 234 1.41 -11.21 -63.18
CA LEU E 234 0.43 -10.60 -62.30
C LEU E 234 0.18 -9.14 -62.65
N GLY E 235 1.11 -8.51 -63.37
CA GLY E 235 0.87 -7.17 -63.88
C GLY E 235 -0.13 -7.14 -65.02
N ARG E 236 -0.23 -8.24 -65.76
CA ARG E 236 -1.22 -8.35 -66.83
C ARG E 236 -2.55 -8.90 -66.32
N ASP E 237 -2.55 -9.67 -65.23
CA ASP E 237 -3.77 -10.06 -64.53
C ASP E 237 -3.43 -10.30 -63.06
N PRO E 238 -3.86 -9.41 -62.17
CA PRO E 238 -3.56 -9.59 -60.73
C PRO E 238 -4.33 -10.73 -60.08
N LEU E 239 -5.37 -11.26 -60.72
CA LEU E 239 -6.24 -12.25 -60.09
C LEU E 239 -6.12 -13.63 -60.73
N ILE E 240 -5.07 -13.90 -61.49
CA ILE E 240 -4.94 -15.20 -62.13
C ILE E 240 -4.79 -16.30 -61.08
N PHE E 241 -4.26 -15.98 -59.90
CA PHE E 241 -4.07 -16.97 -58.85
C PHE E 241 -5.37 -17.47 -58.21
N LEU E 242 -6.49 -16.82 -58.51
CA LEU E 242 -7.77 -17.19 -57.94
C LEU E 242 -8.68 -17.88 -58.93
N HIS E 243 -9.40 -18.89 -58.45
CA HIS E 243 -10.32 -19.65 -59.29
C HIS E 243 -11.36 -18.73 -59.96
N PRO E 244 -11.77 -19.05 -61.18
CA PRO E 244 -13.05 -18.53 -61.67
C PRO E 244 -14.19 -19.11 -60.84
N PRO E 245 -15.25 -18.32 -60.62
CA PRO E 245 -16.35 -18.81 -59.75
C PRO E 245 -17.04 -20.05 -60.26
N GLU E 246 -16.67 -20.50 -61.46
CA GLU E 246 -17.27 -21.72 -62.02
C GLU E 246 -16.79 -22.96 -61.28
N ALA E 247 -15.52 -22.98 -60.86
CA ALA E 247 -15.00 -24.11 -60.11
C ALA E 247 -15.60 -24.19 -58.71
N GLY E 248 -16.04 -23.07 -58.16
CA GLY E 248 -16.76 -23.07 -56.90
C GLY E 248 -15.94 -23.43 -55.67
N CYS E 249 -14.72 -22.92 -55.57
CA CYS E 249 -13.94 -23.12 -54.36
C CYS E 249 -14.31 -22.06 -53.33
N GLU E 250 -14.67 -22.56 -52.15
CA GLU E 250 -15.15 -21.74 -51.07
C GLU E 250 -14.08 -20.91 -50.42
N GLU E 251 -12.89 -20.82 -51.02
CA GLU E 251 -11.82 -20.03 -50.40
C GLU E 251 -11.25 -18.92 -51.30
N CYS E 252 -11.44 -19.17 -52.59
CA CYS E 252 -11.05 -18.28 -53.66
C CYS E 252 -12.16 -17.26 -53.80
N ASP E 253 -13.42 -17.68 -53.70
CA ASP E 253 -14.44 -16.65 -53.81
C ASP E 253 -14.46 -15.73 -52.60
N ALA E 254 -14.06 -16.11 -51.39
CA ALA E 254 -13.91 -15.19 -50.27
C ALA E 254 -12.82 -14.15 -50.49
N ALA E 255 -11.83 -14.45 -51.34
CA ALA E 255 -10.76 -13.51 -51.59
C ALA E 255 -11.19 -12.43 -52.59
N ARG E 256 -11.94 -12.80 -53.62
CA ARG E 256 -12.35 -11.83 -54.63
C ARG E 256 -13.51 -10.96 -54.17
N GLN E 257 -14.22 -11.35 -53.10
CA GLN E 257 -15.24 -10.47 -52.54
C GLN E 257 -14.62 -9.23 -51.92
N SER E 258 -13.40 -9.36 -51.39
CA SER E 258 -12.68 -8.23 -50.80
C SER E 258 -11.95 -7.44 -51.89
N ILE E 259 -12.55 -7.39 -53.08
CA ILE E 259 -11.99 -6.67 -54.22
C ILE E 259 -10.59 -7.19 -54.57
N GLY F 2 -18.61 53.46 47.61
CA GLY F 2 -18.45 53.27 49.03
C GLY F 2 -18.74 51.85 49.49
N MET F 3 -19.78 51.71 50.31
CA MET F 3 -20.26 50.41 50.78
C MET F 3 -21.70 50.25 50.33
N GLN F 4 -21.91 49.39 49.33
CA GLN F 4 -23.24 49.05 48.85
C GLN F 4 -23.69 47.73 49.47
N TYR F 5 -25.00 47.62 49.70
CA TYR F 5 -25.53 46.39 50.27
C TYR F 5 -25.43 45.26 49.26
N GLU F 6 -24.52 44.33 49.51
CA GLU F 6 -24.36 43.17 48.64
C GLU F 6 -25.53 42.23 48.84
N TRP F 7 -26.46 42.26 47.89
CA TRP F 7 -27.65 41.43 47.97
C TRP F 7 -27.28 39.95 48.06
N ARG F 8 -28.09 39.20 48.77
CA ARG F 8 -27.92 37.76 48.88
C ARG F 8 -28.90 37.04 47.98
N LYS F 9 -28.90 35.71 48.10
CA LYS F 9 -29.67 34.89 47.18
C LYS F 9 -31.16 35.00 47.46
N ALA F 10 -31.56 34.95 48.73
CA ALA F 10 -32.98 34.96 49.08
C ALA F 10 -33.69 36.16 48.44
N GLU F 11 -33.07 37.34 48.52
CA GLU F 11 -33.71 38.52 47.94
C GLU F 11 -33.72 38.47 46.42
N LEU F 12 -32.61 38.05 45.81
CA LEU F 12 -32.52 38.03 44.35
C LEU F 12 -33.56 37.08 43.75
N ILE F 13 -33.91 36.01 44.44
CA ILE F 13 -34.99 35.15 43.98
C ILE F 13 -36.31 35.88 44.03
N GLY F 14 -36.54 36.65 45.10
CA GLY F 14 -37.77 37.39 45.26
C GLY F 14 -38.05 38.35 44.12
N GLN F 15 -37.10 39.25 43.86
CA GLN F 15 -37.34 40.29 42.85
C GLN F 15 -37.61 39.69 41.48
N LEU F 16 -36.90 38.61 41.13
CA LEU F 16 -37.05 38.02 39.80
C LEU F 16 -38.48 37.57 39.56
N LEU F 17 -39.11 36.95 40.56
CA LEU F 17 -40.48 36.48 40.39
C LEU F 17 -41.49 37.61 40.59
N ASN F 18 -41.21 38.54 41.49
CA ASN F 18 -42.07 39.72 41.60
C ASN F 18 -41.99 40.57 40.34
N LEU F 19 -40.84 40.54 39.66
CA LEU F 19 -40.69 41.19 38.37
C LEU F 19 -41.44 40.40 37.29
N GLY F 20 -41.74 39.14 37.54
CA GLY F 20 -42.60 38.35 36.69
C GLY F 20 -41.95 37.27 35.85
N VAL F 21 -40.76 36.79 36.23
CA VAL F 21 -40.14 35.69 35.52
C VAL F 21 -41.00 34.45 35.67
N THR F 22 -41.10 33.65 34.60
CA THR F 22 -41.98 32.49 34.58
C THR F 22 -41.25 31.29 35.18
N PRO F 23 -41.75 30.71 36.28
CA PRO F 23 -41.18 29.45 36.78
C PRO F 23 -41.56 28.30 35.87
N GLY F 24 -40.56 27.59 35.36
CA GLY F 24 -40.76 26.49 34.45
C GLY F 24 -40.60 26.83 32.99
N GLY F 25 -40.62 28.11 32.64
CA GLY F 25 -40.41 28.55 31.27
C GLY F 25 -38.95 28.81 30.98
N VAL F 26 -38.71 29.35 29.79
CA VAL F 26 -37.37 29.72 29.38
C VAL F 26 -37.13 31.18 29.75
N LEU F 27 -35.86 31.55 29.90
CA LEU F 27 -35.50 32.91 30.33
C LEU F 27 -34.18 33.28 29.68
N LEU F 28 -34.22 34.31 28.82
CA LEU F 28 -33.04 34.88 28.21
C LEU F 28 -32.61 36.10 28.99
N VAL F 29 -31.32 36.19 29.31
CA VAL F 29 -30.76 37.38 29.94
C VAL F 29 -29.63 37.91 29.07
N HIS F 30 -29.61 39.23 28.92
CA HIS F 30 -28.40 39.99 28.65
C HIS F 30 -28.11 40.77 29.92
N SER F 31 -26.94 40.55 30.50
CA SER F 31 -26.65 41.10 31.82
C SER F 31 -25.39 41.94 31.79
N SER F 32 -25.46 43.09 32.47
CA SER F 32 -24.31 43.97 32.70
C SER F 32 -24.05 43.91 34.21
N PHE F 33 -23.17 42.99 34.62
CA PHE F 33 -22.85 42.86 36.03
C PHE F 33 -22.52 44.23 36.57
N ARG F 34 -21.80 45.04 35.78
CA ARG F 34 -21.43 46.38 36.22
C ARG F 34 -22.59 47.06 36.96
N SER F 35 -23.82 46.79 36.53
CA SER F 35 -24.99 47.43 37.14
C SER F 35 -25.59 46.60 38.27
N VAL F 36 -25.45 45.28 38.22
CA VAL F 36 -26.01 44.42 39.26
C VAL F 36 -25.14 44.49 40.52
N ARG F 37 -23.82 44.52 40.35
CA ARG F 37 -22.88 44.42 41.46
C ARG F 37 -23.03 45.62 42.42
N PRO F 38 -22.58 45.46 43.68
CA PRO F 38 -21.98 44.26 44.28
C PRO F 38 -22.99 43.25 44.80
N LEU F 39 -22.64 41.98 44.68
CA LEU F 39 -23.45 40.86 45.16
C LEU F 39 -22.59 39.98 46.05
N GLU F 40 -23.23 39.38 47.06
CA GLU F 40 -22.61 38.24 47.73
C GLU F 40 -22.55 37.08 46.73
N ASP F 41 -21.45 36.34 46.77
CA ASP F 41 -21.11 35.28 45.82
C ASP F 41 -20.83 35.82 44.42
N GLY F 42 -20.82 37.14 44.23
CA GLY F 42 -20.43 37.75 42.98
C GLY F 42 -21.33 37.39 41.81
N PRO F 43 -20.75 37.28 40.62
CA PRO F 43 -21.55 36.93 39.43
C PRO F 43 -22.17 35.53 39.51
N LEU F 44 -21.49 34.60 40.19
CA LEU F 44 -22.11 33.32 40.49
C LEU F 44 -23.30 33.51 41.43
N GLY F 45 -23.24 34.54 42.27
CA GLY F 45 -24.43 34.97 42.98
C GLY F 45 -25.62 35.12 42.04
N LEU F 46 -25.42 35.80 40.92
CA LEU F 46 -26.56 35.90 40.02
C LEU F 46 -27.02 34.49 39.65
N ILE F 47 -26.17 33.74 38.96
CA ILE F 47 -26.59 32.53 38.24
C ILE F 47 -27.38 31.58 39.14
N GLU F 48 -27.02 31.48 40.42
CA GLU F 48 -27.76 30.58 41.30
C GLU F 48 -29.18 31.09 41.55
N ALA F 49 -29.36 32.43 41.59
CA ALA F 49 -30.68 33.03 41.72
C ALA F 49 -31.54 32.74 40.51
N LEU F 50 -31.04 33.14 39.33
CA LEU F 50 -31.78 32.97 38.09
C LEU F 50 -32.22 31.52 37.91
N ARG F 51 -31.37 30.57 38.32
CA ARG F 51 -31.74 29.16 38.17
C ARG F 51 -32.73 28.72 39.25
N ALA F 52 -32.53 29.17 40.50
CA ALA F 52 -33.42 28.75 41.57
C ALA F 52 -34.81 29.34 41.40
N ALA F 53 -34.90 30.58 40.92
CA ALA F 53 -36.21 31.17 40.66
C ALA F 53 -36.92 30.47 39.51
N LEU F 54 -36.17 30.02 38.51
CA LEU F 54 -36.77 29.25 37.42
C LEU F 54 -37.30 27.92 37.92
N GLY F 55 -36.54 27.23 38.77
CA GLY F 55 -36.86 25.89 39.19
C GLY F 55 -36.08 24.88 38.40
N PRO F 56 -36.10 23.62 38.85
CA PRO F 56 -35.35 22.58 38.10
C PRO F 56 -35.86 22.38 36.69
N GLY F 57 -37.17 22.50 36.47
CA GLY F 57 -37.73 22.33 35.14
C GLY F 57 -37.52 23.51 34.20
N GLY F 58 -37.07 24.66 34.72
CA GLY F 58 -36.84 25.80 33.87
C GLY F 58 -35.51 25.73 33.15
N THR F 59 -35.45 26.40 32.00
CA THR F 59 -34.26 26.45 31.17
C THR F 59 -33.79 27.89 31.04
N LEU F 60 -32.52 28.12 31.37
CA LEU F 60 -31.90 29.45 31.33
C LEU F 60 -30.98 29.51 30.12
N VAL F 61 -31.23 30.45 29.22
CA VAL F 61 -30.43 30.65 28.02
C VAL F 61 -29.73 32.01 28.12
N MET F 62 -28.44 32.01 27.81
CA MET F 62 -27.63 33.22 27.79
C MET F 62 -26.74 33.19 26.55
N PRO F 63 -26.66 34.29 25.81
CA PRO F 63 -25.77 34.33 24.64
C PRO F 63 -24.31 34.13 25.03
N SER F 64 -23.50 33.68 24.05
CA SER F 64 -22.12 33.29 24.34
C SER F 64 -21.24 33.41 23.09
N TRP F 65 -21.51 34.40 22.24
CA TRP F 65 -21.02 34.35 20.86
C TRP F 65 -19.58 34.81 20.70
N SER F 66 -19.17 34.93 19.43
CA SER F 66 -17.78 35.15 19.01
C SER F 66 -17.15 36.52 19.22
N GLY F 67 -17.55 37.51 18.44
CA GLY F 67 -16.69 38.66 18.22
C GLY F 67 -15.34 38.41 17.57
N LEU F 68 -14.98 37.15 17.32
CA LEU F 68 -13.67 36.82 16.76
C LEU F 68 -13.67 37.00 15.25
N ASP F 69 -12.60 37.62 14.74
CA ASP F 69 -12.51 37.90 13.31
C ASP F 69 -12.27 36.63 12.51
N ASP F 70 -11.17 35.92 12.80
CA ASP F 70 -10.77 34.77 11.98
C ASP F 70 -10.36 33.58 12.85
N GLU F 71 -10.74 33.57 14.11
CA GLU F 71 -10.43 32.46 15.00
C GLU F 71 -11.58 31.47 15.01
N PRO F 72 -11.34 30.18 14.76
CA PRO F 72 -12.42 29.20 14.78
C PRO F 72 -13.04 29.07 16.16
N PHE F 73 -14.20 28.44 16.21
CA PHE F 73 -15.00 28.37 17.42
C PHE F 73 -14.89 27.00 18.07
N ASP F 74 -14.89 26.99 19.40
CA ASP F 74 -14.90 25.77 20.21
C ASP F 74 -15.87 25.94 21.37
N PRO F 75 -16.90 25.10 21.46
CA PRO F 75 -17.88 25.22 22.55
C PRO F 75 -17.31 24.97 23.93
N ALA F 76 -16.04 24.61 24.05
CA ALA F 76 -15.45 24.28 25.34
C ALA F 76 -14.29 25.18 25.73
N THR F 77 -13.76 25.99 24.82
CA THR F 77 -12.58 26.79 25.12
C THR F 77 -12.76 28.25 24.72
N SER F 78 -13.55 28.49 23.67
CA SER F 78 -13.70 29.84 23.12
C SER F 78 -14.36 30.77 24.15
N PRO F 79 -13.71 31.83 24.59
CA PRO F 79 -14.33 32.76 25.53
C PRO F 79 -15.35 33.66 24.86
N VAL F 80 -16.38 34.02 25.62
CA VAL F 80 -17.39 34.95 25.13
C VAL F 80 -16.76 36.32 24.93
N THR F 81 -17.34 37.10 24.01
CA THR F 81 -16.82 38.43 23.75
C THR F 81 -17.00 39.31 24.99
N PRO F 82 -16.08 40.24 25.26
CA PRO F 82 -16.17 41.04 26.50
C PRO F 82 -17.36 41.99 26.53
N ASP F 83 -18.09 42.16 25.44
CA ASP F 83 -19.21 43.10 25.38
C ASP F 83 -20.49 42.53 25.98
N LEU F 84 -20.43 41.36 26.60
CA LEU F 84 -21.54 40.86 27.38
C LEU F 84 -21.22 40.72 28.87
N GLY F 85 -19.94 40.68 29.28
CA GLY F 85 -19.60 40.71 30.68
C GLY F 85 -19.35 39.35 31.28
N VAL F 86 -19.05 39.37 32.57
CA VAL F 86 -18.54 38.21 33.26
C VAL F 86 -19.63 37.15 33.47
N VAL F 87 -20.89 37.57 33.58
CA VAL F 87 -21.94 36.61 33.92
C VAL F 87 -22.12 35.60 32.79
N SER F 88 -22.13 36.07 31.54
CA SER F 88 -22.22 35.15 30.41
C SER F 88 -20.93 34.34 30.26
N ASP F 89 -19.78 35.02 30.35
CA ASP F 89 -18.51 34.32 30.21
C ASP F 89 -18.27 33.32 31.33
N THR F 90 -19.09 33.34 32.38
CA THR F 90 -19.03 32.31 33.41
C THR F 90 -20.10 31.25 33.24
N PHE F 91 -21.27 31.61 32.70
CA PHE F 91 -22.42 30.71 32.69
C PHE F 91 -22.14 29.43 31.92
N TRP F 92 -21.44 29.52 30.80
CA TRP F 92 -21.19 28.34 29.99
C TRP F 92 -20.09 27.45 30.56
N ARG F 93 -19.38 27.88 31.60
CA ARG F 93 -18.24 27.15 32.14
C ARG F 93 -18.59 26.28 33.34
N LEU F 94 -19.86 26.16 33.67
CA LEU F 94 -20.33 25.36 34.80
C LEU F 94 -20.95 24.05 34.32
N PRO F 95 -21.10 23.07 35.22
CA PRO F 95 -21.64 21.77 34.81
C PRO F 95 -23.03 21.88 34.20
N ASN F 96 -23.28 21.00 33.22
CA ASN F 96 -24.60 20.80 32.60
C ASN F 96 -25.11 22.04 31.87
N VAL F 97 -24.20 22.93 31.47
CA VAL F 97 -24.53 24.07 30.62
C VAL F 97 -23.94 23.79 29.24
N LYS F 98 -24.79 23.77 28.22
CA LYS F 98 -24.39 23.36 26.88
C LYS F 98 -24.41 24.56 25.93
N ARG F 99 -23.26 24.84 25.32
CA ARG F 99 -23.11 25.88 24.31
C ARG F 99 -23.57 25.36 22.95
N SER F 100 -23.39 26.15 21.91
CA SER F 100 -23.58 25.66 20.55
C SER F 100 -22.21 25.36 19.95
N ALA F 101 -22.23 25.02 18.67
CA ALA F 101 -21.00 24.73 17.92
C ALA F 101 -20.73 25.67 16.74
N HIS F 102 -20.97 26.98 16.92
CA HIS F 102 -20.72 27.96 15.88
C HIS F 102 -20.17 29.23 16.51
N PRO F 103 -19.61 30.13 15.71
CA PRO F 103 -19.13 31.41 16.26
C PRO F 103 -20.22 32.41 16.73
N PHE F 104 -21.52 32.11 16.64
CA PHE F 104 -22.54 33.04 17.08
C PHE F 104 -23.32 32.44 18.25
N ALA F 105 -22.58 32.19 19.33
CA ALA F 105 -22.93 31.22 20.35
C ALA F 105 -23.93 31.72 21.39
N PHE F 106 -24.82 30.82 21.78
CA PHE F 106 -25.70 30.97 22.93
C PHE F 106 -25.52 29.76 23.84
N ALA F 107 -25.59 29.99 25.14
CA ALA F 107 -25.51 28.92 26.12
C ALA F 107 -26.89 28.67 26.72
N ALA F 108 -27.09 27.46 27.22
CA ALA F 108 -28.38 27.09 27.79
C ALA F 108 -28.17 25.94 28.78
N ALA F 109 -28.87 26.02 29.91
CA ALA F 109 -28.81 24.99 30.94
C ALA F 109 -30.22 24.71 31.43
N GLY F 110 -30.71 23.50 31.16
CA GLY F 110 -32.03 23.11 31.60
C GLY F 110 -32.53 21.86 30.90
N PRO F 111 -33.78 21.48 31.17
CA PRO F 111 -34.34 20.32 30.46
C PRO F 111 -34.56 20.60 28.98
N GLN F 112 -34.93 21.82 28.61
CA GLN F 112 -35.13 22.20 27.23
C GLN F 112 -33.82 22.46 26.51
N ALA F 113 -32.68 22.23 27.18
CA ALA F 113 -31.43 22.90 26.79
C ALA F 113 -31.03 22.63 25.35
N GLU F 114 -31.27 21.42 24.83
CA GLU F 114 -30.74 21.10 23.51
C GLU F 114 -31.56 21.70 22.38
N GLN F 115 -32.85 21.96 22.61
CA GLN F 115 -33.67 22.54 21.54
C GLN F 115 -33.24 23.98 21.23
N ILE F 116 -32.74 24.72 22.20
CA ILE F 116 -32.31 26.09 21.93
C ILE F 116 -31.12 26.11 20.98
N ILE F 117 -30.12 25.28 21.23
CA ILE F 117 -28.79 25.54 20.71
C ILE F 117 -28.21 24.35 19.96
N SER F 118 -29.05 23.66 19.20
CA SER F 118 -28.60 22.51 18.42
C SER F 118 -28.39 22.84 16.96
N ASP F 119 -28.80 24.02 16.50
CA ASP F 119 -28.73 24.34 15.09
C ASP F 119 -27.30 24.72 14.69
N PRO F 120 -26.92 24.43 13.44
CA PRO F 120 -25.58 24.80 12.97
C PRO F 120 -25.46 26.30 12.69
N LEU F 121 -24.44 26.69 11.95
CA LEU F 121 -24.21 28.09 11.62
C LEU F 121 -25.30 28.61 10.67
N PRO F 125 -26.82 35.23 11.35
CA PRO F 125 -26.76 34.66 12.70
C PRO F 125 -28.11 34.72 13.42
N HIS F 126 -28.69 35.91 13.53
CA HIS F 126 -29.95 36.08 14.24
C HIS F 126 -31.13 35.76 13.34
N SER F 127 -30.94 34.84 12.40
CA SER F 127 -31.94 34.45 11.43
C SER F 127 -32.82 33.33 12.00
N PRO F 128 -33.93 33.01 11.34
CA PRO F 128 -34.64 31.77 11.70
C PRO F 128 -33.69 30.59 11.77
N ALA F 129 -34.01 29.64 12.66
CA ALA F 129 -33.15 28.49 12.98
C ALA F 129 -31.89 28.93 13.72
N SER F 130 -32.03 29.88 14.63
CA SER F 130 -30.97 30.37 15.49
C SER F 130 -31.41 30.32 16.95
N PRO F 131 -30.47 30.24 17.89
CA PRO F 131 -30.86 30.24 19.31
C PRO F 131 -31.71 31.43 19.70
N VAL F 132 -31.46 32.61 19.12
CA VAL F 132 -32.34 33.75 19.38
C VAL F 132 -33.67 33.55 18.68
N ALA F 133 -33.69 32.78 17.59
CA ALA F 133 -34.94 32.41 16.93
C ALA F 133 -35.57 31.16 17.51
N ARG F 134 -34.91 30.49 18.48
CA ARG F 134 -35.45 29.27 19.05
C ARG F 134 -35.94 29.45 20.50
N VAL F 135 -35.42 30.44 21.24
CA VAL F 135 -36.16 30.93 22.40
C VAL F 135 -37.43 31.60 21.91
N HIS F 136 -37.36 32.19 20.72
CA HIS F 136 -38.51 32.74 20.03
C HIS F 136 -39.56 31.67 19.76
N GLU F 137 -39.16 30.40 19.67
CA GLU F 137 -40.13 29.33 19.41
C GLU F 137 -41.06 29.09 20.59
N LEU F 138 -40.51 28.94 21.79
CA LEU F 138 -41.30 28.50 22.94
C LEU F 138 -42.15 29.62 23.57
N ASP F 139 -42.12 30.83 23.04
CA ASP F 139 -42.70 32.04 23.66
C ASP F 139 -41.96 32.35 24.96
N GLY F 140 -40.78 32.87 24.77
CA GLY F 140 -39.89 33.11 25.89
C GLY F 140 -40.10 34.46 26.55
N GLN F 141 -39.20 34.76 27.49
CA GLN F 141 -39.20 36.04 28.19
C GLN F 141 -37.77 36.54 28.26
N VAL F 142 -37.48 37.61 27.52
CA VAL F 142 -36.15 38.20 27.50
C VAL F 142 -36.01 39.13 28.71
N LEU F 143 -34.89 39.00 29.43
CA LEU F 143 -34.65 39.73 30.67
C LEU F 143 -33.39 40.58 30.50
N LEU F 144 -33.55 41.90 30.64
CA LEU F 144 -32.46 42.86 30.45
C LEU F 144 -31.99 43.36 31.81
N LEU F 145 -30.72 43.12 32.12
CA LEU F 145 -30.13 43.50 33.40
C LEU F 145 -29.05 44.54 33.16
N GLY F 146 -29.30 45.78 33.56
CA GLY F 146 -28.34 46.84 33.34
C GLY F 146 -28.05 47.11 31.88
N VAL F 147 -28.96 46.74 30.99
CA VAL F 147 -28.80 46.94 29.56
C VAL F 147 -30.15 47.32 28.97
N GLY F 148 -30.14 48.23 28.01
CA GLY F 148 -31.32 48.58 27.26
C GLY F 148 -31.51 47.66 26.07
N HIS F 149 -32.37 48.09 25.16
CA HIS F 149 -32.56 47.33 23.93
C HIS F 149 -31.39 47.46 22.97
N ASP F 150 -30.31 48.13 23.37
CA ASP F 150 -29.10 48.17 22.56
C ASP F 150 -28.52 46.78 22.40
N ALA F 151 -28.66 45.92 23.40
CA ALA F 151 -28.18 44.54 23.36
C ALA F 151 -29.32 43.54 23.32
N ASN F 152 -30.56 43.98 23.10
CA ASN F 152 -31.69 43.07 22.97
C ASN F 152 -31.55 42.30 21.67
N THR F 153 -31.01 41.08 21.74
CA THR F 153 -30.73 40.31 20.55
C THR F 153 -31.99 39.90 19.81
N THR F 154 -33.11 39.76 20.53
CA THR F 154 -34.39 39.42 19.90
C THR F 154 -34.96 40.57 19.07
N LEU F 155 -34.29 41.71 19.02
CA LEU F 155 -34.74 42.81 18.16
C LEU F 155 -34.12 42.76 16.78
N ALA F 156 -32.85 42.33 16.67
CA ALA F 156 -32.29 41.99 15.36
C ALA F 156 -33.08 40.85 14.74
N LEU F 157 -33.56 39.93 15.58
CA LEU F 157 -34.46 38.86 15.17
C LEU F 157 -35.61 39.36 14.29
N ALA F 158 -36.33 40.39 14.77
CA ALA F 158 -37.48 40.94 14.06
C ALA F 158 -37.12 41.52 12.70
N GLU F 159 -35.86 41.88 12.47
CA GLU F 159 -35.48 42.47 11.19
C GLU F 159 -35.51 41.44 10.08
N LEU F 160 -34.82 40.31 10.28
CA LEU F 160 -34.72 39.29 9.23
C LEU F 160 -36.08 38.75 8.82
N MET F 161 -37.05 38.75 9.75
CA MET F 161 -38.31 38.06 9.52
C MET F 161 -39.24 38.78 8.57
N ALA F 162 -39.05 40.08 8.33
CA ALA F 162 -40.04 40.78 7.53
C ALA F 162 -39.36 41.91 6.73
N LYS F 163 -38.81 41.54 5.57
CA LYS F 163 -38.61 42.47 4.47
C LYS F 163 -37.71 43.66 4.85
N VAL F 164 -36.52 43.35 5.32
CA VAL F 164 -35.54 44.38 5.68
C VAL F 164 -34.55 44.52 4.52
N PRO F 165 -34.36 45.71 3.96
CA PRO F 165 -33.52 45.84 2.77
C PRO F 165 -32.03 45.91 3.07
N TYR F 166 -31.65 46.59 4.14
CA TYR F 166 -30.23 46.89 4.37
C TYR F 166 -29.45 45.63 4.74
N GLY F 167 -28.29 45.48 4.13
CA GLY F 167 -27.40 44.37 4.43
C GLY F 167 -25.96 44.84 4.42
N VAL F 168 -25.15 44.20 5.25
CA VAL F 168 -23.77 44.64 5.48
C VAL F 168 -22.79 43.56 5.06
N PRO F 169 -21.58 43.92 4.61
CA PRO F 169 -20.58 42.90 4.29
C PRO F 169 -19.78 42.44 5.51
N ARG F 170 -20.12 41.28 6.06
CA ARG F 170 -19.43 40.70 7.20
C ARG F 170 -18.92 39.30 6.84
N HIS F 171 -18.32 38.65 7.83
CA HIS F 171 -17.80 37.30 7.65
C HIS F 171 -17.56 36.67 9.02
N CYS F 172 -17.33 35.35 9.00
CA CYS F 172 -17.06 34.57 10.22
C CYS F 172 -15.96 33.62 9.77
N THR F 173 -15.82 32.49 10.47
CA THR F 173 -14.67 31.62 10.39
C THR F 173 -15.08 30.23 10.89
N ILE F 174 -14.71 29.20 10.13
CA ILE F 174 -15.14 27.83 10.38
C ILE F 174 -13.96 26.89 10.31
N GLY F 178 -10.50 20.67 8.49
CA GLY F 178 -9.06 20.54 8.40
C GLY F 178 -8.32 21.85 8.34
N LYS F 179 -8.93 22.90 7.81
CA LYS F 179 -8.27 24.19 7.95
C LYS F 179 -9.32 25.28 7.78
N LEU F 180 -9.01 26.47 8.29
CA LEU F 180 -9.92 27.60 8.20
C LEU F 180 -10.24 27.95 6.75
N VAL F 181 -11.41 28.55 6.54
CA VAL F 181 -11.67 29.44 5.42
C VAL F 181 -12.81 30.36 5.82
N ARG F 182 -12.93 31.46 5.09
CA ARG F 182 -13.81 32.57 5.46
C ARG F 182 -15.19 32.37 4.84
N VAL F 183 -16.21 32.32 5.68
CA VAL F 183 -17.60 32.27 5.23
C VAL F 183 -18.15 33.69 5.20
N ASP F 184 -18.53 34.16 4.02
CA ASP F 184 -19.00 35.53 3.82
C ASP F 184 -20.52 35.53 3.78
N TYR F 185 -21.12 36.34 4.66
CA TYR F 185 -22.56 36.53 4.71
C TYR F 185 -22.87 38.02 4.80
N LEU F 186 -24.16 38.36 4.81
CA LEU F 186 -24.60 39.74 4.89
C LEU F 186 -25.58 39.88 6.05
N GLU F 187 -25.19 40.63 7.07
CA GLU F 187 -25.93 40.78 8.31
C GLU F 187 -26.75 42.07 8.29
N ASN F 188 -27.39 42.36 9.43
CA ASN F 188 -28.25 43.53 9.58
C ASN F 188 -27.68 44.55 10.55
N ASP F 189 -26.44 44.37 11.00
CA ASP F 189 -25.96 45.10 12.16
C ASP F 189 -25.78 46.59 11.87
N HIS F 190 -25.70 47.35 12.95
CA HIS F 190 -25.53 48.79 12.92
C HIS F 190 -25.05 49.20 14.31
N CYS F 191 -25.17 50.47 14.65
CA CYS F 191 -24.81 50.94 15.99
C CYS F 191 -25.88 50.36 16.92
N CYS F 192 -27.14 50.54 16.52
CA CYS F 192 -28.31 50.03 17.23
C CYS F 192 -28.42 50.85 18.53
N GLU F 193 -28.10 52.14 18.47
CA GLU F 193 -28.66 53.04 19.46
C GLU F 193 -30.16 53.22 19.30
N ARG F 194 -30.77 52.50 18.35
CA ARG F 194 -32.09 52.88 17.85
C ARG F 194 -33.24 52.12 18.48
N PHE F 195 -32.98 50.98 19.14
CA PHE F 195 -34.10 50.22 19.71
C PHE F 195 -34.33 50.51 21.17
N ALA F 196 -33.48 51.30 21.82
CA ALA F 196 -33.92 51.97 23.02
C ALA F 196 -35.20 52.75 22.76
N LEU F 197 -35.49 52.99 21.48
CA LEU F 197 -36.78 53.52 21.04
C LEU F 197 -37.86 52.45 21.05
N ALA F 198 -37.49 51.18 20.89
CA ALA F 198 -38.45 50.09 21.06
C ALA F 198 -38.91 49.95 22.51
N ASP F 199 -38.22 50.61 23.44
CA ASP F 199 -38.73 50.76 24.80
C ASP F 199 -40.08 51.48 24.79
N ARG F 200 -40.14 52.67 24.18
CA ARG F 200 -41.33 53.51 24.21
C ARG F 200 -42.52 52.93 23.47
N TRP F 201 -42.51 51.67 23.02
CA TRP F 201 -43.73 51.03 22.54
C TRP F 201 -44.18 49.90 23.44
N LEU F 202 -43.29 49.35 24.25
CA LEU F 202 -43.66 48.34 25.23
C LEU F 202 -44.23 48.92 26.51
N LYS F 203 -44.45 50.24 26.55
CA LYS F 203 -45.15 50.87 27.67
C LYS F 203 -46.63 50.97 27.38
N GLU F 204 -47.00 51.71 26.31
CA GLU F 204 -48.40 52.00 26.03
C GLU F 204 -49.24 50.74 25.90
N LYS F 205 -48.63 49.61 25.55
CA LYS F 205 -49.35 48.35 25.51
C LYS F 205 -49.20 47.56 26.80
N SER F 206 -48.59 48.14 27.84
CA SER F 206 -48.46 47.52 29.17
C SER F 206 -47.82 46.13 29.08
N LEU F 207 -46.69 46.07 28.38
CA LEU F 207 -46.01 44.81 28.11
C LEU F 207 -44.65 44.70 28.78
N GLN F 208 -43.91 45.80 28.85
CA GLN F 208 -42.60 45.82 29.50
C GLN F 208 -42.79 46.05 30.99
N LYS F 209 -42.29 45.12 31.79
CA LYS F 209 -42.34 45.24 33.24
C LYS F 209 -41.00 45.74 33.76
N GLU F 210 -41.04 46.67 34.71
CA GLU F 210 -39.86 47.28 35.31
C GLU F 210 -39.70 46.81 36.75
N GLY F 211 -38.45 46.85 37.22
CA GLY F 211 -38.16 46.44 38.58
C GLY F 211 -36.67 46.19 38.80
N PRO F 212 -36.26 46.15 40.05
CA PRO F 212 -34.83 45.99 40.37
C PRO F 212 -34.39 44.54 40.40
N VAL F 213 -33.12 44.33 40.06
CA VAL F 213 -32.45 43.04 40.23
C VAL F 213 -31.07 43.36 40.80
N GLY F 214 -30.88 43.05 42.09
CA GLY F 214 -29.67 43.45 42.78
C GLY F 214 -29.58 44.96 42.86
N HIS F 215 -28.62 45.55 42.14
CA HIS F 215 -28.53 46.99 42.03
C HIS F 215 -28.92 47.51 40.65
N ALA F 216 -29.23 46.62 39.72
CA ALA F 216 -29.49 47.00 38.33
C ALA F 216 -30.98 47.16 38.08
N PHE F 217 -31.28 47.86 36.99
CA PHE F 217 -32.65 48.04 36.52
C PHE F 217 -32.98 46.97 35.49
N ALA F 218 -34.07 46.25 35.71
CA ALA F 218 -34.43 45.10 34.90
C ALA F 218 -35.60 45.40 33.98
N ARG F 219 -35.62 44.72 32.83
CA ARG F 219 -36.71 44.78 31.87
C ARG F 219 -37.06 43.36 31.43
N LEU F 220 -38.35 43.01 31.47
CA LEU F 220 -38.86 41.71 31.07
C LEU F 220 -39.92 41.84 29.98
N ILE F 221 -39.68 41.20 28.83
CA ILE F 221 -40.60 41.26 27.70
C ILE F 221 -40.88 39.84 27.22
N ARG F 222 -42.10 39.64 26.70
CA ARG F 222 -42.49 38.35 26.13
C ARG F 222 -41.83 38.16 24.77
N SER F 223 -40.92 37.19 24.67
CA SER F 223 -40.08 37.04 23.48
C SER F 223 -40.86 37.17 22.18
N ARG F 224 -42.10 36.70 22.16
CA ARG F 224 -42.88 36.77 20.95
C ARG F 224 -43.65 38.08 20.81
N ASP F 225 -43.41 38.98 21.76
CA ASP F 225 -44.03 40.29 21.79
C ASP F 225 -43.05 41.27 21.17
N ILE F 226 -41.81 41.28 21.66
CA ILE F 226 -40.80 42.16 21.08
C ILE F 226 -41.00 42.22 19.58
N VAL F 227 -41.34 41.09 18.97
CA VAL F 227 -41.74 41.09 17.57
C VAL F 227 -43.17 41.58 17.41
N ALA F 228 -44.11 41.13 18.26
CA ALA F 228 -45.50 41.56 18.12
C ALA F 228 -45.65 43.06 18.30
N THR F 229 -44.66 43.73 18.89
CA THR F 229 -44.59 45.18 18.87
C THR F 229 -43.74 45.71 17.73
N ALA F 230 -42.65 45.01 17.38
CA ALA F 230 -41.86 45.42 16.23
C ALA F 230 -42.62 45.19 14.93
N LEU F 231 -43.42 44.12 14.87
CA LEU F 231 -44.05 43.70 13.61
C LEU F 231 -44.89 44.82 13.01
N GLY F 232 -45.74 45.44 13.83
CA GLY F 232 -46.66 46.47 13.35
C GLY F 232 -45.98 47.53 12.51
N GLN F 233 -44.99 48.21 13.08
CA GLN F 233 -44.27 49.25 12.36
C GLN F 233 -43.10 48.73 11.56
N LEU F 234 -42.85 47.41 11.56
CA LEU F 234 -41.91 46.85 10.58
C LEU F 234 -42.34 47.27 9.17
N GLY F 235 -43.61 47.07 8.86
CA GLY F 235 -44.15 47.50 7.57
C GLY F 235 -44.41 48.98 7.47
N ARG F 236 -44.63 49.67 8.59
CA ARG F 236 -44.67 51.13 8.56
C ARG F 236 -43.28 51.70 8.35
N ASP F 237 -42.29 51.11 8.98
CA ASP F 237 -40.95 51.70 9.09
C ASP F 237 -39.89 50.65 8.79
N PRO F 238 -39.54 50.46 7.52
CA PRO F 238 -38.34 49.66 7.21
C PRO F 238 -37.05 50.40 7.52
N LEU F 239 -37.09 51.74 7.61
CA LEU F 239 -35.90 52.57 7.76
C LEU F 239 -35.80 53.23 9.14
N ILE F 240 -36.55 52.76 10.14
CA ILE F 240 -36.67 53.51 11.37
C ILE F 240 -35.36 53.43 12.17
N PRO F 244 -30.76 58.69 10.32
CA PRO F 244 -30.80 59.70 9.26
C PRO F 244 -29.46 60.39 9.16
N PRO F 245 -28.94 60.61 7.94
CA PRO F 245 -27.61 61.23 7.80
C PRO F 245 -27.48 62.59 8.47
N GLU F 246 -28.56 63.16 8.99
CA GLU F 246 -28.45 64.39 9.76
C GLU F 246 -27.63 64.17 11.04
N ALA F 247 -27.75 62.98 11.64
CA ALA F 247 -26.96 62.67 12.83
C ALA F 247 -25.52 62.37 12.48
N GLY F 248 -25.25 61.91 11.27
CA GLY F 248 -23.88 61.69 10.82
C GLY F 248 -23.16 60.56 11.52
N CYS F 249 -23.76 59.38 11.57
CA CYS F 249 -23.12 58.18 12.09
C CYS F 249 -22.62 57.32 10.94
N GLU F 250 -21.51 56.63 11.17
CA GLU F 250 -20.77 56.04 10.06
C GLU F 250 -21.29 54.67 9.66
N GLU F 251 -21.58 53.80 10.63
CA GLU F 251 -21.92 52.42 10.33
C GLU F 251 -23.41 52.22 10.01
N CYS F 252 -24.14 53.30 9.74
CA CYS F 252 -25.56 53.19 9.45
C CYS F 252 -25.83 53.30 7.95
CA1 AM2 G . 8.49 9.58 -12.58
CA2 AM2 G . 8.29 10.12 -14.00
CA3 AM2 G . 7.63 11.51 -14.02
CA4 AM2 G . 6.42 11.58 -13.14
CA5 AM2 G . 6.73 11.05 -11.72
CA6 AM2 G . 5.56 11.22 -10.83
CA7 AM2 G . 5.26 12.73 -10.72
CA8 AM2 G . 4.83 13.30 -12.09
CA9 AM2 G . 2.93 12.66 -10.01
OA4 AM2 G . 7.19 9.63 -11.78
OA5 AM2 G . 5.84 12.98 -13.17
NA2 AM2 G . 9.60 10.21 -14.65
NA7 AM2 G . 4.30 13.01 -9.66
OA6 AM2 G . 4.47 10.51 -11.44
OA8 AM2 G . 4.81 14.65 -12.03
OA1 AM2 G . 9.38 10.36 -11.95
CB1 AM2 G . 3.62 15.19 -12.43
CB2 AM2 G . 3.06 14.61 -13.74
CB3 AM2 G . 1.85 15.33 -14.20
CB4 AM2 G . 1.39 16.40 -13.27
CB5 AM2 G . 2.55 17.35 -12.84
CB6 AM2 G . 2.16 18.06 -11.60
OB1 AM2 G . 3.81 16.67 -12.57
NB4 AM2 G . 0.33 17.20 -13.92
OB2 AM2 G . 4.06 14.71 -14.78
OB3 AM2 G . 0.76 14.36 -14.37
OB6 AM2 G . 3.20 17.88 -10.68
CC1 AM2 G . 10.50 9.67 -11.32
CC2 AM2 G . 11.02 10.66 -10.30
CC3 AM2 G . 12.31 10.11 -9.66
CC4 AM2 G . 12.04 8.86 -8.86
CC5 AM2 G . 10.94 7.92 -9.41
CC6 AM2 G . 10.11 8.34 -10.66
NC4 AM2 G . 13.30 8.12 -8.78
NC6 AM2 G . 10.27 7.24 -11.62
OC2 AM2 G . 11.27 11.88 -10.94
OC3 AM2 G . 12.82 11.09 -8.80
ZN ZN H . 12.17 9.30 -23.64
C1 EDO I . 19.05 -11.57 9.02
O1 EDO I . 18.29 -12.57 9.71
C2 EDO I . 20.45 -11.46 9.62
O2 EDO I . 21.10 -12.72 9.56
C1 EDO J . 11.02 -15.28 8.32
O1 EDO J . 11.32 -15.13 6.92
C2 EDO J . 12.21 -15.90 9.05
O2 EDO J . 12.05 -15.68 10.45
C1 EDO K . 13.48 6.21 12.14
O1 EDO K . 14.31 7.10 11.38
C2 EDO K . 12.09 6.82 12.28
O2 EDO K . 11.61 7.23 11.00
C1 EDO L . 18.01 21.61 -0.81
O1 EDO L . 17.94 22.84 -1.53
C2 EDO L . 18.57 21.88 0.59
O2 EDO L . 17.74 22.83 1.27
P PO4 M . 6.91 -6.43 -7.07
O1 PO4 M . 7.23 -6.55 -8.53
O2 PO4 M . 6.38 -7.73 -6.54
O3 PO4 M . 5.87 -5.35 -6.89
O4 PO4 M . 8.16 -6.07 -6.31
N1 EPE N . 6.39 -19.41 -0.75
C2 EPE N . 6.99 -19.67 0.57
C3 EPE N . 7.23 -21.17 0.71
N4 EPE N . 6.13 -21.98 0.20
C5 EPE N . 5.31 -21.52 -0.90
C6 EPE N . 5.07 -20.02 -0.83
C7 EPE N . 6.11 -23.39 0.52
C8 EPE N . 5.69 -23.66 1.96
O8 EPE N . 6.82 -24.04 2.72
C9 EPE N . 6.32 -17.97 -1.05
C10 EPE N . 7.07 -17.77 -2.34
S EPE N . 7.22 -16.04 -2.82
O1S EPE N . 6.73 -15.86 -4.19
O2S EPE N . 8.63 -15.67 -2.74
O3S EPE N . 6.43 -15.21 -1.92
CA1 AM2 O . -17.23 -1.94 1.12
CA2 AM2 O . -18.62 -1.44 0.69
CA3 AM2 O . -18.97 -1.82 -0.76
CA4 AM2 O . -17.87 -1.53 -1.71
CA5 AM2 O . -16.59 -2.29 -1.27
CA6 AM2 O . -15.54 -2.22 -2.30
CA7 AM2 O . -16.09 -2.97 -3.52
CA8 AM2 O . -17.43 -2.45 -4.10
CA9 AM2 O . -15.34 -1.90 -5.52
OA4 AM2 O . -16.13 -1.79 0.06
OA5 AM2 O . -18.37 -1.81 -3.11
NA2 AM2 O . -19.65 -2.04 1.55
NA7 AM2 O . -15.11 -2.95 -4.59
OA6 AM2 O . -15.23 -0.84 -2.62
OA8 AM2 O . -18.13 -3.48 -4.63
OA1 AM2 O . -17.34 -3.25 1.46
CB1 AM2 O . -18.36 -3.34 -5.97
CB2 AM2 O . -18.76 -1.89 -6.33
CB3 AM2 O . -18.89 -1.72 -7.78
CB4 AM2 O . -18.96 -3.03 -8.52
CB5 AM2 O . -19.85 -4.05 -7.78
CB6 AM2 O . -19.85 -5.33 -8.55
OB1 AM2 O . -19.41 -4.31 -6.41
NB4 AM2 O . -19.50 -2.78 -9.89
OB2 AM2 O . -20.02 -1.58 -5.70
OB3 AM2 O . -17.71 -0.98 -8.25
OB6 AM2 O . -20.39 -6.35 -7.77
CC1 AM2 O . -17.03 -3.60 2.84
CC2 AM2 O . -16.40 -4.98 2.73
CC3 AM2 O . -16.09 -5.57 4.12
CC4 AM2 O . -15.10 -4.71 4.87
CC5 AM2 O . -15.43 -3.20 4.85
CC6 AM2 O . -16.11 -2.62 3.58
NC4 AM2 O . -15.08 -5.17 6.27
NC6 AM2 O . -16.88 -1.47 4.09
OC2 AM2 O . -17.30 -5.82 2.04
OC3 AM2 O . -15.52 -6.85 3.95
ZN ZN P . -27.41 2.85 5.96
C1 EDO Q . -36.46 -1.77 11.27
O1 EDO Q . -36.69 -2.64 10.16
C2 EDO Q . -35.61 -0.57 10.82
O2 EDO Q . -34.40 -1.06 10.21
P PO4 R . -4.17 5.10 10.15
O1 PO4 R . -4.09 3.79 10.90
O2 PO4 R . -2.96 5.24 9.26
O3 PO4 R . -5.43 5.14 9.33
O4 PO4 R . -4.20 6.23 11.15
N1 EPE S . 8.01 9.27 16.90
C2 EPE S . 8.08 10.72 16.70
C3 EPE S . 9.52 11.21 16.73
N4 EPE S . 10.20 10.71 17.92
C5 EPE S . 10.08 9.30 18.25
C6 EPE S . 8.62 8.87 18.18
C7 EPE S . 11.17 11.56 18.59
C8 EPE S . 11.72 10.94 19.87
O8 EPE S . 12.97 10.36 19.61
C9 EPE S . 6.59 8.92 16.97
C10 EPE S . 6.10 8.39 15.62
S EPE S . 4.30 8.39 15.61
O1S EPE S . 3.81 7.35 16.49
O2S EPE S . 3.81 8.18 14.25
O3S EPE S . 3.82 9.69 16.08
CA1 AM2 T . 5.47 39.02 26.73
CA2 AM2 T . 6.71 39.64 26.04
CA3 AM2 T . 6.59 41.13 25.66
CA4 AM2 T . 5.21 41.70 25.46
CA5 AM2 T . 4.18 41.09 26.44
CA6 AM2 T . 2.82 41.67 26.33
CA7 AM2 T . 2.79 43.22 26.31
CA8 AM2 T . 3.92 43.89 25.48
CA9 AM2 T . 1.35 43.96 24.47
OA4 AM2 T . 4.16 39.62 26.24
OA5 AM2 T . 5.25 43.21 25.56
NA2 AM2 T . 7.87 39.50 26.94
NA7 AM2 T . 1.47 43.68 25.91
OA6 AM2 T . 2.19 41.11 25.15
OA8 AM2 T . 4.13 45.14 25.99
OA1 AM2 T . 5.52 39.21 28.07
CB1 AM2 T . 4.05 46.15 25.08
CB2 AM2 T . 4.90 45.88 23.82
CB3 AM2 T . 4.83 46.98 22.83
CB4 AM2 T . 4.34 48.27 23.41
CB5 AM2 T . 4.81 48.50 24.86
CB6 AM2 T . 4.22 49.75 25.39
OB1 AM2 T . 4.45 47.41 25.77
NB4 AM2 T . 4.81 49.39 22.57
OB2 AM2 T . 6.28 45.69 24.19
OB3 AM2 T . 3.94 46.57 21.74
OB6 AM2 T . 4.18 49.67 26.78
CC1 AM2 T . 5.11 38.05 28.84
CC2 AM2 T . 4.75 38.53 30.25
CC3 AM2 T . 4.36 37.35 31.17
CC4 AM2 T . 3.35 36.42 30.53
CC5 AM2 T . 2.83 36.92 29.18
CC6 AM2 T . 3.97 37.28 28.19
NC4 AM2 T . 3.97 35.10 30.35
NC6 AM2 T . 4.48 36.03 27.60
OC2 AM2 T . 5.84 39.22 30.79
OC3 AM2 T . 3.83 37.87 32.37
ZN ZN U . 15.16 35.66 22.22
P PO4 V . -5.60 26.11 25.39
O1 PO4 V . -5.62 24.79 24.64
O2 PO4 V . -4.49 26.98 24.84
O3 PO4 V . -6.93 26.79 25.20
O4 PO4 V . -5.34 25.84 26.85
N1 EPE W . -16.42 16.97 25.25
C2 EPE W . -16.63 15.92 24.24
C3 EPE W . -17.88 15.13 24.59
N4 EPE W . -17.89 14.78 25.99
C5 EPE W . -16.66 14.98 26.70
C6 EPE W . -16.27 16.45 26.63
C7 EPE W . -19.12 14.99 26.73
C8 EPE W . -19.51 13.74 27.53
O8 EPE W . -20.02 14.13 28.79
C9 EPE W . -15.23 17.78 24.90
C10 EPE W . -13.96 17.09 25.38
S EPE W . -12.67 18.28 25.75
O1S EPE W . -12.30 18.97 24.53
O2S EPE W . -11.50 17.62 26.33
O3S EPE W . -13.18 19.26 26.72
CA1 AM2 X . -2.36 -41.19 -19.13
CA2 AM2 X . -3.69 -40.96 -18.42
CA3 AM2 X . -4.87 -41.72 -19.07
CA4 AM2 X . -4.94 -41.61 -20.56
CA5 AM2 X . -3.55 -41.81 -21.23
CA6 AM2 X . -3.68 -41.66 -22.70
CA7 AM2 X . -4.59 -42.78 -23.25
CA8 AM2 X . -6.00 -42.83 -22.58
CA9 AM2 X . -5.70 -41.76 -25.17
OA4 AM2 X . -2.48 -40.96 -20.64
OA5 AM2 X . -5.96 -42.59 -21.09
NA2 AM2 X . -3.57 -41.38 -17.02
NA7 AM2 X . -4.70 -42.71 -24.71
OA6 AM2 X . -4.22 -40.35 -22.98
OA8 AM2 X . -6.55 -44.07 -22.75
OA1 AM2 X . -1.90 -42.44 -18.86
CB1 AM2 X . -7.74 -44.06 -23.43
CB2 AM2 X . -8.77 -43.10 -22.83
CB3 AM2 X . -10.11 -43.19 -23.48
CB4 AM2 X . -10.15 -44.20 -24.58
CB5 AM2 X . -9.58 -45.57 -24.13
CB6 AM2 X . -9.39 -46.42 -25.31
OB1 AM2 X . -8.28 -45.46 -23.45
NB4 AM2 X . -11.57 -44.39 -25.00
OB2 AM2 X . -8.94 -43.43 -21.43
OB3 AM2 X . -10.47 -41.88 -24.03
OB6 AM2 X . -8.11 -47.00 -25.22
CC1 AM2 X . -0.46 -42.61 -18.75
CC2 AM2 X . -0.09 -43.75 -19.69
CC3 AM2 X . 1.39 -44.12 -19.55
CC4 AM2 X . 2.28 -42.95 -19.96
CC5 AM2 X . 1.87 -41.60 -19.37
CC6 AM2 X . 0.38 -41.35 -19.05
NC4 AM2 X . 3.64 -43.26 -19.51
NC6 AM2 X . 0.36 -40.46 -17.88
OC2 AM2 X . -0.88 -44.87 -19.38
OC3 AM2 X . 1.68 -45.22 -20.38
ZN ZN Y . -6.76 -40.37 -8.51
P PO4 Z . 7.06 -27.79 -21.35
O1 PO4 Z . 7.07 -28.12 -22.82
O2 PO4 Z . 5.83 -28.37 -20.70
O3 PO4 Z . 7.04 -26.28 -21.21
O4 PO4 Z . 8.29 -28.34 -20.69
C1 GOL AA . 3.59 -45.45 6.81
O1 GOL AA . 4.62 -44.65 6.32
C2 GOL AA . 2.35 -45.20 5.92
O2 GOL AA . 2.70 -44.90 4.61
C3 GOL AA . 1.52 -46.50 6.02
O3 GOL AA . 0.18 -46.14 5.91
N1 EPE BA . 16.28 -16.99 -24.57
C2 EPE BA . 15.72 -15.70 -24.14
C3 EPE BA . 16.11 -14.62 -25.13
N4 EPE BA . 17.55 -14.63 -25.33
C5 EPE BA . 18.22 -15.88 -25.58
C6 EPE BA . 17.75 -16.95 -24.59
C7 EPE BA . 18.24 -13.38 -25.60
C8 EPE BA . 19.71 -13.43 -25.20
O8 EPE BA . 19.99 -12.37 -24.31
C9 EPE BA . 15.88 -18.01 -23.59
C10 EPE BA . 14.47 -18.48 -23.90
S EPE BA . 14.04 -19.83 -22.78
O1S EPE BA . 15.07 -19.96 -21.76
O2S EPE BA . 13.95 -21.07 -23.54
O3S EPE BA . 12.76 -19.53 -22.15
CA1 AM2 CA . -3.53 -21.43 -44.73
CA2 AM2 CA . -4.88 -21.40 -45.45
CA3 AM2 CA . -5.92 -20.53 -44.71
CA4 AM2 CA . -5.99 -20.82 -43.24
CA5 AM2 CA . -4.58 -20.81 -42.59
CA6 AM2 CA . -4.66 -21.03 -41.13
CA7 AM2 CA . -5.47 -19.88 -40.50
CA8 AM2 CA . -6.92 -19.81 -41.06
CA9 AM2 CA . -6.33 -20.89 -38.44
OA4 AM2 CA . -3.68 -21.79 -43.25
OA5 AM2 CA . -6.99 -19.90 -42.56
NA2 AM2 CA . -4.69 -20.85 -46.79
NA7 AM2 CA . -5.42 -19.93 -39.04
OA6 AM2 CA . -5.30 -22.29 -40.92
OA8 AM2 CA . -7.46 -18.61 -40.74
OA1 AM2 CA . -2.98 -20.19 -44.78
CB1 AM2 CA . -8.61 -18.71 -40.00
CB2 AM2 CA . -9.64 -19.66 -40.63
CB3 AM2 CA . -10.92 -19.67 -39.89
CB4 AM2 CA . -10.93 -18.78 -38.68
CB5 AM2 CA . -10.37 -17.36 -38.97
CB6 AM2 CA . -10.00 -16.74 -37.68
OB1 AM2 CA . -9.19 -17.35 -39.83
NB4 AM2 CA . -12.33 -18.65 -38.19
OB2 AM2 CA . -9.92 -19.23 -41.98
OB3 AM2 CA . -11.19 -21.04 -39.45
OB6 AM2 CA . -8.73 -16.18 -37.80
CC1 AM2 CA . -1.64 -20.16 -45.33
CC2 AM2 CA . -1.00 -18.88 -44.77
CC3 AM2 CA . 0.37 -18.70 -45.42
CC4 AM2 CA . 1.33 -19.75 -44.91
CC5 AM2 CA . 0.72 -21.15 -44.72
CC6 AM2 CA . -0.79 -21.39 -45.02
NC4 AM2 CA . 2.44 -19.84 -45.87
NC6 AM2 CA . -0.86 -22.32 -46.16
OC2 AM2 CA . -1.83 -17.78 -45.05
OC3 AM2 CA . 0.86 -17.42 -45.11
C1 EDO DA . 16.28 -16.72 -32.04
O1 EDO DA . 16.92 -16.86 -33.31
C2 EDO DA . 16.27 -18.07 -31.33
O2 EDO DA . 17.63 -18.52 -31.18
P PO4 EA . 5.85 -35.11 -43.52
O1 PO4 EA . 6.23 -36.55 -43.79
O2 PO4 EA . 6.84 -34.20 -44.21
O3 PO4 EA . 4.46 -34.83 -44.06
O4 PO4 EA . 5.88 -34.86 -42.03
C1 GOL FA . 3.30 -24.46 -25.86
O1 GOL FA . 3.91 -23.71 -26.85
C2 GOL FA . 3.60 -25.95 -26.14
O2 GOL FA . 4.97 -26.21 -26.20
C3 GOL FA . 2.92 -26.73 -24.99
O3 GOL FA . 3.13 -28.09 -25.24
N1 EPE GA . 15.73 -45.48 -41.66
C2 EPE GA . 15.18 -46.68 -41.00
C3 EPE GA . 16.26 -47.34 -40.16
N4 EPE GA . 17.50 -47.51 -40.88
C5 EPE GA . 17.98 -46.40 -41.69
C6 EPE GA . 16.85 -45.84 -42.55
C7 EPE GA . 18.43 -48.55 -40.50
C8 EPE GA . 19.19 -49.10 -41.70
O8 EPE GA . 19.73 -50.36 -41.37
C9 EPE GA . 14.70 -44.84 -42.48
C10 EPE GA . 14.46 -43.45 -41.93
S EPE GA . 13.41 -42.48 -43.03
O1S EPE GA . 14.24 -41.64 -43.89
O2S EPE GA . 12.60 -43.38 -43.86
O3S EPE GA . 12.54 -41.64 -42.22
CA1 AM2 HA . -21.07 44.56 16.41
CA2 AM2 HA . -21.05 45.88 15.61
CA3 AM2 HA . -20.29 45.77 14.28
CA4 AM2 HA . -18.99 45.02 14.37
CA5 AM2 HA . -19.15 43.69 15.17
CA6 AM2 HA . -17.89 42.92 15.18
CA7 AM2 HA . -17.51 42.57 13.72
CA8 AM2 HA . -17.24 43.84 12.89
CA9 AM2 HA . -15.09 42.22 13.90
OA4 AM2 HA . -19.68 43.95 16.53
OA5 AM2 HA . -18.36 44.86 13.01
NA2 AM2 HA . -22.42 46.28 15.32
NA7 AM2 HA . -16.40 41.62 13.68
OA6 AM2 HA . -16.89 43.75 15.80
OA8 AM2 HA . -17.20 43.51 11.58
OA1 AM2 HA . -21.86 43.67 15.76
CB1 AM2 HA . -16.05 43.92 10.95
CB2 AM2 HA . -15.70 45.40 11.21
CB3 AM2 HA . -14.53 45.85 10.42
CB4 AM2 HA . -13.92 44.78 9.57
CB5 AM2 HA . -14.97 43.98 8.75
CB6 AM2 HA . -14.37 42.68 8.35
OB1 AM2 HA . -16.19 43.69 9.48
NB4 AM2 HA . -12.96 45.40 8.63
OB2 AM2 HA . -16.82 46.24 10.85
OB3 AM2 HA . -13.51 46.36 11.34
OB6 AM2 HA . -15.21 41.67 8.80
CC1 AM2 HA . -22.94 43.10 16.56
CC2 AM2 HA . -23.33 41.82 15.83
CC3 AM2 HA . -24.55 41.18 16.50
CC4 AM2 HA . -24.20 40.70 17.90
CC5 AM2 HA . -23.25 41.60 18.70
CC6 AM2 HA . -22.56 42.82 18.02
NC4 AM2 HA . -25.47 40.56 18.64
NC6 AM2 HA . -22.89 43.99 18.85
OC2 AM2 HA . -23.63 42.13 14.49
OC3 AM2 HA . -24.95 40.07 15.74
P PO4 IA . -19.50 43.47 33.10
O1 PO4 IA . -20.29 42.22 33.40
O2 PO4 IA . -18.22 43.12 32.40
O3 PO4 IA . -20.34 44.37 32.22
O4 PO4 IA . -19.18 44.18 34.39
N1 EPE JA . -18.01 41.37 47.28
C2 EPE JA . -18.41 39.98 47.52
C3 EPE JA . -18.11 39.47 48.91
N4 EPE JA . -16.73 39.83 49.22
C5 EPE JA . -16.67 41.27 49.28
C6 EPE JA . -16.71 41.72 47.84
C7 EPE JA . -16.31 39.33 50.53
C8 EPE JA . -15.00 40.02 50.90
O8 EPE JA . -14.11 39.07 51.45
C9 EPE JA . -17.84 41.61 45.85
C10 EPE JA . -19.19 41.64 45.21
S EPE JA . -18.87 41.77 43.65
O1S EPE JA . -20.04 41.54 42.86
O2S EPE JA . -18.00 40.69 43.39
O3S EPE JA . -18.16 42.97 43.29
#